data_4Q2B
#
_entry.id   4Q2B
#
_cell.length_a   126.938
_cell.length_b   129.189
_cell.length_c   165.115
_cell.angle_alpha   90.00
_cell.angle_beta   90.00
_cell.angle_gamma   90.00
#
_symmetry.space_group_name_H-M   'P 21 21 21'
#
loop_
_entity.id
_entity.type
_entity.pdbx_description
1 polymer Endo-1,4-beta-D-glucanase
2 non-polymer 'SULFATE ION'
3 non-polymer 2-AMINO-2-HYDROXYMETHYL-PROPANE-1,3-DIOL
4 non-polymer 'FORMIC ACID'
5 non-polymer 'MALONIC ACID'
6 non-polymer GLYCEROL
7 non-polymer IMIDAZOLE
8 water water
#
_entity_poly.entity_id   1
_entity_poly.type   'polypeptide(L)'
_entity_poly.pdbx_seq_one_letter_code
;SNAWPAWERFKAELVSVDGRVIDPSDERLITTSEGQSYALFFALVGNDRQTFAQLLRWTSNNLAEGDLARHLPAWLWGRD
GQQQWQVLDANNASDADLWIAYSLLEAGRLWDQPAYTQLGQHLLWRIAAQTVRKLPGLGV(MSE)LLPGDYGFEDAQGTR
LNPSYLPLQLLDRFSDVDPLWGELAANTRRLWLASSPKGFAPDWLLWTPAGKPAADTKHGNAGDYDAIRVYLWVG(MSE)
LAEGAAQRRELVAHYAP(MSE)AALTQRQGLPPEHLDARSGEARGHGPAGFSAALLPLLAASPEHVAGLAAQRQRLREQP
VEAKAYYSQVLALFGQGFDEARYRFDPHGRLLPAWSAPCSE
;
_entity_poly.pdbx_strand_id   A,B,C,D,E,F
#
# COMPACT_ATOMS: atom_id res chain seq x y z
N ALA A 3 -40.93 1.40 19.50
CA ALA A 3 -40.41 0.10 19.92
C ALA A 3 -40.57 -0.95 18.82
N TRP A 4 -39.45 -1.53 18.41
CA TRP A 4 -39.42 -2.49 17.32
C TRP A 4 -38.84 -3.81 17.86
N PRO A 5 -39.71 -4.72 18.33
CA PRO A 5 -39.22 -5.95 18.98
C PRO A 5 -38.23 -6.77 18.14
N ALA A 6 -38.51 -6.95 16.85
CA ALA A 6 -37.62 -7.75 16.01
C ALA A 6 -36.24 -7.11 15.91
N TRP A 7 -36.19 -5.77 15.88
CA TRP A 7 -34.92 -5.05 15.85
C TRP A 7 -34.21 -5.15 17.20
N GLU A 8 -34.98 -5.18 18.28
CA GLU A 8 -34.38 -5.37 19.60
C GLU A 8 -33.79 -6.78 19.69
N ARG A 9 -34.51 -7.78 19.19
CA ARG A 9 -34.00 -9.14 19.20
C ARG A 9 -32.76 -9.31 18.30
N PHE A 10 -32.78 -8.64 17.16
CA PHE A 10 -31.64 -8.71 16.25
C PHE A 10 -30.40 -8.13 16.95
N LYS A 11 -30.54 -6.98 17.60
CA LYS A 11 -29.43 -6.39 18.35
C LYS A 11 -28.97 -7.33 19.45
N ALA A 12 -29.91 -7.85 20.22
CA ALA A 12 -29.56 -8.71 21.34
C ALA A 12 -28.80 -9.96 20.89
N GLU A 13 -29.20 -10.53 19.76
CA GLU A 13 -28.63 -11.80 19.32
C GLU A 13 -27.43 -11.67 18.39
N LEU A 14 -27.43 -10.69 17.49
CA LEU A 14 -26.43 -10.68 16.43
C LEU A 14 -25.50 -9.47 16.37
N VAL A 15 -25.71 -8.47 17.22
CA VAL A 15 -24.87 -7.28 17.22
C VAL A 15 -24.02 -7.20 18.49
N SER A 16 -22.71 -7.31 18.33
CA SER A 16 -21.79 -7.28 19.48
C SER A 16 -21.83 -5.94 20.20
N VAL A 17 -21.28 -5.89 21.41
CA VAL A 17 -21.31 -4.64 22.17
C VAL A 17 -20.55 -3.49 21.48
N ASP A 18 -19.52 -3.82 20.70
CA ASP A 18 -18.79 -2.76 20.01
C ASP A 18 -19.26 -2.53 18.58
N GLY A 19 -20.42 -3.10 18.25
CA GLY A 19 -21.12 -2.70 17.04
C GLY A 19 -20.90 -3.48 15.75
N ARG A 20 -20.56 -4.76 15.84
CA ARG A 20 -20.50 -5.56 14.61
C ARG A 20 -21.62 -6.60 14.51
N VAL A 21 -22.12 -6.78 13.29
CA VAL A 21 -23.18 -7.73 13.02
C VAL A 21 -22.55 -9.08 12.70
N ILE A 22 -22.93 -10.10 13.45
CA ILE A 22 -22.28 -11.40 13.34
C ILE A 22 -23.15 -12.40 12.58
N ASP A 23 -22.54 -13.17 11.68
CA ASP A 23 -23.22 -14.30 11.05
C ASP A 23 -22.62 -15.58 11.62
N PRO A 24 -23.29 -16.15 12.62
CA PRO A 24 -22.81 -17.32 13.36
C PRO A 24 -22.81 -18.61 12.53
N SER A 25 -23.49 -18.62 11.38
CA SER A 25 -23.56 -19.83 10.56
C SER A 25 -22.19 -20.17 9.97
N ASP A 26 -21.29 -19.19 9.97
CA ASP A 26 -19.94 -19.36 9.46
C ASP A 26 -19.02 -19.56 10.67
N GLU A 27 -18.21 -20.60 10.64
CA GLU A 27 -17.38 -20.94 11.81
C GLU A 27 -16.32 -19.88 12.12
N ARG A 28 -16.07 -18.99 11.16
CA ARG A 28 -15.15 -17.88 11.40
C ARG A 28 -15.86 -16.73 12.11
N LEU A 29 -17.14 -16.92 12.42
CA LEU A 29 -17.99 -15.91 13.05
C LEU A 29 -17.79 -14.55 12.39
N ILE A 30 -18.10 -14.52 11.09
CA ILE A 30 -17.80 -13.36 10.25
C ILE A 30 -18.73 -12.17 10.45
N THR A 31 -18.24 -10.99 10.07
CA THR A 31 -19.09 -9.84 9.78
C THR A 31 -18.92 -9.53 8.31
N THR A 32 -19.98 -9.10 7.64
CA THR A 32 -19.87 -8.61 6.27
C THR A 32 -20.25 -7.15 6.20
N SER A 33 -19.73 -6.44 5.20
CA SER A 33 -20.15 -5.06 4.98
C SER A 33 -21.67 -5.04 4.75
N GLU A 34 -22.20 -6.11 4.16
CA GLU A 34 -23.64 -6.20 3.96
C GLU A 34 -24.38 -6.11 5.30
N GLY A 35 -23.99 -6.96 6.24
CA GLY A 35 -24.61 -6.98 7.56
C GLY A 35 -24.54 -5.62 8.22
N GLN A 36 -23.39 -4.95 8.10
CA GLN A 36 -23.25 -3.61 8.67
C GLN A 36 -24.21 -2.64 7.99
N SER A 37 -24.31 -2.72 6.67
CA SER A 37 -25.10 -1.77 5.91
C SER A 37 -26.60 -1.97 6.19
N TYR A 38 -27.02 -3.22 6.30
CA TYR A 38 -28.42 -3.50 6.61
C TYR A 38 -28.74 -2.98 8.01
N ALA A 39 -27.83 -3.23 8.96
CA ALA A 39 -28.13 -2.90 10.34
C ALA A 39 -28.21 -1.38 10.50
N LEU A 40 -27.37 -0.65 9.76
CA LEU A 40 -27.44 0.82 9.71
C LEU A 40 -28.82 1.30 9.25
N PHE A 41 -29.34 0.68 8.19
CA PHE A 41 -30.66 1.05 7.68
C PHE A 41 -31.73 0.72 8.72
N PHE A 42 -31.62 -0.43 9.36
CA PHE A 42 -32.60 -0.83 10.36
C PHE A 42 -32.57 0.11 11.56
N ALA A 43 -31.37 0.54 11.95
CA ALA A 43 -31.25 1.43 13.09
C ALA A 43 -31.90 2.78 12.80
N LEU A 44 -31.77 3.25 11.57
CA LEU A 44 -32.45 4.47 11.13
C LEU A 44 -33.96 4.24 11.20
N VAL A 45 -34.42 3.13 10.59
CA VAL A 45 -35.85 2.83 10.61
C VAL A 45 -36.35 2.76 12.04
N GLY A 46 -35.51 2.23 12.93
CA GLY A 46 -35.88 2.07 14.33
C GLY A 46 -35.68 3.32 15.17
N ASN A 47 -35.24 4.41 14.54
CA ASN A 47 -34.96 5.66 15.24
C ASN A 47 -33.98 5.43 16.38
N ASP A 48 -32.94 4.67 16.09
CA ASP A 48 -31.98 4.26 17.11
C ASP A 48 -30.64 4.93 16.78
N ARG A 49 -30.49 6.18 17.20
CA ARG A 49 -29.28 6.96 16.94
C ARG A 49 -28.04 6.31 17.56
N GLN A 50 -28.22 5.75 18.75
CA GLN A 50 -27.09 5.19 19.50
C GLN A 50 -26.48 4.01 18.74
N THR A 51 -27.33 3.05 18.35
CA THR A 51 -26.84 1.89 17.62
C THR A 51 -26.30 2.25 16.22
N PHE A 52 -26.93 3.21 15.56
CA PHE A 52 -26.41 3.68 14.27
C PHE A 52 -24.95 4.16 14.43
N ALA A 53 -24.70 4.97 15.46
CA ALA A 53 -23.37 5.55 15.66
C ALA A 53 -22.34 4.44 15.90
N GLN A 54 -22.70 3.47 16.74
CA GLN A 54 -21.80 2.38 17.07
C GLN A 54 -21.49 1.51 15.84
N LEU A 55 -22.53 1.21 15.05
CA LEU A 55 -22.35 0.40 13.84
C LEU A 55 -21.44 1.11 12.86
N LEU A 56 -21.65 2.42 12.71
CA LEU A 56 -20.89 3.20 11.74
C LEU A 56 -19.43 3.21 12.18
N ARG A 57 -19.20 3.43 13.47
CA ARG A 57 -17.86 3.45 14.02
C ARG A 57 -17.12 2.12 13.80
N TRP A 58 -17.78 1.00 14.09
CA TRP A 58 -17.12 -0.30 13.89
C TRP A 58 -16.78 -0.49 12.42
N THR A 59 -17.71 -0.13 11.54
CA THR A 59 -17.54 -0.29 10.10
C THR A 59 -16.35 0.51 9.62
N SER A 60 -16.28 1.76 10.06
CA SER A 60 -15.20 2.63 9.68
C SER A 60 -13.86 2.10 10.19
N ASN A 61 -13.81 1.77 11.48
CA ASN A 61 -12.56 1.34 12.08
C ASN A 61 -12.04 0.00 11.56
N ASN A 62 -12.95 -0.93 11.27
CA ASN A 62 -12.52 -2.29 10.98
C ASN A 62 -12.57 -2.68 9.51
N LEU A 63 -13.51 -2.11 8.75
CA LEU A 63 -13.60 -2.44 7.34
C LEU A 63 -13.02 -1.36 6.45
N ALA A 64 -12.81 -0.16 7.01
CA ALA A 64 -12.39 0.95 6.16
C ALA A 64 -11.24 1.73 6.74
N GLU A 65 -10.32 1.03 7.39
CA GLU A 65 -9.05 1.59 7.81
C GLU A 65 -9.18 2.86 8.65
N GLY A 66 -10.32 3.01 9.31
CA GLY A 66 -10.54 4.12 10.21
C GLY A 66 -11.12 5.38 9.56
N ASP A 67 -11.48 5.32 8.29
CA ASP A 67 -11.96 6.52 7.60
C ASP A 67 -12.75 6.13 6.37
N LEU A 68 -14.05 5.96 6.58
CA LEU A 68 -14.94 5.52 5.54
C LEU A 68 -15.05 6.51 4.38
N ALA A 69 -14.73 7.77 4.61
CA ALA A 69 -14.71 8.75 3.50
C ALA A 69 -13.57 8.51 2.51
N ARG A 70 -12.61 7.67 2.88
CA ARG A 70 -11.45 7.46 2.02
C ARG A 70 -11.37 6.00 1.54
N HIS A 71 -12.24 5.14 2.04
CA HIS A 71 -12.16 3.73 1.72
C HIS A 71 -13.52 3.06 1.68
N LEU A 72 -13.86 2.45 0.55
CA LEU A 72 -15.05 1.58 0.52
C LEU A 72 -14.72 0.36 1.37
N PRO A 73 -15.69 -0.10 2.19
CA PRO A 73 -15.32 -1.09 3.21
C PRO A 73 -15.00 -2.46 2.64
N ALA A 74 -14.00 -3.12 3.21
CA ALA A 74 -13.78 -4.55 2.98
C ALA A 74 -15.08 -5.30 3.24
N TRP A 75 -15.36 -6.33 2.44
CA TRP A 75 -16.66 -7.02 2.56
C TRP A 75 -16.68 -8.09 3.63
N LEU A 76 -15.52 -8.57 4.06
CA LEU A 76 -15.46 -9.78 4.90
C LEU A 76 -14.44 -9.64 6.02
N TRP A 77 -14.89 -9.89 7.25
CA TRP A 77 -14.05 -9.71 8.43
C TRP A 77 -14.34 -10.88 9.33
N GLY A 78 -13.33 -11.39 10.01
CA GLY A 78 -13.54 -12.52 10.89
C GLY A 78 -12.26 -13.17 11.34
N ARG A 79 -12.40 -14.39 11.86
CA ARG A 79 -11.25 -15.10 12.42
C ARG A 79 -10.40 -15.74 11.32
N ASP A 80 -9.14 -15.34 11.20
CA ASP A 80 -8.28 -15.94 10.19
C ASP A 80 -7.68 -17.26 10.66
N GLY A 81 -6.73 -17.78 9.88
CA GLY A 81 -6.13 -19.07 10.18
C GLY A 81 -5.24 -19.07 11.40
N GLN A 82 -4.81 -17.89 11.84
CA GLN A 82 -3.95 -17.77 13.02
C GLN A 82 -4.75 -17.32 14.23
N GLN A 83 -6.07 -17.50 14.15
CA GLN A 83 -7.00 -17.18 15.24
C GLN A 83 -7.07 -15.68 15.52
N GLN A 84 -6.67 -14.87 14.56
CA GLN A 84 -6.73 -13.42 14.69
C GLN A 84 -8.00 -12.89 14.04
N TRP A 85 -8.56 -11.84 14.63
CA TRP A 85 -9.75 -11.22 14.08
C TRP A 85 -9.34 -10.06 13.20
N GLN A 86 -9.59 -10.19 11.90
CA GLN A 86 -9.01 -9.31 10.89
C GLN A 86 -9.87 -9.25 9.66
N VAL A 87 -9.58 -8.31 8.78
CA VAL A 87 -10.17 -8.32 7.45
C VAL A 87 -9.74 -9.60 6.72
N LEU A 88 -10.72 -10.34 6.19
CA LEU A 88 -10.44 -11.61 5.49
C LEU A 88 -10.42 -11.44 3.96
N ASP A 89 -11.12 -10.43 3.46
CA ASP A 89 -11.07 -10.06 2.05
C ASP A 89 -11.25 -8.55 1.97
N ALA A 90 -10.24 -7.84 1.47
CA ALA A 90 -10.31 -6.37 1.43
C ALA A 90 -11.15 -5.80 0.29
N ASN A 91 -11.50 -6.61 -0.70
CA ASN A 91 -12.34 -6.15 -1.82
CA ASN A 91 -12.33 -6.16 -1.81
C ASN A 91 -13.70 -5.74 -1.29
N ASN A 92 -14.33 -4.77 -1.94
CA ASN A 92 -15.64 -4.31 -1.48
C ASN A 92 -16.78 -5.10 -2.13
N ALA A 93 -17.97 -4.99 -1.53
CA ALA A 93 -19.18 -5.53 -2.13
C ALA A 93 -20.10 -4.34 -2.32
N SER A 94 -20.42 -4.09 -3.58
CA SER A 94 -21.10 -2.84 -3.96
C SER A 94 -22.48 -2.67 -3.32
N ASP A 95 -23.17 -3.78 -3.06
CA ASP A 95 -24.52 -3.68 -2.53
C ASP A 95 -24.45 -3.03 -1.14
N ALA A 96 -23.44 -3.41 -0.36
CA ALA A 96 -23.28 -2.84 0.97
C ALA A 96 -22.88 -1.38 0.89
N ASP A 97 -21.99 -1.05 -0.04
CA ASP A 97 -21.54 0.33 -0.20
C ASP A 97 -22.76 1.25 -0.44
N LEU A 98 -23.69 0.77 -1.26
CA LEU A 98 -24.86 1.57 -1.63
C LEU A 98 -25.75 1.79 -0.41
N TRP A 99 -26.03 0.71 0.33
CA TRP A 99 -26.88 0.78 1.51
C TRP A 99 -26.25 1.68 2.59
N ILE A 100 -24.93 1.66 2.69
CA ILE A 100 -24.26 2.54 3.66
C ILE A 100 -24.41 4.00 3.26
N ALA A 101 -24.14 4.30 1.99
CA ALA A 101 -24.25 5.68 1.54
C ALA A 101 -25.68 6.20 1.72
N TYR A 102 -26.64 5.36 1.37
CA TYR A 102 -28.06 5.71 1.46
C TYR A 102 -28.50 5.96 2.89
N SER A 103 -28.16 5.04 3.78
CA SER A 103 -28.53 5.17 5.19
C SER A 103 -27.92 6.45 5.78
N LEU A 104 -26.70 6.78 5.34
CA LEU A 104 -26.04 8.00 5.82
C LEU A 104 -26.75 9.26 5.32
N LEU A 105 -27.14 9.25 4.04
CA LEU A 105 -27.84 10.40 3.46
C LEU A 105 -29.19 10.60 4.12
N GLU A 106 -29.92 9.50 4.32
CA GLU A 106 -31.24 9.57 4.93
C GLU A 106 -31.18 9.89 6.42
N ALA A 107 -30.20 9.31 7.14
CA ALA A 107 -30.01 9.65 8.55
C ALA A 107 -29.64 11.12 8.68
N GLY A 108 -28.81 11.61 7.76
CA GLY A 108 -28.40 12.99 7.78
C GLY A 108 -29.60 13.90 7.65
N ARG A 109 -30.52 13.51 6.77
CA ARG A 109 -31.71 14.30 6.55
C ARG A 109 -32.68 14.20 7.73
N LEU A 110 -33.03 12.96 8.08
CA LEU A 110 -34.06 12.70 9.09
C LEU A 110 -33.66 13.03 10.52
N TRP A 111 -32.35 12.98 10.82
CA TRP A 111 -31.88 13.26 12.18
C TRP A 111 -31.22 14.62 12.27
N ASP A 112 -31.16 15.33 11.14
CA ASP A 112 -30.47 16.63 11.06
C ASP A 112 -29.03 16.45 11.51
N GLN A 113 -28.26 15.69 10.75
CA GLN A 113 -26.86 15.42 11.06
C GLN A 113 -26.01 15.67 9.82
N PRO A 114 -25.60 16.92 9.58
CA PRO A 114 -24.81 17.29 8.40
C PRO A 114 -23.60 16.38 8.18
N ALA A 115 -23.05 15.83 9.26
CA ALA A 115 -21.88 14.96 9.15
C ALA A 115 -22.23 13.65 8.45
N TYR A 116 -23.40 13.09 8.72
CA TYR A 116 -23.85 11.91 8.00
C TYR A 116 -24.09 12.23 6.53
N THR A 117 -24.72 13.38 6.28
CA THR A 117 -24.99 13.83 4.91
C THR A 117 -23.69 13.94 4.10
N GLN A 118 -22.71 14.62 4.67
CA GLN A 118 -21.40 14.77 4.02
C GLN A 118 -20.70 13.44 3.74
N LEU A 119 -20.66 12.57 4.74
CA LEU A 119 -20.07 11.25 4.58
C LEU A 119 -20.78 10.44 3.48
N GLY A 120 -22.10 10.52 3.45
CA GLY A 120 -22.86 9.85 2.40
C GLY A 120 -22.46 10.33 1.02
N GLN A 121 -22.27 11.63 0.87
CA GLN A 121 -21.85 12.20 -0.40
C GLN A 121 -20.40 11.83 -0.78
N HIS A 122 -19.49 11.81 0.19
CA HIS A 122 -18.13 11.34 -0.07
C HIS A 122 -18.16 9.90 -0.62
N LEU A 123 -19.00 9.06 -0.04
CA LEU A 123 -19.13 7.67 -0.49
C LEU A 123 -19.65 7.56 -1.93
N LEU A 124 -20.65 8.35 -2.29
CA LEU A 124 -21.15 8.34 -3.68
C LEU A 124 -20.06 8.68 -4.69
N TRP A 125 -19.30 9.73 -4.41
CA TRP A 125 -18.20 10.10 -5.28
C TRP A 125 -17.21 8.95 -5.46
N ARG A 126 -16.88 8.27 -4.36
CA ARG A 126 -15.93 7.17 -4.40
C ARG A 126 -16.55 5.94 -5.10
N ILE A 127 -17.84 5.72 -4.89
CA ILE A 127 -18.51 4.62 -5.58
C ILE A 127 -18.50 4.89 -7.10
N ALA A 128 -18.85 6.11 -7.50
CA ALA A 128 -18.78 6.48 -8.91
C ALA A 128 -17.36 6.25 -9.44
N ALA A 129 -16.37 6.75 -8.70
CA ALA A 129 -14.99 6.71 -9.16
C ALA A 129 -14.44 5.30 -9.27
N GLN A 130 -14.74 4.47 -8.27
CA GLN A 130 -14.08 3.17 -8.16
C GLN A 130 -14.91 2.02 -8.73
N THR A 131 -16.22 2.10 -8.58
CA THR A 131 -17.09 0.95 -8.82
C THR A 131 -17.97 1.04 -10.08
N VAL A 132 -18.17 2.25 -10.61
CA VAL A 132 -19.02 2.43 -11.78
C VAL A 132 -18.21 2.30 -13.08
N ARG A 133 -18.85 1.80 -14.14
CA ARG A 133 -18.27 1.75 -15.46
C ARG A 133 -19.32 2.14 -16.48
N LYS A 134 -18.89 2.56 -17.66
CA LYS A 134 -19.80 2.71 -18.79
C LYS A 134 -19.71 1.41 -19.58
N LEU A 135 -20.78 0.62 -19.59
CA LEU A 135 -20.78 -0.67 -20.29
C LEU A 135 -21.43 -0.57 -21.66
N PRO A 136 -20.93 -1.33 -22.65
CA PRO A 136 -21.46 -1.18 -24.01
C PRO A 136 -22.94 -1.55 -24.09
N GLY A 137 -23.71 -0.76 -24.85
CA GLY A 137 -25.13 -1.02 -25.01
C GLY A 137 -25.92 -0.99 -23.72
N LEU A 138 -25.37 -0.39 -22.67
CA LEU A 138 -26.08 -0.30 -21.39
C LEU A 138 -25.88 1.07 -20.71
N GLY A 139 -24.69 1.65 -20.84
CA GLY A 139 -24.40 2.93 -20.21
C GLY A 139 -23.79 2.76 -18.83
N VAL A 140 -23.80 3.81 -18.01
CA VAL A 140 -23.20 3.70 -16.68
C VAL A 140 -23.89 2.62 -15.87
N LEU A 142 -23.18 -0.05 -12.12
CA LEU A 142 -22.35 -0.45 -10.99
C LEU A 142 -21.85 -1.88 -11.11
N LEU A 143 -20.55 -2.07 -10.92
CA LEU A 143 -19.98 -3.40 -10.80
C LEU A 143 -20.29 -3.92 -9.40
N PRO A 144 -20.25 -5.25 -9.23
CA PRO A 144 -20.45 -5.89 -7.92
C PRO A 144 -19.35 -5.54 -6.93
N GLY A 145 -18.22 -5.06 -7.43
CA GLY A 145 -17.07 -4.75 -6.60
C GLY A 145 -16.01 -4.07 -7.44
N ASP A 146 -15.02 -3.46 -6.79
CA ASP A 146 -14.02 -2.67 -7.51
C ASP A 146 -13.07 -3.53 -8.35
N TYR A 147 -12.84 -4.77 -7.92
CA TYR A 147 -11.93 -5.68 -8.61
CA TYR A 147 -11.93 -5.67 -8.62
C TYR A 147 -12.58 -7.04 -8.85
N GLY A 148 -12.19 -7.69 -9.94
CA GLY A 148 -12.52 -9.10 -10.15
C GLY A 148 -13.77 -9.45 -10.97
N PHE A 149 -14.52 -8.45 -11.40
CA PHE A 149 -15.77 -8.71 -12.10
C PHE A 149 -15.74 -8.36 -13.60
N GLU A 150 -14.58 -7.93 -14.09
CA GLU A 150 -14.39 -7.70 -15.52
C GLU A 150 -13.28 -8.56 -16.09
N ASP A 151 -13.52 -9.14 -17.26
CA ASP A 151 -12.47 -9.77 -18.06
C ASP A 151 -12.90 -9.85 -19.53
N ALA A 152 -12.21 -10.67 -20.32
CA ALA A 152 -12.45 -10.73 -21.77
C ALA A 152 -13.87 -11.22 -22.10
N GLN A 153 -14.46 -11.99 -21.20
CA GLN A 153 -15.81 -12.47 -21.38
C GLN A 153 -16.84 -11.37 -21.19
N GLY A 154 -16.47 -10.31 -20.49
CA GLY A 154 -17.41 -9.22 -20.23
C GLY A 154 -17.48 -8.82 -18.77
N THR A 155 -18.62 -8.28 -18.36
CA THR A 155 -18.81 -7.78 -17.00
C THR A 155 -19.84 -8.60 -16.24
N ARG A 156 -19.45 -9.17 -15.10
CA ARG A 156 -20.43 -9.82 -14.24
C ARG A 156 -21.21 -8.76 -13.45
N LEU A 157 -22.53 -8.86 -13.44
CA LEU A 157 -23.41 -7.95 -12.71
C LEU A 157 -24.35 -8.73 -11.78
N ASN A 158 -24.82 -8.06 -10.73
CA ASN A 158 -25.73 -8.71 -9.75
C ASN A 158 -26.96 -7.82 -9.57
N PRO A 159 -28.06 -8.18 -10.23
CA PRO A 159 -29.27 -7.35 -10.20
C PRO A 159 -29.70 -6.93 -8.78
N SER A 160 -29.57 -7.80 -7.79
CA SER A 160 -30.05 -7.49 -6.45
C SER A 160 -29.21 -6.42 -5.73
N TYR A 161 -28.03 -6.10 -6.27
CA TYR A 161 -27.15 -5.11 -5.68
C TYR A 161 -27.65 -3.71 -6.01
N LEU A 162 -28.69 -3.62 -6.83
CA LEU A 162 -29.09 -2.31 -7.39
C LEU A 162 -30.51 -1.82 -7.08
N PRO A 163 -30.90 -1.77 -5.79
CA PRO A 163 -32.29 -1.38 -5.46
C PRO A 163 -32.64 -0.03 -6.08
N LEU A 164 -33.77 0.05 -6.78
CA LEU A 164 -34.12 1.28 -7.47
C LEU A 164 -34.40 2.45 -6.51
N GLN A 165 -34.90 2.17 -5.31
CA GLN A 165 -35.11 3.24 -4.33
C GLN A 165 -33.81 4.00 -4.02
N LEU A 166 -32.69 3.29 -3.96
CA LEU A 166 -31.45 3.94 -3.54
C LEU A 166 -30.94 4.78 -4.71
N LEU A 167 -30.97 4.20 -5.89
CA LEU A 167 -30.47 4.88 -7.07
C LEU A 167 -31.36 6.10 -7.40
N ASP A 168 -32.69 5.93 -7.28
CA ASP A 168 -33.61 7.06 -7.51
C ASP A 168 -33.31 8.16 -6.50
N ARG A 169 -32.99 7.76 -5.25
CA ARG A 169 -32.72 8.75 -4.21
C ARG A 169 -31.42 9.49 -4.50
N PHE A 170 -30.39 8.75 -4.90
CA PHE A 170 -29.11 9.33 -5.29
C PHE A 170 -29.22 10.32 -6.44
N SER A 171 -30.29 10.22 -7.24
CA SER A 171 -30.47 11.17 -8.33
C SER A 171 -30.60 12.61 -7.85
N ASP A 172 -31.07 12.80 -6.61
CA ASP A 172 -31.08 14.13 -5.98
C ASP A 172 -29.67 14.70 -5.82
N VAL A 173 -28.69 13.82 -5.64
CA VAL A 173 -27.31 14.28 -5.50
C VAL A 173 -26.78 14.70 -6.87
N ASP A 174 -27.01 13.86 -7.88
CA ASP A 174 -26.73 14.23 -9.26
C ASP A 174 -27.54 13.33 -10.20
N PRO A 175 -28.07 13.90 -11.29
CA PRO A 175 -28.90 13.13 -12.23
C PRO A 175 -28.20 11.90 -12.83
N LEU A 176 -26.88 11.82 -12.75
CA LEU A 176 -26.18 10.64 -13.25
C LEU A 176 -26.68 9.38 -12.57
N TRP A 177 -27.06 9.51 -11.30
CA TRP A 177 -27.55 8.35 -10.56
C TRP A 177 -28.94 7.91 -11.03
N GLY A 178 -29.75 8.86 -11.48
CA GLY A 178 -31.07 8.55 -11.99
C GLY A 178 -30.92 7.82 -13.32
N GLU A 179 -29.91 8.22 -14.07
CA GLU A 179 -29.55 7.55 -15.31
C GLU A 179 -29.12 6.10 -15.05
N LEU A 180 -28.34 5.89 -14.01
CA LEU A 180 -27.96 4.55 -13.61
C LEU A 180 -29.19 3.76 -13.15
N ALA A 181 -30.13 4.44 -12.48
CA ALA A 181 -31.40 3.83 -12.10
C ALA A 181 -32.20 3.40 -13.32
N ALA A 182 -32.20 4.23 -14.35
CA ALA A 182 -32.93 3.87 -15.58
C ALA A 182 -32.28 2.66 -16.29
N ASN A 183 -30.95 2.65 -16.31
CA ASN A 183 -30.20 1.55 -16.90
C ASN A 183 -30.45 0.26 -16.13
N THR A 184 -30.55 0.38 -14.81
CA THR A 184 -30.83 -0.75 -13.94
C THR A 184 -32.22 -1.32 -14.23
N ARG A 185 -33.19 -0.43 -14.47
CA ARG A 185 -34.52 -0.88 -14.86
C ARG A 185 -34.46 -1.74 -16.14
N ARG A 186 -33.65 -1.30 -17.11
CA ARG A 186 -33.43 -2.08 -18.33
C ARG A 186 -32.71 -3.41 -18.04
N LEU A 187 -31.70 -3.36 -17.19
CA LEU A 187 -30.94 -4.55 -16.85
C LEU A 187 -31.83 -5.60 -16.20
N TRP A 188 -32.60 -5.16 -15.20
CA TRP A 188 -33.52 -6.06 -14.49
C TRP A 188 -34.44 -6.78 -15.47
N LEU A 189 -35.04 -6.03 -16.38
CA LEU A 189 -35.96 -6.63 -17.34
C LEU A 189 -35.24 -7.63 -18.24
N ALA A 190 -34.03 -7.25 -18.68
CA ALA A 190 -33.30 -8.09 -19.62
C ALA A 190 -32.82 -9.38 -18.92
N SER A 191 -32.55 -9.28 -17.63
CA SER A 191 -32.04 -10.43 -16.88
C SER A 191 -33.14 -11.41 -16.53
N SER A 192 -34.40 -10.99 -16.72
CA SER A 192 -35.55 -11.70 -16.16
C SER A 192 -36.62 -12.02 -17.22
N PRO A 193 -36.26 -12.75 -18.29
CA PRO A 193 -37.23 -12.92 -19.39
C PRO A 193 -38.52 -13.64 -18.99
N LYS A 194 -38.48 -14.43 -17.92
CA LYS A 194 -39.67 -15.19 -17.52
C LYS A 194 -40.35 -14.60 -16.27
N GLY A 195 -39.90 -13.44 -15.84
CA GLY A 195 -40.44 -12.83 -14.65
C GLY A 195 -39.73 -13.28 -13.38
N PHE A 196 -38.58 -13.91 -13.52
CA PHE A 196 -37.80 -14.39 -12.39
C PHE A 196 -36.39 -13.84 -12.50
N ALA A 197 -35.85 -13.31 -11.40
CA ALA A 197 -34.51 -12.73 -11.41
C ALA A 197 -33.43 -13.78 -11.15
N PRO A 198 -32.25 -13.63 -11.78
CA PRO A 198 -31.09 -14.48 -11.42
C PRO A 198 -30.20 -13.80 -10.38
N ASP A 199 -29.31 -14.56 -9.76
CA ASP A 199 -28.38 -13.96 -8.80
C ASP A 199 -27.41 -13.09 -9.57
N TRP A 200 -26.94 -13.61 -10.70
CA TRP A 200 -25.89 -12.97 -11.47
C TRP A 200 -26.22 -12.98 -12.95
N LEU A 201 -25.54 -12.12 -13.70
CA LEU A 201 -25.71 -12.05 -15.14
C LEU A 201 -24.37 -11.65 -15.76
N LEU A 202 -24.03 -12.18 -16.92
CA LEU A 202 -22.90 -11.66 -17.69
C LEU A 202 -23.38 -10.61 -18.70
N TRP A 203 -22.71 -9.45 -18.72
CA TRP A 203 -22.95 -8.47 -19.76
C TRP A 203 -21.77 -8.53 -20.73
N THR A 204 -22.02 -9.07 -21.93
CA THR A 204 -20.94 -9.35 -22.87
C THR A 204 -20.40 -8.07 -23.52
N PRO A 205 -19.20 -8.15 -24.13
CA PRO A 205 -18.62 -7.02 -24.88
C PRO A 205 -19.51 -6.52 -26.02
N ALA A 206 -20.35 -7.41 -26.58
CA ALA A 206 -21.29 -7.01 -27.62
C ALA A 206 -22.54 -6.35 -27.03
N GLY A 207 -22.57 -6.16 -25.72
CA GLY A 207 -23.65 -5.39 -25.10
C GLY A 207 -24.96 -6.13 -24.85
N LYS A 208 -24.87 -7.44 -24.64
CA LYS A 208 -26.06 -8.25 -24.47
C LYS A 208 -25.97 -9.03 -23.16
N PRO A 209 -27.14 -9.35 -22.58
CA PRO A 209 -27.13 -10.18 -21.37
C PRO A 209 -26.79 -11.62 -21.75
N ALA A 210 -26.04 -12.31 -20.90
CA ALA A 210 -25.81 -13.74 -21.08
C ALA A 210 -25.77 -14.40 -19.71
N ALA A 211 -25.88 -15.73 -19.72
CA ALA A 211 -25.76 -16.54 -18.51
C ALA A 211 -24.48 -16.20 -17.74
N ASP A 212 -24.58 -16.06 -16.42
CA ASP A 212 -23.39 -15.82 -15.62
C ASP A 212 -22.38 -16.96 -15.75
N THR A 213 -21.10 -16.58 -15.81
CA THR A 213 -20.00 -17.52 -16.00
C THR A 213 -19.89 -18.52 -14.85
N LYS A 214 -20.13 -18.06 -13.62
CA LYS A 214 -20.04 -18.93 -12.46
C LYS A 214 -21.36 -19.62 -12.10
N HIS A 215 -22.45 -18.87 -12.08
CA HIS A 215 -23.72 -19.39 -11.55
C HIS A 215 -24.84 -19.61 -12.56
N GLY A 216 -24.51 -19.55 -13.85
CA GLY A 216 -25.51 -19.66 -14.90
C GLY A 216 -26.71 -18.74 -14.71
N ASN A 217 -27.91 -19.33 -14.78
CA ASN A 217 -29.15 -18.58 -14.76
C ASN A 217 -29.89 -18.76 -13.43
N ALA A 218 -29.22 -19.40 -12.48
CA ALA A 218 -29.80 -19.65 -11.16
C ALA A 218 -30.15 -18.36 -10.45
N GLY A 219 -31.30 -18.37 -9.81
CA GLY A 219 -31.68 -17.30 -8.90
C GLY A 219 -32.10 -17.93 -7.58
N ASP A 220 -31.48 -17.49 -6.50
CA ASP A 220 -31.94 -17.91 -5.18
C ASP A 220 -31.71 -16.84 -4.13
N TYR A 221 -30.62 -16.92 -3.37
CA TYR A 221 -30.46 -16.10 -2.17
C TYR A 221 -30.13 -14.63 -2.44
N ASP A 222 -29.45 -14.34 -3.55
CA ASP A 222 -29.28 -12.94 -3.92
C ASP A 222 -30.53 -12.45 -4.64
N ALA A 223 -31.00 -13.24 -5.60
CA ALA A 223 -32.14 -12.88 -6.43
C ALA A 223 -33.44 -12.64 -5.66
N ILE A 224 -33.62 -13.31 -4.53
CA ILE A 224 -34.86 -13.13 -3.76
C ILE A 224 -35.05 -11.64 -3.42
N ARG A 225 -33.93 -10.92 -3.28
CA ARG A 225 -33.99 -9.53 -2.84
C ARG A 225 -34.46 -8.57 -3.94
N VAL A 226 -34.43 -9.01 -5.20
CA VAL A 226 -34.97 -8.19 -6.28
C VAL A 226 -36.46 -8.01 -6.07
N TYR A 227 -37.15 -9.08 -5.71
CA TYR A 227 -38.59 -9.00 -5.46
C TYR A 227 -38.87 -8.10 -4.27
N LEU A 228 -37.96 -8.11 -3.30
CA LEU A 228 -38.11 -7.27 -2.11
C LEU A 228 -38.05 -5.78 -2.48
N TRP A 229 -37.02 -5.39 -3.21
CA TRP A 229 -36.90 -4.00 -3.67
C TRP A 229 -38.10 -3.55 -4.49
N VAL A 230 -38.47 -4.37 -5.48
CA VAL A 230 -39.58 -4.09 -6.37
C VAL A 230 -40.89 -3.92 -5.60
N GLY A 231 -41.14 -4.82 -4.66
CA GLY A 231 -42.36 -4.79 -3.87
C GLY A 231 -42.48 -3.58 -2.96
N LEU A 233 -41.31 -0.47 -3.80
CA LEU A 233 -41.36 0.74 -4.61
C LEU A 233 -42.64 1.50 -4.34
N ALA A 234 -42.55 2.83 -4.27
CA ALA A 234 -43.74 3.65 -4.04
C ALA A 234 -44.58 3.71 -5.32
N GLU A 235 -45.87 4.00 -5.16
CA GLU A 235 -46.80 3.97 -6.27
C GLU A 235 -46.40 4.85 -7.47
N GLY A 236 -45.93 6.06 -7.20
CA GLY A 236 -45.46 6.95 -8.26
C GLY A 236 -43.99 6.80 -8.67
N ALA A 237 -43.31 5.77 -8.17
CA ALA A 237 -41.92 5.54 -8.60
C ALA A 237 -41.88 5.17 -10.09
N ALA A 238 -40.82 5.59 -10.79
CA ALA A 238 -40.75 5.38 -12.24
C ALA A 238 -40.96 3.91 -12.65
N GLN A 239 -41.87 3.69 -13.59
CA GLN A 239 -42.20 2.35 -14.10
C GLN A 239 -42.51 1.33 -12.99
N ARG A 240 -43.04 1.79 -11.87
CA ARG A 240 -43.35 0.89 -10.76
C ARG A 240 -44.35 -0.20 -11.19
N ARG A 241 -45.42 0.20 -11.86
CA ARG A 241 -46.48 -0.76 -12.21
C ARG A 241 -45.94 -1.82 -13.17
N GLU A 242 -45.20 -1.36 -14.19
CA GLU A 242 -44.54 -2.27 -15.11
C GLU A 242 -43.66 -3.28 -14.38
N LEU A 243 -42.91 -2.83 -13.39
CA LEU A 243 -41.96 -3.70 -12.68
C LEU A 243 -42.66 -4.74 -11.77
N VAL A 244 -43.67 -4.28 -11.05
CA VAL A 244 -44.48 -5.18 -10.23
C VAL A 244 -45.15 -6.24 -11.11
N ALA A 245 -45.73 -5.81 -12.22
CA ALA A 245 -46.36 -6.74 -13.14
C ALA A 245 -45.32 -7.69 -13.74
N HIS A 246 -44.10 -7.20 -13.97
CA HIS A 246 -43.08 -8.04 -14.62
C HIS A 246 -42.73 -9.26 -13.77
N TYR A 247 -42.61 -9.04 -12.47
CA TYR A 247 -42.20 -10.08 -11.53
C TYR A 247 -43.37 -10.80 -10.88
N ALA A 248 -44.57 -10.57 -11.41
CA ALA A 248 -45.77 -11.29 -10.99
C ALA A 248 -45.60 -12.82 -10.95
N PRO A 249 -44.91 -13.41 -11.95
CA PRO A 249 -44.78 -14.88 -11.88
C PRO A 249 -44.15 -15.41 -10.57
N ALA A 251 -44.67 -14.01 -7.57
CA ALA A 251 -45.79 -13.91 -6.64
C ALA A 251 -46.79 -15.02 -6.89
N ALA A 252 -47.11 -15.25 -8.16
CA ALA A 252 -48.09 -16.25 -8.58
C ALA A 252 -47.65 -17.68 -8.23
N LEU A 253 -46.36 -17.98 -8.44
CA LEU A 253 -45.84 -19.29 -8.12
C LEU A 253 -45.90 -19.56 -6.62
N THR A 254 -45.47 -18.57 -5.85
CA THR A 254 -45.47 -18.67 -4.39
C THR A 254 -46.90 -18.87 -3.87
N GLN A 255 -47.82 -18.08 -4.40
CA GLN A 255 -49.22 -18.25 -4.06
C GLN A 255 -49.74 -19.63 -4.47
N ARG A 256 -49.38 -20.07 -5.67
CA ARG A 256 -49.84 -21.37 -6.17
C ARG A 256 -49.29 -22.55 -5.33
N GLN A 257 -47.99 -22.52 -5.02
CA GLN A 257 -47.38 -23.64 -4.29
C GLN A 257 -47.58 -23.55 -2.77
N GLY A 258 -47.91 -22.36 -2.28
CA GLY A 258 -48.13 -22.16 -0.85
C GLY A 258 -46.84 -21.82 -0.11
N LEU A 259 -45.73 -21.86 -0.83
CA LEU A 259 -44.42 -21.57 -0.27
C LEU A 259 -43.58 -21.03 -1.39
N PRO A 260 -42.63 -20.15 -1.07
CA PRO A 260 -41.68 -19.67 -2.09
C PRO A 260 -40.81 -20.83 -2.56
N PRO A 261 -40.40 -20.82 -3.83
CA PRO A 261 -39.44 -21.82 -4.34
C PRO A 261 -38.06 -21.58 -3.72
N GLU A 262 -37.21 -22.59 -3.68
CA GLU A 262 -35.83 -22.35 -3.23
C GLU A 262 -34.94 -21.86 -4.37
N HIS A 263 -34.99 -22.57 -5.50
CA HIS A 263 -34.14 -22.26 -6.65
C HIS A 263 -34.98 -21.96 -7.90
N LEU A 264 -34.62 -20.89 -8.60
CA LEU A 264 -35.21 -20.58 -9.90
C LEU A 264 -34.15 -20.69 -11.00
N ASP A 265 -34.59 -21.11 -12.18
CA ASP A 265 -33.79 -20.93 -13.37
C ASP A 265 -34.43 -19.76 -14.13
N ALA A 266 -33.73 -18.65 -14.20
CA ALA A 266 -34.24 -17.42 -14.82
C ALA A 266 -34.48 -17.54 -16.32
N ARG A 267 -33.78 -18.48 -16.96
CA ARG A 267 -33.92 -18.65 -18.39
C ARG A 267 -35.14 -19.47 -18.75
N SER A 268 -35.37 -20.54 -18.00
CA SER A 268 -36.44 -21.49 -18.32
C SER A 268 -37.66 -21.22 -17.46
N GLY A 269 -37.44 -20.64 -16.29
CA GLY A 269 -38.53 -20.39 -15.37
C GLY A 269 -38.83 -21.60 -14.50
N GLU A 270 -38.00 -22.63 -14.59
CA GLU A 270 -38.21 -23.84 -13.76
C GLU A 270 -37.85 -23.57 -12.31
N ALA A 271 -38.70 -24.02 -11.39
CA ALA A 271 -38.48 -23.80 -9.97
C ALA A 271 -38.31 -25.11 -9.21
N ARG A 272 -37.48 -25.09 -8.16
CA ARG A 272 -37.23 -26.28 -7.35
C ARG A 272 -37.27 -25.98 -5.87
N GLY A 273 -37.76 -26.95 -5.09
CA GLY A 273 -37.71 -26.90 -3.65
C GLY A 273 -38.49 -25.75 -3.02
N HIS A 274 -38.32 -25.57 -1.72
CA HIS A 274 -39.01 -24.51 -1.00
C HIS A 274 -38.02 -23.63 -0.26
N GLY A 275 -38.23 -22.32 -0.34
CA GLY A 275 -37.35 -21.37 0.31
C GLY A 275 -37.52 -21.33 1.82
N PRO A 276 -36.51 -20.79 2.52
CA PRO A 276 -36.58 -20.59 3.97
C PRO A 276 -37.49 -19.43 4.31
N ALA A 277 -37.73 -19.24 5.61
CA ALA A 277 -38.62 -18.19 6.10
C ALA A 277 -38.25 -16.80 5.58
N GLY A 278 -36.96 -16.56 5.39
CA GLY A 278 -36.50 -15.28 4.87
C GLY A 278 -37.09 -14.95 3.52
N PHE A 279 -37.28 -15.97 2.68
CA PHE A 279 -37.86 -15.78 1.35
C PHE A 279 -39.32 -15.35 1.50
N SER A 280 -40.02 -15.95 2.46
CA SER A 280 -41.41 -15.58 2.71
C SER A 280 -41.50 -14.11 3.14
N ALA A 281 -40.62 -13.72 4.06
CA ALA A 281 -40.55 -12.34 4.50
C ALA A 281 -40.21 -11.41 3.33
N ALA A 282 -39.23 -11.82 2.52
CA ALA A 282 -38.78 -10.97 1.42
C ALA A 282 -39.88 -10.70 0.39
N LEU A 283 -40.86 -11.59 0.32
CA LEU A 283 -41.90 -11.48 -0.71
C LEU A 283 -43.16 -10.76 -0.22
N LEU A 284 -43.25 -10.49 1.09
CA LEU A 284 -44.47 -9.85 1.59
C LEU A 284 -44.80 -8.52 0.88
N PRO A 285 -43.80 -7.66 0.63
CA PRO A 285 -44.19 -6.43 -0.09
C PRO A 285 -44.75 -6.68 -1.50
N LEU A 286 -44.12 -7.56 -2.28
CA LEU A 286 -44.61 -7.86 -3.63
C LEU A 286 -45.98 -8.50 -3.57
N LEU A 287 -46.17 -9.40 -2.61
CA LEU A 287 -47.44 -10.10 -2.47
C LEU A 287 -48.58 -9.13 -2.12
N ALA A 288 -48.25 -8.08 -1.38
CA ALA A 288 -49.25 -7.08 -0.99
C ALA A 288 -49.51 -6.06 -2.09
N ALA A 289 -48.70 -6.09 -3.15
CA ALA A 289 -48.71 -5.02 -4.17
C ALA A 289 -49.83 -5.16 -5.20
N SER A 290 -50.44 -6.33 -5.30
CA SER A 290 -51.54 -6.54 -6.24
C SER A 290 -52.63 -7.31 -5.52
N PRO A 291 -53.89 -6.88 -5.70
CA PRO A 291 -55.07 -7.52 -5.10
C PRO A 291 -55.11 -9.02 -5.33
N GLU A 292 -54.76 -9.45 -6.53
CA GLU A 292 -54.90 -10.86 -6.91
C GLU A 292 -53.86 -11.78 -6.24
N HIS A 293 -52.92 -11.21 -5.50
CA HIS A 293 -51.95 -12.05 -4.80
C HIS A 293 -52.25 -12.11 -3.30
N VAL A 294 -53.49 -11.78 -2.92
CA VAL A 294 -53.84 -11.68 -1.51
C VAL A 294 -53.78 -13.04 -0.80
N ALA A 295 -54.15 -14.12 -1.50
CA ALA A 295 -54.06 -15.46 -0.91
C ALA A 295 -52.62 -15.74 -0.51
N GLY A 296 -51.69 -15.34 -1.36
CA GLY A 296 -50.28 -15.55 -1.10
C GLY A 296 -49.76 -14.70 0.05
N LEU A 297 -50.19 -13.44 0.11
CA LEU A 297 -49.83 -12.55 1.21
C LEU A 297 -50.28 -13.19 2.52
N ALA A 298 -51.53 -13.63 2.55
CA ALA A 298 -52.11 -14.24 3.73
C ALA A 298 -51.34 -15.52 4.11
N ALA A 299 -51.03 -16.33 3.10
CA ALA A 299 -50.36 -17.61 3.34
C ALA A 299 -48.94 -17.41 3.87
N GLN A 300 -48.24 -16.42 3.34
CA GLN A 300 -46.88 -16.19 3.78
C GLN A 300 -46.80 -15.51 5.16
N ARG A 301 -47.75 -14.61 5.45
CA ARG A 301 -47.84 -14.05 6.80
C ARG A 301 -48.03 -15.17 7.79
N GLN A 302 -48.89 -16.12 7.44
CA GLN A 302 -49.20 -17.25 8.33
C GLN A 302 -48.01 -18.19 8.53
N ARG A 303 -47.22 -18.40 7.48
CA ARG A 303 -46.02 -19.22 7.62
C ARG A 303 -45.03 -18.58 8.59
N LEU A 304 -44.91 -17.25 8.53
CA LEU A 304 -44.00 -16.55 9.43
C LEU A 304 -44.46 -16.56 10.88
N ARG A 305 -45.78 -16.65 11.13
CA ARG A 305 -46.29 -16.78 12.50
C ARG A 305 -46.02 -18.15 13.09
N GLU A 306 -46.11 -19.17 12.26
CA GLU A 306 -45.99 -20.55 12.71
C GLU A 306 -44.53 -20.90 13.00
N GLN A 307 -43.68 -20.74 12.00
CA GLN A 307 -42.25 -20.94 12.15
C GLN A 307 -41.55 -19.61 11.95
N PRO A 308 -41.47 -18.81 13.03
CA PRO A 308 -40.83 -17.49 12.92
C PRO A 308 -39.35 -17.63 12.59
N VAL A 309 -38.74 -16.57 12.05
CA VAL A 309 -37.32 -16.62 11.72
C VAL A 309 -36.49 -16.96 12.96
N GLU A 310 -35.65 -17.98 12.84
CA GLU A 310 -34.96 -18.56 13.99
C GLU A 310 -33.96 -17.60 14.65
N ALA A 311 -33.69 -17.87 15.93
CA ALA A 311 -32.75 -17.09 16.70
C ALA A 311 -31.35 -17.34 16.17
N LYS A 312 -30.57 -16.25 16.05
CA LYS A 312 -29.20 -16.29 15.54
C LYS A 312 -29.10 -16.64 14.05
N ALA A 313 -30.23 -16.58 13.32
CA ALA A 313 -30.20 -16.89 11.90
C ALA A 313 -30.05 -15.61 11.10
N TYR A 314 -28.80 -15.23 10.82
CA TYR A 314 -28.52 -13.92 10.22
C TYR A 314 -29.40 -13.62 9.01
N TYR A 315 -29.32 -14.48 8.02
CA TYR A 315 -29.93 -14.23 6.72
C TYR A 315 -31.45 -14.07 6.82
N SER A 316 -32.11 -15.01 7.46
CA SER A 316 -33.56 -14.89 7.62
C SER A 316 -34.00 -13.68 8.47
N GLN A 317 -33.21 -13.33 9.49
CA GLN A 317 -33.51 -12.13 10.29
C GLN A 317 -33.46 -10.84 9.47
N VAL A 318 -32.43 -10.67 8.62
CA VAL A 318 -32.36 -9.42 7.88
C VAL A 318 -33.45 -9.31 6.81
N LEU A 319 -33.73 -10.40 6.09
CA LEU A 319 -34.84 -10.40 5.15
C LEU A 319 -36.16 -10.05 5.85
N ALA A 320 -36.33 -10.54 7.08
CA ALA A 320 -37.55 -10.27 7.84
C ALA A 320 -37.65 -8.81 8.34
N LEU A 321 -36.53 -8.26 8.84
CA LEU A 321 -36.51 -6.85 9.23
C LEU A 321 -36.90 -5.95 8.07
N PHE A 322 -36.39 -6.26 6.87
CA PHE A 322 -36.79 -5.54 5.65
C PHE A 322 -38.26 -5.77 5.33
N GLY A 323 -38.61 -7.02 5.06
CA GLY A 323 -39.91 -7.37 4.51
C GLY A 323 -41.07 -7.38 5.48
N GLN A 324 -40.87 -7.98 6.66
CA GLN A 324 -41.88 -7.92 7.71
C GLN A 324 -41.98 -6.50 8.30
N GLY A 325 -40.84 -5.81 8.39
CA GLY A 325 -40.83 -4.44 8.85
C GLY A 325 -41.69 -3.56 7.96
N PHE A 326 -41.58 -3.76 6.66
CA PHE A 326 -42.39 -3.04 5.69
C PHE A 326 -43.85 -3.46 5.85
N ASP A 327 -44.06 -4.77 5.97
CA ASP A 327 -45.41 -5.31 6.11
C ASP A 327 -46.06 -4.84 7.41
N GLU A 328 -45.26 -4.56 8.43
CA GLU A 328 -45.80 -4.09 9.71
C GLU A 328 -45.91 -2.57 9.75
N ALA A 329 -45.68 -1.93 8.60
CA ALA A 329 -45.85 -0.48 8.46
C ALA A 329 -44.82 0.30 9.29
N ARG A 330 -43.58 -0.15 9.29
CA ARG A 330 -42.56 0.55 10.04
C ARG A 330 -41.85 1.58 9.18
N TYR A 331 -42.05 1.49 7.87
CA TYR A 331 -41.44 2.43 6.96
C TYR A 331 -41.98 2.26 5.57
N ARG A 332 -41.82 3.30 4.74
CA ARG A 332 -42.18 3.26 3.33
C ARG A 332 -41.13 4.07 2.59
N PHE A 333 -41.21 4.08 1.27
CA PHE A 333 -40.39 4.94 0.44
C PHE A 333 -41.30 5.90 -0.33
N ASP A 334 -40.82 7.10 -0.63
CA ASP A 334 -41.59 8.01 -1.46
C ASP A 334 -41.22 7.69 -2.93
N PRO A 335 -41.88 8.33 -3.91
CA PRO A 335 -41.59 7.96 -5.30
C PRO A 335 -40.13 8.13 -5.72
N HIS A 336 -39.39 8.99 -5.03
CA HIS A 336 -37.99 9.20 -5.39
C HIS A 336 -37.01 8.48 -4.47
N GLY A 337 -37.51 7.51 -3.73
CA GLY A 337 -36.65 6.64 -2.94
C GLY A 337 -36.32 7.19 -1.56
N ARG A 338 -36.92 8.31 -1.17
CA ARG A 338 -36.66 8.83 0.17
C ARG A 338 -37.37 7.98 1.21
N LEU A 339 -36.72 7.75 2.33
CA LEU A 339 -37.25 6.90 3.40
C LEU A 339 -38.33 7.66 4.15
N LEU A 340 -39.47 7.03 4.36
CA LEU A 340 -40.55 7.58 5.18
C LEU A 340 -40.75 6.64 6.39
N PRO A 341 -40.03 6.90 7.48
CA PRO A 341 -40.14 6.05 8.67
C PRO A 341 -41.42 6.35 9.43
N ALA A 342 -42.00 5.34 10.08
CA ALA A 342 -43.19 5.54 10.90
C ALA A 342 -43.03 6.59 12.01
N TRP A 343 -41.84 6.67 12.59
CA TRP A 343 -41.61 7.57 13.73
C TRP A 343 -41.53 9.04 13.33
N SER A 344 -41.40 9.31 12.04
CA SER A 344 -41.18 10.67 11.57
C SER A 344 -42.49 11.39 11.24
N ASN B 2 -8.74 45.85 -21.10
CA ASN B 2 -8.28 44.48 -21.34
C ASN B 2 -8.49 44.01 -22.78
N ALA B 3 -7.54 44.32 -23.64
CA ALA B 3 -7.52 43.76 -24.99
C ALA B 3 -6.52 42.61 -25.00
N TRP B 4 -6.92 41.50 -25.60
CA TRP B 4 -6.02 40.36 -25.73
C TRP B 4 -5.81 40.09 -27.21
N PRO B 5 -4.88 40.80 -27.85
CA PRO B 5 -4.68 40.71 -29.29
C PRO B 5 -4.42 39.26 -29.74
N ALA B 6 -3.68 38.49 -28.95
CA ALA B 6 -3.38 37.09 -29.30
C ALA B 6 -4.65 36.24 -29.35
N TRP B 7 -5.55 36.46 -28.40
CA TRP B 7 -6.84 35.77 -28.41
C TRP B 7 -7.72 36.22 -29.57
N GLU B 8 -7.72 37.52 -29.87
CA GLU B 8 -8.44 38.04 -31.04
C GLU B 8 -7.87 37.47 -32.33
N ARG B 9 -6.54 37.33 -32.39
CA ARG B 9 -5.88 36.72 -33.56
C ARG B 9 -6.27 35.24 -33.73
N PHE B 10 -6.25 34.48 -32.62
CA PHE B 10 -6.68 33.08 -32.60
C PHE B 10 -8.11 32.91 -33.13
N LYS B 11 -9.01 33.76 -32.62
CA LYS B 11 -10.40 33.76 -33.06
C LYS B 11 -10.52 34.01 -34.55
N ALA B 12 -9.88 35.08 -35.00
CA ALA B 12 -9.93 35.48 -36.40
C ALA B 12 -9.45 34.36 -37.32
N GLU B 13 -8.44 33.62 -36.87
CA GLU B 13 -7.79 32.62 -37.72
C GLU B 13 -8.32 31.21 -37.55
N LEU B 14 -8.65 30.81 -36.32
CA LEU B 14 -8.94 29.40 -36.06
C LEU B 14 -10.33 29.07 -35.53
N VAL B 15 -11.15 30.09 -35.27
CA VAL B 15 -12.48 29.82 -34.71
C VAL B 15 -13.59 30.19 -35.70
N SER B 16 -14.39 29.20 -36.10
CA SER B 16 -15.43 29.43 -37.11
C SER B 16 -16.51 30.35 -36.57
N VAL B 17 -17.33 30.88 -37.48
CA VAL B 17 -18.47 31.69 -37.08
C VAL B 17 -19.41 30.90 -36.15
N ASP B 18 -19.66 29.63 -36.46
CA ASP B 18 -20.55 28.81 -35.62
C ASP B 18 -19.87 28.21 -34.37
N GLY B 19 -18.59 28.50 -34.18
CA GLY B 19 -17.97 28.21 -32.90
C GLY B 19 -17.11 26.98 -32.77
N ARG B 20 -16.52 26.52 -33.87
CA ARG B 20 -15.60 25.40 -33.79
C ARG B 20 -14.16 25.83 -34.03
N VAL B 21 -13.23 25.24 -33.29
CA VAL B 21 -11.81 25.51 -33.47
C VAL B 21 -11.25 24.59 -34.53
N ILE B 22 -10.63 25.17 -35.55
CA ILE B 22 -10.20 24.42 -36.71
C ILE B 22 -8.70 24.37 -36.83
N ASP B 23 -8.14 23.16 -36.73
CA ASP B 23 -6.73 22.95 -37.07
C ASP B 23 -6.67 22.72 -38.57
N PRO B 24 -6.15 23.72 -39.31
CA PRO B 24 -6.12 23.68 -40.77
C PRO B 24 -4.97 22.85 -41.33
N SER B 25 -4.15 22.26 -40.46
CA SER B 25 -3.04 21.43 -40.93
C SER B 25 -3.51 20.03 -41.30
N ASP B 26 -4.70 19.66 -40.84
CA ASP B 26 -5.32 18.39 -41.21
C ASP B 26 -6.19 18.63 -42.44
N GLU B 27 -6.10 17.72 -43.41
CA GLU B 27 -6.88 17.85 -44.63
C GLU B 27 -8.38 17.84 -44.32
N ARG B 28 -8.77 17.07 -43.30
CA ARG B 28 -10.17 16.94 -42.94
C ARG B 28 -10.77 18.19 -42.29
N LEU B 29 -9.92 19.20 -42.07
CA LEU B 29 -10.33 20.42 -41.36
C LEU B 29 -11.01 20.07 -40.04
N ILE B 30 -10.31 19.28 -39.24
CA ILE B 30 -10.88 18.71 -38.03
C ILE B 30 -11.06 19.70 -36.91
N THR B 31 -11.96 19.37 -36.00
CA THR B 31 -12.02 19.98 -34.69
C THR B 31 -11.80 18.86 -33.67
N THR B 32 -11.14 19.16 -32.58
CA THR B 32 -10.98 18.19 -31.49
C THR B 32 -11.65 18.73 -30.25
N SER B 33 -12.00 17.83 -29.33
CA SER B 33 -12.58 18.29 -28.06
C SER B 33 -11.50 19.09 -27.32
N GLU B 34 -10.23 18.74 -27.51
CA GLU B 34 -9.14 19.49 -26.90
C GLU B 34 -9.20 20.94 -27.35
N GLY B 35 -9.24 21.14 -28.66
CA GLY B 35 -9.36 22.47 -29.25
C GLY B 35 -10.51 23.26 -28.66
N GLN B 36 -11.68 22.63 -28.54
CA GLN B 36 -12.83 23.30 -27.94
C GLN B 36 -12.55 23.69 -26.49
N SER B 37 -11.98 22.75 -25.74
CA SER B 37 -11.73 22.94 -24.31
C SER B 37 -10.73 24.09 -24.08
N TYR B 38 -9.69 24.16 -24.89
CA TYR B 38 -8.69 25.22 -24.70
C TYR B 38 -9.30 26.56 -25.02
N ALA B 39 -10.06 26.62 -26.12
CA ALA B 39 -10.67 27.87 -26.53
C ALA B 39 -11.69 28.36 -25.51
N LEU B 40 -12.36 27.42 -24.83
CA LEU B 40 -13.29 27.80 -23.76
C LEU B 40 -12.54 28.48 -22.62
N PHE B 41 -11.42 27.88 -22.22
CA PHE B 41 -10.60 28.46 -21.16
C PHE B 41 -10.10 29.84 -21.58
N PHE B 42 -9.59 29.97 -22.80
CA PHE B 42 -9.11 31.26 -23.29
C PHE B 42 -10.20 32.34 -23.36
N ALA B 43 -11.42 31.96 -23.75
CA ALA B 43 -12.53 32.90 -23.81
C ALA B 43 -12.86 33.47 -22.42
N LEU B 44 -12.76 32.61 -21.40
CA LEU B 44 -12.95 33.02 -20.02
C LEU B 44 -11.85 33.99 -19.59
N VAL B 45 -10.61 33.59 -19.84
CA VAL B 45 -9.47 34.43 -19.52
C VAL B 45 -9.62 35.79 -20.21
N GLY B 46 -10.12 35.79 -21.44
CA GLY B 46 -10.29 37.02 -22.20
C GLY B 46 -11.57 37.75 -21.89
N ASN B 47 -12.34 37.25 -20.91
CA ASN B 47 -13.62 37.88 -20.56
C ASN B 47 -14.58 37.95 -21.76
N ASP B 48 -14.60 36.90 -22.56
CA ASP B 48 -15.32 36.90 -23.81
C ASP B 48 -16.55 35.99 -23.69
N ARG B 49 -17.62 36.52 -23.08
CA ARG B 49 -18.84 35.76 -22.83
C ARG B 49 -19.50 35.18 -24.10
N GLN B 50 -19.58 35.99 -25.16
CA GLN B 50 -20.23 35.56 -26.39
C GLN B 50 -19.51 34.39 -27.10
N THR B 51 -18.19 34.49 -27.25
CA THR B 51 -17.43 33.40 -27.85
C THR B 51 -17.47 32.13 -26.97
N PHE B 52 -17.41 32.31 -25.66
CA PHE B 52 -17.54 31.18 -24.74
C PHE B 52 -18.86 30.45 -25.00
N ALA B 53 -19.94 31.21 -25.15
CA ALA B 53 -21.26 30.64 -25.39
C ALA B 53 -21.33 29.92 -26.73
N GLN B 54 -20.72 30.53 -27.75
CA GLN B 54 -20.74 29.94 -29.07
C GLN B 54 -19.93 28.65 -29.07
N LEU B 55 -18.75 28.69 -28.44
CA LEU B 55 -17.89 27.51 -28.39
C LEU B 55 -18.62 26.39 -27.66
N LEU B 56 -19.32 26.75 -26.59
CA LEU B 56 -19.97 25.76 -25.74
C LEU B 56 -21.15 25.14 -26.48
N ARG B 57 -21.89 25.96 -27.24
CA ARG B 57 -23.00 25.49 -28.04
C ARG B 57 -22.54 24.52 -29.12
N TRP B 58 -21.46 24.87 -29.82
CA TRP B 58 -20.94 24.00 -30.87
C TRP B 58 -20.47 22.66 -30.29
N THR B 59 -19.76 22.73 -29.18
CA THR B 59 -19.26 21.52 -28.52
C THR B 59 -20.42 20.61 -28.12
N SER B 60 -21.41 21.21 -27.49
CA SER B 60 -22.58 20.47 -27.04
C SER B 60 -23.27 19.80 -28.23
N ASN B 61 -23.71 20.61 -29.21
CA ASN B 61 -24.45 20.05 -30.35
C ASN B 61 -23.70 19.03 -31.20
N ASN B 62 -22.40 19.23 -31.40
CA ASN B 62 -21.71 18.40 -32.39
C ASN B 62 -20.91 17.25 -31.80
N LEU B 63 -20.38 17.45 -30.60
CA LEU B 63 -19.55 16.43 -29.95
C LEU B 63 -20.27 15.69 -28.83
N ALA B 64 -21.39 16.23 -28.34
CA ALA B 64 -22.05 15.62 -27.19
C ALA B 64 -23.55 15.39 -27.35
N GLU B 65 -24.01 15.23 -28.58
CA GLU B 65 -25.42 14.97 -28.89
C GLU B 65 -26.38 15.95 -28.22
N GLY B 66 -26.01 17.21 -28.19
CA GLY B 66 -26.86 18.24 -27.64
C GLY B 66 -26.69 18.51 -26.16
N ASP B 67 -25.94 17.66 -25.44
CA ASP B 67 -25.98 17.75 -23.97
C ASP B 67 -24.74 17.24 -23.22
N LEU B 68 -23.86 18.14 -22.81
CA LEU B 68 -22.67 17.75 -22.03
C LEU B 68 -22.99 17.15 -20.66
N ALA B 69 -24.21 17.33 -20.16
CA ALA B 69 -24.62 16.69 -18.93
C ALA B 69 -24.94 15.21 -19.18
N ARG B 70 -25.04 14.81 -20.45
CA ARG B 70 -25.46 13.44 -20.74
C ARG B 70 -24.38 12.69 -21.50
N HIS B 71 -23.40 13.41 -22.05
CA HIS B 71 -22.38 12.80 -22.87
C HIS B 71 -21.03 13.48 -22.75
N LEU B 72 -19.97 12.70 -22.54
CA LEU B 72 -18.61 13.26 -22.63
C LEU B 72 -18.34 13.43 -24.11
N PRO B 73 -17.77 14.57 -24.49
CA PRO B 73 -17.67 14.90 -25.93
C PRO B 73 -16.80 13.94 -26.75
N ALA B 74 -17.26 13.57 -27.94
CA ALA B 74 -16.41 12.89 -28.92
C ALA B 74 -15.13 13.68 -29.13
N TRP B 75 -14.00 13.02 -29.31
CA TRP B 75 -12.74 13.77 -29.42
C TRP B 75 -12.44 14.30 -30.83
N LEU B 76 -13.02 13.69 -31.86
CA LEU B 76 -12.66 14.02 -33.24
C LEU B 76 -13.87 14.23 -34.13
N TRP B 77 -13.87 15.37 -34.82
CA TRP B 77 -14.97 15.77 -35.66
C TRP B 77 -14.39 16.38 -36.91
N GLY B 78 -14.99 16.08 -38.06
CA GLY B 78 -14.56 16.66 -39.31
C GLY B 78 -15.22 16.03 -40.51
N ARG B 79 -14.55 16.14 -41.66
CA ARG B 79 -15.09 15.64 -42.93
C ARG B 79 -14.65 14.21 -43.23
N ASP B 80 -15.60 13.31 -43.41
CA ASP B 80 -15.29 11.91 -43.67
C ASP B 80 -15.05 11.63 -45.16
N GLY B 81 -15.01 10.35 -45.53
CA GLY B 81 -14.71 9.96 -46.89
C GLY B 81 -15.86 10.14 -47.86
N GLN B 82 -17.01 10.53 -47.33
CA GLN B 82 -18.20 10.79 -48.15
C GLN B 82 -18.45 12.29 -48.16
N GLN B 83 -17.45 13.04 -47.70
CA GLN B 83 -17.48 14.50 -47.64
C GLN B 83 -18.59 15.03 -46.72
N GLN B 84 -19.00 14.22 -45.76
CA GLN B 84 -20.03 14.61 -44.79
C GLN B 84 -19.37 15.05 -43.48
N TRP B 85 -19.85 16.14 -42.92
CA TRP B 85 -19.30 16.67 -41.68
C TRP B 85 -19.96 15.99 -40.49
N GLN B 86 -19.17 15.29 -39.68
CA GLN B 86 -19.71 14.51 -38.57
C GLN B 86 -18.62 14.10 -37.58
N VAL B 87 -19.02 13.48 -36.47
CA VAL B 87 -18.08 12.87 -35.55
C VAL B 87 -17.29 11.80 -36.29
N LEU B 88 -15.97 11.85 -36.18
CA LEU B 88 -15.09 10.85 -36.81
C LEU B 88 -14.61 9.78 -35.82
N ASP B 89 -14.58 10.13 -34.53
CA ASP B 89 -14.26 9.18 -33.47
C ASP B 89 -15.08 9.53 -32.25
N ALA B 90 -15.97 8.63 -31.85
CA ALA B 90 -16.92 8.89 -30.76
C ALA B 90 -16.27 8.80 -29.37
N ASN B 91 -15.10 8.19 -29.26
CA ASN B 91 -14.45 8.06 -27.95
CA ASN B 91 -14.41 8.06 -27.99
C ASN B 91 -14.01 9.43 -27.43
N ASN B 92 -14.08 9.60 -26.12
CA ASN B 92 -13.66 10.86 -25.51
C ASN B 92 -12.14 10.98 -25.26
N ALA B 93 -11.65 12.19 -25.04
CA ALA B 93 -10.29 12.39 -24.55
C ALA B 93 -10.41 13.10 -23.21
N SER B 94 -9.94 12.48 -22.13
CA SER B 94 -10.24 13.03 -20.80
C SER B 94 -9.58 14.36 -20.51
N ASP B 95 -8.49 14.66 -21.21
CA ASP B 95 -7.82 15.95 -20.99
C ASP B 95 -8.74 17.10 -21.39
N ALA B 96 -9.47 16.94 -22.49
CA ALA B 96 -10.45 17.94 -22.93
C ALA B 96 -11.64 17.98 -21.98
N ASP B 97 -12.12 16.81 -21.57
CA ASP B 97 -13.24 16.75 -20.64
C ASP B 97 -12.91 17.57 -19.37
N LEU B 98 -11.69 17.42 -18.87
CA LEU B 98 -11.28 18.11 -17.65
C LEU B 98 -11.28 19.62 -17.86
N TRP B 99 -10.70 20.06 -18.96
CA TRP B 99 -10.64 21.49 -19.26
C TRP B 99 -12.02 22.09 -19.49
N ILE B 100 -12.93 21.31 -20.07
CA ILE B 100 -14.30 21.78 -20.26
C ILE B 100 -15.01 21.94 -18.92
N ALA B 101 -14.87 20.93 -18.06
CA ALA B 101 -15.52 20.99 -16.76
C ALA B 101 -14.93 22.13 -15.91
N TYR B 102 -13.61 22.31 -15.99
CA TYR B 102 -12.96 23.38 -15.24
C TYR B 102 -13.42 24.76 -15.68
N SER B 103 -13.47 24.99 -17.00
CA SER B 103 -13.83 26.29 -17.54
C SER B 103 -15.28 26.64 -17.24
N LEU B 104 -16.12 25.62 -17.16
CA LEU B 104 -17.52 25.81 -16.80
C LEU B 104 -17.69 26.21 -15.32
N LEU B 105 -17.03 25.48 -14.42
CA LEU B 105 -17.05 25.85 -13.01
C LEU B 105 -16.52 27.26 -12.78
N GLU B 106 -15.39 27.58 -13.42
CA GLU B 106 -14.76 28.89 -13.23
C GLU B 106 -15.57 30.02 -13.87
N ALA B 107 -16.13 29.75 -15.05
CA ALA B 107 -17.01 30.74 -15.70
C ALA B 107 -18.30 30.95 -14.89
N GLY B 108 -18.86 29.86 -14.38
CA GLY B 108 -20.02 29.95 -13.51
C GLY B 108 -19.79 30.84 -12.30
N ARG B 109 -18.61 30.72 -11.70
CA ARG B 109 -18.23 31.55 -10.56
C ARG B 109 -17.94 32.99 -10.97
N LEU B 110 -17.01 33.16 -11.91
CA LEU B 110 -16.52 34.48 -12.29
C LEU B 110 -17.53 35.35 -13.02
N TRP B 111 -18.46 34.73 -13.76
CA TRP B 111 -19.47 35.47 -14.51
C TRP B 111 -20.83 35.42 -13.85
N ASP B 112 -20.89 34.70 -12.72
CA ASP B 112 -22.15 34.48 -12.01
C ASP B 112 -23.20 33.80 -12.89
N GLN B 113 -22.85 32.63 -13.42
CA GLN B 113 -23.78 31.87 -14.27
C GLN B 113 -23.99 30.48 -13.70
N PRO B 114 -25.03 30.33 -12.86
CA PRO B 114 -25.29 29.03 -12.22
C PRO B 114 -25.42 27.88 -13.20
N ALA B 115 -25.89 28.15 -14.41
CA ALA B 115 -26.09 27.08 -15.39
C ALA B 115 -24.77 26.46 -15.79
N TYR B 116 -23.73 27.30 -15.85
CA TYR B 116 -22.39 26.84 -16.17
C TYR B 116 -21.85 26.02 -15.00
N THR B 117 -22.09 26.50 -13.80
CA THR B 117 -21.67 25.78 -12.59
C THR B 117 -22.29 24.38 -12.56
N GLN B 118 -23.60 24.30 -12.75
CA GLN B 118 -24.30 23.02 -12.72
C GLN B 118 -23.79 22.08 -13.81
N LEU B 119 -23.62 22.59 -15.02
CA LEU B 119 -23.13 21.79 -16.12
C LEU B 119 -21.72 21.23 -15.81
N GLY B 120 -20.89 22.05 -15.19
CA GLY B 120 -19.56 21.61 -14.80
C GLY B 120 -19.62 20.48 -13.79
N GLN B 121 -20.52 20.61 -12.82
CA GLN B 121 -20.67 19.58 -11.79
C GLN B 121 -21.19 18.28 -12.41
N HIS B 122 -22.19 18.38 -13.28
CA HIS B 122 -22.67 17.21 -14.02
C HIS B 122 -21.54 16.51 -14.78
N LEU B 123 -20.64 17.28 -15.39
CA LEU B 123 -19.49 16.72 -16.10
C LEU B 123 -18.54 15.96 -15.16
N LEU B 124 -18.23 16.55 -14.00
CA LEU B 124 -17.35 15.90 -13.04
C LEU B 124 -17.89 14.54 -12.61
N TRP B 125 -19.19 14.47 -12.35
CA TRP B 125 -19.81 13.20 -11.98
C TRP B 125 -19.65 12.16 -13.09
N ARG B 126 -19.77 12.59 -14.35
CA ARG B 126 -19.72 11.64 -15.46
C ARG B 126 -18.29 11.18 -15.69
N ILE B 127 -17.36 12.11 -15.50
CA ILE B 127 -15.94 11.83 -15.63
C ILE B 127 -15.53 10.83 -14.57
N ALA B 128 -15.97 11.04 -13.33
CA ALA B 128 -15.71 10.07 -12.27
C ALA B 128 -16.29 8.72 -12.67
N ALA B 129 -17.56 8.72 -13.09
CA ALA B 129 -18.27 7.48 -13.39
C ALA B 129 -17.70 6.69 -14.57
N GLN B 130 -17.32 7.39 -15.63
CA GLN B 130 -16.93 6.73 -16.88
C GLN B 130 -15.41 6.57 -17.03
N THR B 131 -14.65 7.52 -16.51
CA THR B 131 -13.23 7.64 -16.87
C THR B 131 -12.24 7.34 -15.74
N VAL B 132 -12.69 7.41 -14.50
CA VAL B 132 -11.80 7.16 -13.39
C VAL B 132 -11.74 5.67 -13.08
N ARG B 133 -10.59 5.22 -12.60
CA ARG B 133 -10.45 3.84 -12.14
C ARG B 133 -9.60 3.86 -10.87
N LYS B 134 -9.72 2.80 -10.08
CA LYS B 134 -8.82 2.58 -8.96
C LYS B 134 -7.67 1.73 -9.49
N LEU B 135 -6.47 2.30 -9.59
CA LEU B 135 -5.29 1.55 -10.06
C LEU B 135 -4.46 1.00 -8.92
N PRO B 136 -3.83 -0.17 -9.12
CA PRO B 136 -3.02 -0.85 -8.09
C PRO B 136 -1.80 -0.02 -7.72
N GLY B 137 -1.51 0.06 -6.42
CA GLY B 137 -0.36 0.83 -5.93
C GLY B 137 -0.42 2.32 -6.23
N LEU B 138 -1.53 2.79 -6.78
CA LEU B 138 -1.68 4.19 -7.12
C LEU B 138 -2.94 4.81 -6.50
N GLY B 139 -4.08 4.12 -6.64
CA GLY B 139 -5.33 4.66 -6.16
C GLY B 139 -6.12 5.25 -7.32
N VAL B 140 -7.13 6.06 -7.03
CA VAL B 140 -7.96 6.61 -8.11
C VAL B 140 -7.11 7.41 -9.08
N LEU B 142 -7.35 9.08 -13.41
CA LEU B 142 -8.12 9.35 -14.63
CA LEU B 142 -8.13 9.34 -14.61
C LEU B 142 -7.47 8.67 -15.82
N LEU B 143 -8.21 7.84 -16.53
CA LEU B 143 -7.75 7.25 -17.79
C LEU B 143 -7.73 8.33 -18.85
N PRO B 144 -6.97 8.12 -19.93
CA PRO B 144 -6.97 9.09 -21.05
C PRO B 144 -8.30 9.15 -21.80
N GLY B 145 -9.16 8.15 -21.58
CA GLY B 145 -10.42 8.05 -22.31
C GLY B 145 -11.22 6.88 -21.78
N ASP B 146 -12.52 6.83 -22.05
CA ASP B 146 -13.37 5.80 -21.45
C ASP B 146 -13.01 4.42 -21.94
N TYR B 147 -12.54 4.33 -23.17
CA TYR B 147 -12.24 3.06 -23.79
C TYR B 147 -10.84 3.02 -24.42
N GLY B 148 -10.20 1.85 -24.36
CA GLY B 148 -9.03 1.58 -25.16
C GLY B 148 -7.69 1.81 -24.47
N PHE B 149 -7.67 2.06 -23.17
CA PHE B 149 -6.41 2.33 -22.47
C PHE B 149 -6.06 1.35 -21.34
N GLU B 150 -6.92 0.35 -21.11
CA GLU B 150 -6.59 -0.72 -20.17
C GLU B 150 -6.49 -2.06 -20.90
N ASP B 151 -5.49 -2.87 -20.53
CA ASP B 151 -5.42 -4.25 -20.99
C ASP B 151 -4.51 -5.08 -20.08
N ALA B 152 -4.12 -6.26 -20.54
CA ALA B 152 -3.26 -7.16 -19.76
C ALA B 152 -1.96 -6.49 -19.34
N GLN B 153 -1.38 -5.70 -20.24
CA GLN B 153 -0.10 -5.01 -19.98
C GLN B 153 -0.22 -4.03 -18.83
N GLY B 154 -1.43 -3.53 -18.61
CA GLY B 154 -1.68 -2.56 -17.57
C GLY B 154 -2.44 -1.39 -18.14
N THR B 155 -2.20 -0.21 -17.58
CA THR B 155 -2.99 0.96 -17.90
C THR B 155 -2.13 2.06 -18.51
N ARG B 156 -2.49 2.51 -19.70
CA ARG B 156 -1.76 3.59 -20.36
C ARG B 156 -2.22 4.94 -19.80
N LEU B 157 -1.26 5.80 -19.44
CA LEU B 157 -1.57 7.10 -18.84
C LEU B 157 -0.76 8.21 -19.51
N ASN B 158 -1.27 9.42 -19.47
CA ASN B 158 -0.61 10.55 -20.12
C ASN B 158 -0.52 11.72 -19.13
N PRO B 159 0.67 11.93 -18.54
CA PRO B 159 0.85 12.97 -17.51
C PRO B 159 0.24 14.34 -17.86
N SER B 160 0.40 14.77 -19.10
CA SER B 160 -0.02 16.11 -19.49
C SER B 160 -1.54 16.30 -19.47
N TYR B 161 -2.27 15.18 -19.38
CA TYR B 161 -3.74 15.20 -19.35
C TYR B 161 -4.29 15.60 -18.00
N LEU B 162 -3.40 15.72 -17.03
CA LEU B 162 -3.77 15.80 -15.62
C LEU B 162 -3.28 17.07 -14.91
N PRO B 163 -3.55 18.27 -15.47
CA PRO B 163 -3.00 19.49 -14.86
C PRO B 163 -3.43 19.61 -13.40
N LEU B 164 -2.46 19.80 -12.51
CA LEU B 164 -2.75 19.79 -11.07
C LEU B 164 -3.75 20.88 -10.67
N GLN B 165 -3.67 22.03 -11.32
CA GLN B 165 -4.57 23.15 -11.00
C GLN B 165 -6.04 22.74 -11.07
N LEU B 166 -6.37 21.94 -12.08
CA LEU B 166 -7.74 21.57 -12.33
C LEU B 166 -8.19 20.58 -11.27
N LEU B 167 -7.33 19.59 -11.02
CA LEU B 167 -7.67 18.57 -10.04
C LEU B 167 -7.74 19.20 -8.64
N ASP B 168 -6.82 20.12 -8.33
CA ASP B 168 -6.86 20.85 -7.05
C ASP B 168 -8.17 21.61 -6.91
N ARG B 169 -8.58 22.31 -7.98
CA ARG B 169 -9.85 23.03 -7.97
C ARG B 169 -11.06 22.12 -7.77
N PHE B 170 -11.09 20.97 -8.45
CA PHE B 170 -12.20 20.02 -8.28
C PHE B 170 -12.27 19.47 -6.85
N SER B 171 -11.19 19.60 -6.11
CA SER B 171 -11.20 19.13 -4.73
C SER B 171 -12.20 19.91 -3.90
N ASP B 172 -12.49 21.14 -4.31
CA ASP B 172 -13.52 21.94 -3.66
C ASP B 172 -14.90 21.33 -3.85
N VAL B 173 -15.09 20.60 -4.96
CA VAL B 173 -16.36 19.90 -5.18
C VAL B 173 -16.43 18.65 -4.29
N ASP B 174 -15.37 17.85 -4.29
CA ASP B 174 -15.27 16.71 -3.36
C ASP B 174 -13.80 16.29 -3.20
N PRO B 175 -13.40 15.91 -1.99
CA PRO B 175 -11.98 15.59 -1.75
C PRO B 175 -11.46 14.40 -2.57
N LEU B 176 -12.35 13.59 -3.15
CA LEU B 176 -11.94 12.54 -4.05
C LEU B 176 -11.00 13.12 -5.11
N TRP B 177 -11.34 14.31 -5.59
CA TRP B 177 -10.52 14.96 -6.61
C TRP B 177 -9.16 15.42 -6.09
N GLY B 178 -9.11 15.80 -4.82
CA GLY B 178 -7.85 16.19 -4.21
C GLY B 178 -6.96 14.95 -4.08
N GLU B 179 -7.60 13.82 -3.82
CA GLU B 179 -6.91 12.53 -3.75
C GLU B 179 -6.34 12.15 -5.12
N LEU B 180 -7.16 12.28 -6.16
CA LEU B 180 -6.69 12.12 -7.53
C LEU B 180 -5.51 13.07 -7.84
N ALA B 181 -5.59 14.30 -7.33
CA ALA B 181 -4.50 15.27 -7.48
C ALA B 181 -3.22 14.81 -6.78
N ALA B 182 -3.35 14.25 -5.57
CA ALA B 182 -2.17 13.75 -4.87
C ALA B 182 -1.58 12.58 -5.65
N ASN B 183 -2.46 11.74 -6.23
CA ASN B 183 -2.01 10.59 -6.99
C ASN B 183 -1.31 11.00 -8.28
N THR B 184 -1.80 12.08 -8.88
CA THR B 184 -1.16 12.64 -10.06
C THR B 184 0.24 13.19 -9.76
N ARG B 185 0.40 13.86 -8.61
CA ARG B 185 1.72 14.34 -8.22
C ARG B 185 2.67 13.17 -8.13
N ARG B 186 2.21 12.05 -7.57
CA ARG B 186 3.06 10.87 -7.46
C ARG B 186 3.40 10.34 -8.83
N LEU B 187 2.39 10.24 -9.68
CA LEU B 187 2.58 9.73 -11.04
C LEU B 187 3.58 10.57 -11.80
N TRP B 188 3.43 11.89 -11.73
CA TRP B 188 4.31 12.78 -12.44
C TRP B 188 5.77 12.56 -12.06
N LEU B 189 6.04 12.56 -10.75
CA LEU B 189 7.40 12.36 -10.27
C LEU B 189 7.94 11.00 -10.70
N ALA B 190 7.11 9.96 -10.54
CA ALA B 190 7.52 8.59 -10.86
C ALA B 190 7.79 8.38 -12.35
N SER B 191 7.12 9.16 -13.18
CA SER B 191 7.22 9.00 -14.63
C SER B 191 8.42 9.76 -15.17
N SER B 192 9.07 10.56 -14.33
CA SER B 192 10.08 11.50 -14.79
C SER B 192 11.41 11.40 -14.03
N PRO B 193 12.05 10.23 -14.07
CA PRO B 193 13.22 9.98 -13.23
C PRO B 193 14.40 10.94 -13.47
N LYS B 194 14.45 11.58 -14.64
CA LYS B 194 15.58 12.43 -14.97
C LYS B 194 15.17 13.91 -14.95
N GLY B 195 13.95 14.19 -14.51
CA GLY B 195 13.46 15.55 -14.51
C GLY B 195 12.88 15.95 -15.85
N PHE B 196 12.62 14.95 -16.70
CA PHE B 196 11.93 15.19 -17.98
C PHE B 196 10.67 14.33 -18.08
N ALA B 197 9.55 14.95 -18.46
CA ALA B 197 8.28 14.24 -18.57
C ALA B 197 8.15 13.48 -19.90
N PRO B 198 7.52 12.30 -19.84
CA PRO B 198 7.22 11.55 -21.07
C PRO B 198 5.84 11.93 -21.56
N ASP B 199 5.52 11.63 -22.81
CA ASP B 199 4.17 11.82 -23.30
C ASP B 199 3.24 10.83 -22.61
N TRP B 200 3.70 9.59 -22.50
CA TRP B 200 2.90 8.49 -22.00
C TRP B 200 3.75 7.59 -21.13
N LEU B 201 3.09 6.85 -20.25
CA LEU B 201 3.72 5.73 -19.57
C LEU B 201 2.67 4.65 -19.35
N LEU B 202 3.14 3.47 -18.95
CA LEU B 202 2.28 2.36 -18.58
C LEU B 202 2.33 2.17 -17.07
N TRP B 203 1.16 2.02 -16.45
CA TRP B 203 1.10 1.69 -15.04
C TRP B 203 0.78 0.22 -14.95
N THR B 204 1.78 -0.59 -14.56
CA THR B 204 1.66 -2.05 -14.59
C THR B 204 0.70 -2.61 -13.53
N PRO B 205 0.26 -3.87 -13.68
CA PRO B 205 -0.53 -4.52 -12.63
C PRO B 205 0.18 -4.64 -11.29
N ALA B 206 1.51 -4.52 -11.29
CA ALA B 206 2.26 -4.59 -10.04
C ALA B 206 2.31 -3.23 -9.34
N GLY B 207 1.73 -2.22 -10.00
CA GLY B 207 1.69 -0.89 -9.44
C GLY B 207 2.98 -0.14 -9.63
N LYS B 208 3.58 -0.30 -10.81
CA LYS B 208 4.83 0.36 -11.13
C LYS B 208 4.76 1.05 -12.50
N PRO B 209 5.54 2.11 -12.69
CA PRO B 209 5.59 2.78 -13.99
C PRO B 209 6.49 2.00 -14.94
N ALA B 210 6.12 1.93 -16.20
CA ALA B 210 6.99 1.35 -17.22
C ALA B 210 6.84 2.11 -18.52
N ALA B 211 7.66 1.75 -19.49
CA ALA B 211 7.63 2.41 -20.79
C ALA B 211 6.28 2.22 -21.46
N ASP B 212 5.83 3.25 -22.18
CA ASP B 212 4.54 3.15 -22.85
C ASP B 212 4.59 2.12 -23.97
N THR B 213 3.48 1.40 -24.12
CA THR B 213 3.34 0.33 -25.14
C THR B 213 3.46 0.87 -26.55
N LYS B 214 3.02 2.12 -26.76
CA LYS B 214 3.00 2.74 -28.07
C LYS B 214 4.10 3.78 -28.30
N HIS B 215 4.42 4.58 -27.28
CA HIS B 215 5.38 5.67 -27.44
C HIS B 215 6.68 5.52 -26.64
N GLY B 216 6.82 4.40 -25.93
CA GLY B 216 7.99 4.17 -25.09
C GLY B 216 8.19 5.25 -24.04
N ASN B 217 9.38 5.82 -24.01
CA ASN B 217 9.72 6.85 -23.03
C ASN B 217 9.81 8.24 -23.66
N ALA B 218 9.36 8.36 -24.90
CA ALA B 218 9.40 9.63 -25.64
C ALA B 218 8.62 10.75 -24.95
N GLY B 219 9.22 11.93 -24.93
CA GLY B 219 8.56 13.14 -24.48
C GLY B 219 8.72 14.22 -25.53
N ASP B 220 7.59 14.71 -26.05
CA ASP B 220 7.62 15.69 -27.13
C ASP B 220 6.51 16.73 -26.93
N TYR B 221 5.53 16.69 -27.82
CA TYR B 221 4.51 17.73 -27.90
C TYR B 221 3.41 17.62 -26.83
N ASP B 222 3.15 16.42 -26.34
CA ASP B 222 2.24 16.29 -25.20
C ASP B 222 2.93 16.68 -23.92
N ALA B 223 4.13 16.12 -23.70
CA ALA B 223 4.83 16.27 -22.44
C ALA B 223 5.27 17.71 -22.17
N ILE B 224 5.46 18.50 -23.23
CA ILE B 224 5.85 19.90 -23.06
C ILE B 224 4.86 20.63 -22.14
N ARG B 225 3.61 20.16 -22.14
CA ARG B 225 2.56 20.78 -21.34
C ARG B 225 2.68 20.50 -19.85
N VAL B 226 3.41 19.44 -19.49
CA VAL B 226 3.67 19.16 -18.08
C VAL B 226 4.44 20.34 -17.46
N TYR B 227 5.46 20.83 -18.18
CA TYR B 227 6.26 21.96 -17.68
C TYR B 227 5.41 23.22 -17.57
N LEU B 228 4.48 23.37 -18.51
CA LEU B 228 3.57 24.50 -18.52
C LEU B 228 2.67 24.49 -17.26
N TRP B 229 2.07 23.35 -16.97
CA TRP B 229 1.19 23.26 -15.81
C TRP B 229 2.01 23.50 -14.53
N VAL B 230 3.11 22.77 -14.39
CA VAL B 230 3.96 22.88 -13.21
C VAL B 230 4.34 24.33 -12.97
N GLY B 231 4.81 24.99 -14.03
CA GLY B 231 5.27 26.35 -13.95
C GLY B 231 4.19 27.35 -13.59
N LEU B 233 1.66 26.68 -11.45
CA LEU B 233 1.23 26.46 -10.07
C LEU B 233 1.52 27.69 -9.21
N ALA B 234 0.57 28.06 -8.35
CA ALA B 234 0.78 29.14 -7.39
C ALA B 234 1.86 28.73 -6.37
N GLU B 235 2.51 29.73 -5.79
CA GLU B 235 3.55 29.50 -4.80
C GLU B 235 3.09 28.55 -3.71
N GLY B 236 1.90 28.77 -3.18
CA GLY B 236 1.40 27.97 -2.07
C GLY B 236 0.68 26.67 -2.43
N ALA B 237 0.65 26.33 -3.71
CA ALA B 237 0.04 25.06 -4.12
C ALA B 237 0.84 23.87 -3.57
N ALA B 238 0.16 22.76 -3.31
CA ALA B 238 0.79 21.60 -2.71
C ALA B 238 1.94 21.05 -3.56
N GLN B 239 3.10 20.86 -2.91
CA GLN B 239 4.29 20.31 -3.55
C GLN B 239 4.82 21.16 -4.72
N ARG B 240 4.45 22.43 -4.74
CA ARG B 240 4.88 23.31 -5.81
C ARG B 240 6.40 23.39 -5.91
N ARG B 241 7.07 23.67 -4.80
CA ARG B 241 8.52 23.83 -4.86
C ARG B 241 9.18 22.50 -5.26
N GLU B 242 8.69 21.37 -4.75
CA GLU B 242 9.23 20.07 -5.13
C GLU B 242 9.08 19.81 -6.63
N LEU B 243 7.94 20.18 -7.18
CA LEU B 243 7.66 19.95 -8.59
C LEU B 243 8.49 20.86 -9.49
N VAL B 244 8.54 22.14 -9.16
CA VAL B 244 9.38 23.09 -9.88
C VAL B 244 10.83 22.62 -9.88
N ALA B 245 11.30 22.18 -8.71
CA ALA B 245 12.69 21.75 -8.59
C ALA B 245 12.91 20.43 -9.32
N HIS B 246 11.91 19.56 -9.29
CA HIS B 246 12.03 18.27 -9.96
C HIS B 246 12.23 18.39 -11.46
N TYR B 247 11.53 19.33 -12.08
CA TYR B 247 11.62 19.53 -13.53
C TYR B 247 12.66 20.59 -13.92
N ALA B 248 13.48 20.99 -12.95
CA ALA B 248 14.56 21.94 -13.22
C ALA B 248 15.42 21.60 -14.46
N PRO B 249 15.76 20.31 -14.70
CA PRO B 249 16.60 20.02 -15.88
C PRO B 249 16.05 20.55 -17.21
N ALA B 251 14.28 23.37 -17.56
CA ALA B 251 14.61 24.80 -17.48
C ALA B 251 16.10 25.04 -17.58
N ALA B 252 16.87 24.25 -16.83
CA ALA B 252 18.33 24.36 -16.87
C ALA B 252 18.85 24.15 -18.29
N LEU B 253 18.35 23.12 -18.97
CA LEU B 253 18.79 22.83 -20.33
C LEU B 253 18.46 24.00 -21.29
N THR B 254 17.21 24.46 -21.25
CA THR B 254 16.78 25.55 -22.12
C THR B 254 17.62 26.79 -21.91
N GLN B 255 17.92 27.10 -20.66
CA GLN B 255 18.75 28.26 -20.35
C GLN B 255 20.12 28.11 -20.96
N ARG B 256 20.69 26.92 -20.78
CA ARG B 256 22.05 26.63 -21.22
C ARG B 256 22.15 26.70 -22.73
N GLN B 257 21.18 26.10 -23.42
CA GLN B 257 21.23 26.04 -24.88
C GLN B 257 20.66 27.28 -25.55
N GLY B 258 20.03 28.14 -24.75
CA GLY B 258 19.37 29.32 -25.26
C GLY B 258 18.11 28.99 -26.06
N LEU B 259 17.69 27.73 -26.02
CA LEU B 259 16.56 27.25 -26.82
C LEU B 259 16.01 25.95 -26.23
N PRO B 260 14.67 25.78 -26.25
CA PRO B 260 14.10 24.51 -25.79
C PRO B 260 14.36 23.41 -26.79
N PRO B 261 14.48 22.16 -26.33
CA PRO B 261 14.73 21.00 -27.19
C PRO B 261 13.45 20.51 -27.82
N GLU B 262 13.53 19.77 -28.93
CA GLU B 262 12.32 19.25 -29.54
C GLU B 262 11.89 17.92 -28.93
N HIS B 263 12.84 17.04 -28.67
CA HIS B 263 12.54 15.69 -28.24
C HIS B 263 13.34 15.26 -27.01
N LEU B 264 12.66 14.59 -26.07
CA LEU B 264 13.33 14.04 -24.89
C LEU B 264 13.10 12.53 -24.74
N ASP B 265 14.10 11.84 -24.19
CA ASP B 265 13.90 10.49 -23.72
C ASP B 265 13.84 10.56 -22.20
N ALA B 266 12.66 10.38 -21.64
CA ALA B 266 12.45 10.57 -20.21
C ALA B 266 13.23 9.58 -19.36
N ARG B 267 13.66 8.48 -19.99
CA ARG B 267 14.41 7.45 -19.27
C ARG B 267 15.91 7.78 -19.18
N SER B 268 16.49 8.16 -20.30
CA SER B 268 17.92 8.46 -20.35
C SER B 268 18.18 9.94 -20.11
N GLY B 269 17.20 10.78 -20.39
CA GLY B 269 17.39 12.20 -20.25
C GLY B 269 18.09 12.81 -21.45
N GLU B 270 18.31 12.00 -22.49
CA GLU B 270 18.90 12.51 -23.73
C GLU B 270 17.92 13.43 -24.44
N ALA B 271 18.43 14.50 -25.03
CA ALA B 271 17.60 15.49 -25.69
C ALA B 271 18.07 15.80 -27.11
N ARG B 272 17.12 15.95 -28.04
CA ARG B 272 17.42 16.28 -29.43
C ARG B 272 16.85 17.63 -29.85
N GLY B 273 17.42 18.18 -30.92
CA GLY B 273 16.81 19.27 -31.66
C GLY B 273 16.48 20.55 -30.93
N HIS B 274 15.74 21.41 -31.62
CA HIS B 274 15.22 22.64 -31.06
C HIS B 274 13.71 22.62 -31.20
N GLY B 275 13.02 23.01 -30.14
CA GLY B 275 11.56 23.07 -30.16
C GLY B 275 11.06 24.31 -30.84
N PRO B 276 9.85 24.25 -31.42
CA PRO B 276 9.26 25.43 -32.07
C PRO B 276 8.90 26.50 -31.03
N ALA B 277 8.50 27.68 -31.50
CA ALA B 277 8.20 28.82 -30.62
C ALA B 277 7.18 28.49 -29.54
N GLY B 278 6.27 27.57 -29.85
CA GLY B 278 5.28 27.11 -28.89
C GLY B 278 5.94 26.54 -27.64
N PHE B 279 7.04 25.81 -27.84
CA PHE B 279 7.76 25.24 -26.71
C PHE B 279 8.35 26.34 -25.83
N SER B 280 8.81 27.40 -26.46
CA SER B 280 9.35 28.54 -25.72
C SER B 280 8.27 29.19 -24.87
N ALA B 281 7.08 29.35 -25.44
CA ALA B 281 6.00 29.98 -24.70
C ALA B 281 5.53 29.09 -23.55
N ALA B 282 5.46 27.79 -23.83
CA ALA B 282 5.04 26.80 -22.83
C ALA B 282 5.97 26.79 -21.61
N LEU B 283 7.21 27.22 -21.81
CA LEU B 283 8.21 27.17 -20.75
C LEU B 283 8.37 28.46 -19.95
N LEU B 284 7.74 29.55 -20.40
CA LEU B 284 7.91 30.83 -19.72
C LEU B 284 7.56 30.78 -18.22
N PRO B 285 6.41 30.16 -17.86
CA PRO B 285 6.09 30.10 -16.43
C PRO B 285 7.15 29.37 -15.60
N LEU B 286 7.60 28.21 -16.06
CA LEU B 286 8.62 27.45 -15.34
C LEU B 286 9.90 28.27 -15.24
N LEU B 287 10.28 28.90 -16.34
CA LEU B 287 11.49 29.72 -16.35
C LEU B 287 11.45 30.90 -15.37
N ALA B 288 10.25 31.38 -15.07
CA ALA B 288 10.08 32.50 -14.14
C ALA B 288 9.94 32.06 -12.68
N ALA B 289 9.82 30.75 -12.45
CA ALA B 289 9.49 30.21 -11.13
C ALA B 289 10.63 30.21 -10.12
N SER B 290 11.86 30.28 -10.62
CA SER B 290 13.01 30.32 -9.71
C SER B 290 14.11 31.23 -10.24
N PRO B 291 14.76 31.99 -9.34
CA PRO B 291 15.73 33.01 -9.73
C PRO B 291 16.86 32.44 -10.58
N GLU B 292 17.25 31.18 -10.32
CA GLU B 292 18.39 30.61 -11.04
C GLU B 292 18.13 30.44 -12.55
N HIS B 293 16.86 30.56 -12.96
CA HIS B 293 16.52 30.54 -14.38
C HIS B 293 16.03 31.91 -14.88
N VAL B 294 16.53 32.99 -14.28
CA VAL B 294 16.09 34.34 -14.66
C VAL B 294 16.62 34.72 -16.05
N ALA B 295 17.79 34.19 -16.38
CA ALA B 295 18.39 34.42 -17.69
C ALA B 295 17.64 33.65 -18.77
N GLY B 296 17.29 32.40 -18.47
CA GLY B 296 16.46 31.60 -19.37
C GLY B 296 15.14 32.28 -19.73
N LEU B 297 14.46 32.81 -18.71
CA LEU B 297 13.22 33.55 -18.91
C LEU B 297 13.39 34.71 -19.88
N ALA B 298 14.40 35.53 -19.66
CA ALA B 298 14.68 36.69 -20.50
C ALA B 298 15.00 36.26 -21.94
N ALA B 299 15.74 35.17 -22.06
CA ALA B 299 16.14 34.64 -23.37
C ALA B 299 14.92 34.20 -24.15
N GLN B 300 14.07 33.38 -23.54
CA GLN B 300 12.92 32.85 -24.25
C GLN B 300 11.89 33.92 -24.59
N ARG B 301 11.67 34.86 -23.66
CA ARG B 301 10.81 36.01 -23.92
C ARG B 301 11.32 36.72 -25.16
N GLN B 302 12.63 36.88 -25.23
CA GLN B 302 13.30 37.55 -26.35
C GLN B 302 13.09 36.84 -27.69
N ARG B 303 13.17 35.52 -27.69
CA ARG B 303 13.01 34.76 -28.92
C ARG B 303 11.59 34.90 -29.45
N LEU B 304 10.62 34.93 -28.55
CA LEU B 304 9.23 35.08 -28.95
C LEU B 304 8.94 36.47 -29.52
N ARG B 305 9.71 37.46 -29.11
CA ARG B 305 9.57 38.80 -29.68
C ARG B 305 10.06 38.80 -31.12
N GLU B 306 11.16 38.08 -31.34
CA GLU B 306 11.84 38.10 -32.64
C GLU B 306 11.17 37.16 -33.62
N GLN B 307 10.38 36.25 -33.09
CA GLN B 307 9.82 35.16 -33.86
C GLN B 307 8.51 34.72 -33.23
N PRO B 308 7.45 35.53 -33.36
CA PRO B 308 6.17 35.20 -32.73
C PRO B 308 5.58 33.93 -33.34
N VAL B 309 4.55 33.38 -32.70
CA VAL B 309 3.91 32.19 -33.24
C VAL B 309 3.13 32.52 -34.52
N GLU B 310 3.20 31.62 -35.49
CA GLU B 310 2.60 31.86 -36.81
C GLU B 310 1.06 31.81 -36.82
N ALA B 311 0.48 32.38 -37.87
CA ALA B 311 -0.95 32.71 -37.93
C ALA B 311 -1.90 31.52 -37.78
N LYS B 312 -1.77 30.54 -38.66
CA LYS B 312 -2.69 29.41 -38.68
C LYS B 312 -2.14 28.18 -37.97
N ALA B 313 -1.10 28.35 -37.16
CA ALA B 313 -0.47 27.20 -36.49
C ALA B 313 -1.16 26.86 -35.19
N TYR B 314 -2.21 26.03 -35.27
CA TYR B 314 -3.03 25.71 -34.09
C TYR B 314 -2.22 25.36 -32.83
N TYR B 315 -1.33 24.39 -32.96
N TYR B 315 -1.33 24.39 -32.94
CA TYR B 315 -0.64 23.82 -31.80
CA TYR B 315 -0.66 23.86 -31.77
C TYR B 315 0.26 24.83 -31.06
C TYR B 315 0.21 24.88 -31.05
N SER B 316 1.03 25.60 -31.80
CA SER B 316 1.88 26.62 -31.20
C SER B 316 1.07 27.80 -30.65
N GLN B 317 -0.03 28.12 -31.31
CA GLN B 317 -0.93 29.16 -30.81
C GLN B 317 -1.55 28.84 -29.46
N VAL B 318 -1.96 27.60 -29.23
CA VAL B 318 -2.58 27.30 -27.94
C VAL B 318 -1.50 27.32 -26.85
N LEU B 319 -0.31 26.83 -27.16
CA LEU B 319 0.77 26.86 -26.18
C LEU B 319 1.12 28.30 -25.83
N ALA B 320 1.08 29.16 -26.84
CA ALA B 320 1.40 30.58 -26.64
C ALA B 320 0.33 31.28 -25.81
N LEU B 321 -0.94 31.01 -26.12
CA LEU B 321 -2.05 31.63 -25.41
C LEU B 321 -1.95 31.26 -23.93
N PHE B 322 -1.69 29.98 -23.65
CA PHE B 322 -1.45 29.54 -22.29
C PHE B 322 -0.22 30.24 -21.68
N GLY B 323 0.93 30.05 -22.31
CA GLY B 323 2.21 30.40 -21.69
C GLY B 323 2.61 31.87 -21.77
N GLN B 324 2.42 32.48 -22.92
CA GLN B 324 2.65 33.91 -23.05
C GLN B 324 1.54 34.67 -22.32
N GLY B 325 0.33 34.13 -22.38
CA GLY B 325 -0.81 34.71 -21.66
C GLY B 325 -0.50 34.84 -20.17
N PHE B 326 0.02 33.78 -19.58
CA PHE B 326 0.44 33.78 -18.18
C PHE B 326 1.60 34.78 -17.98
N ASP B 327 2.59 34.70 -18.86
CA ASP B 327 3.77 35.57 -18.78
C ASP B 327 3.38 37.05 -18.88
N GLU B 328 2.35 37.32 -19.69
CA GLU B 328 1.85 38.69 -19.86
C GLU B 328 0.85 39.12 -18.77
N ALA B 329 0.73 38.32 -17.71
CA ALA B 329 -0.10 38.66 -16.55
C ALA B 329 -1.58 38.76 -16.88
N ARG B 330 -2.06 37.90 -17.75
CA ARG B 330 -3.47 37.89 -18.10
C ARG B 330 -4.27 37.03 -17.16
N TYR B 331 -3.58 36.20 -16.38
CA TYR B 331 -4.25 35.37 -15.37
C TYR B 331 -3.23 34.65 -14.50
N ARG B 332 -3.72 34.14 -13.38
CA ARG B 332 -2.92 33.35 -12.45
C ARG B 332 -3.85 32.26 -11.89
N PHE B 333 -3.26 31.27 -11.23
CA PHE B 333 -4.05 30.33 -10.45
C PHE B 333 -3.74 30.55 -8.98
N ASP B 334 -4.75 30.44 -8.11
CA ASP B 334 -4.47 30.52 -6.69
C ASP B 334 -3.99 29.12 -6.20
N PRO B 335 -3.56 28.99 -4.93
CA PRO B 335 -3.06 27.70 -4.48
C PRO B 335 -4.04 26.52 -4.64
N HIS B 336 -5.33 26.81 -4.69
CA HIS B 336 -6.34 25.76 -4.83
C HIS B 336 -6.75 25.56 -6.28
N GLY B 337 -6.07 26.21 -7.22
CA GLY B 337 -6.37 26.01 -8.63
C GLY B 337 -7.45 26.91 -9.20
N ARG B 338 -7.98 27.84 -8.41
CA ARG B 338 -8.97 28.79 -8.91
C ARG B 338 -8.36 29.82 -9.88
N LEU B 339 -9.06 30.10 -10.96
CA LEU B 339 -8.59 31.06 -11.93
C LEU B 339 -8.71 32.47 -11.36
N LEU B 340 -7.61 33.23 -11.46
CA LEU B 340 -7.61 34.66 -11.16
C LEU B 340 -7.27 35.43 -12.44
N PRO B 341 -8.30 35.86 -13.18
CA PRO B 341 -8.10 36.59 -14.43
C PRO B 341 -7.73 38.04 -14.16
N ALA B 342 -7.06 38.69 -15.11
CA ALA B 342 -6.67 40.10 -14.95
C ALA B 342 -7.84 41.08 -15.02
N TRP B 343 -8.97 40.65 -15.57
CA TRP B 343 -10.12 41.56 -15.72
C TRP B 343 -10.98 41.58 -14.48
N SER B 344 -10.86 40.53 -13.67
CA SER B 344 -11.70 40.35 -12.49
C SER B 344 -11.11 41.15 -11.32
N ALA B 345 -11.33 42.46 -11.34
CA ALA B 345 -10.82 43.35 -10.31
C ALA B 345 -11.95 44.11 -9.62
N ASN C 2 29.33 27.46 14.06
CA ASN C 2 28.47 26.86 15.09
C ASN C 2 26.96 26.91 14.73
N ALA C 3 26.64 27.57 13.63
CA ALA C 3 25.25 27.69 13.20
C ALA C 3 24.65 26.35 12.77
N TRP C 4 23.34 26.23 12.91
CA TRP C 4 22.61 25.04 12.48
C TRP C 4 21.77 25.48 11.28
N PRO C 5 22.24 25.17 10.07
CA PRO C 5 21.61 25.71 8.86
C PRO C 5 20.11 25.41 8.76
N ALA C 6 19.66 24.23 9.19
CA ALA C 6 18.25 23.88 9.11
C ALA C 6 17.42 24.70 10.08
N TRP C 7 18.00 25.05 11.22
CA TRP C 7 17.36 25.93 12.18
C TRP C 7 17.30 27.37 11.67
N GLU C 8 18.35 27.82 10.98
CA GLU C 8 18.31 29.13 10.35
C GLU C 8 17.18 29.21 9.31
N ARG C 9 17.03 28.15 8.51
CA ARG C 9 15.95 28.10 7.51
C ARG C 9 14.56 28.06 8.16
N PHE C 10 14.44 27.32 9.25
CA PHE C 10 13.19 27.20 9.96
C PHE C 10 12.75 28.58 10.45
N LYS C 11 13.68 29.30 11.08
CA LYS C 11 13.42 30.66 11.54
C LYS C 11 13.00 31.56 10.38
N ALA C 12 13.77 31.55 9.31
CA ALA C 12 13.52 32.43 8.18
C ALA C 12 12.14 32.16 7.55
N GLU C 13 11.75 30.91 7.49
CA GLU C 13 10.55 30.52 6.74
C GLU C 13 9.30 30.31 7.58
N LEU C 14 9.48 29.97 8.86
CA LEU C 14 8.33 29.57 9.67
C LEU C 14 8.09 30.41 10.90
N VAL C 15 9.04 31.28 11.25
CA VAL C 15 8.92 32.09 12.46
C VAL C 15 8.68 33.57 12.06
N SER C 16 7.63 34.16 12.62
CA SER C 16 7.24 35.53 12.24
C SER C 16 8.19 36.52 12.91
N VAL C 17 8.17 37.78 12.49
CA VAL C 17 9.00 38.81 13.14
C VAL C 17 8.78 38.82 14.66
N ASP C 18 7.54 38.63 15.09
CA ASP C 18 7.12 38.75 16.49
C ASP C 18 7.28 37.42 17.26
N GLY C 19 7.75 36.36 16.60
CA GLY C 19 8.10 35.13 17.33
C GLY C 19 7.06 34.02 17.41
N ARG C 20 6.12 33.98 16.47
CA ARG C 20 5.20 32.83 16.39
C ARG C 20 5.51 31.92 15.19
N VAL C 21 5.37 30.62 15.40
CA VAL C 21 5.53 29.64 14.32
C VAL C 21 4.29 29.53 13.42
N ILE C 22 4.48 29.70 12.12
CA ILE C 22 3.38 29.72 11.17
C ILE C 22 3.62 28.77 10.00
N ASP C 23 2.74 27.80 9.80
CA ASP C 23 2.78 26.92 8.62
C ASP C 23 2.15 27.67 7.44
N PRO C 24 2.96 27.97 6.43
CA PRO C 24 2.49 28.70 5.24
C PRO C 24 1.27 28.04 4.61
N SER C 25 1.27 26.70 4.60
CA SER C 25 0.23 25.90 3.96
C SER C 25 -1.16 26.31 4.42
N ASP C 26 -1.38 26.30 5.74
CA ASP C 26 -2.70 26.65 6.27
C ASP C 26 -2.99 28.11 5.95
N GLU C 27 -4.10 28.35 5.27
CA GLU C 27 -4.46 29.69 4.82
C GLU C 27 -5.08 30.51 5.93
N ARG C 28 -5.28 29.89 7.09
CA ARG C 28 -5.71 30.64 8.26
C ARG C 28 -4.47 31.21 8.97
N LEU C 29 -3.29 30.77 8.51
CA LEU C 29 -2.02 31.23 9.08
C LEU C 29 -2.03 31.08 10.59
N ILE C 30 -2.37 29.87 11.05
CA ILE C 30 -2.46 29.63 12.49
C ILE C 30 -1.11 29.37 13.12
N THR C 31 -1.08 29.50 14.44
CA THR C 31 0.00 28.98 15.25
C THR C 31 -0.61 28.01 16.25
N THR C 32 0.10 26.92 16.55
CA THR C 32 -0.33 26.01 17.61
C THR C 32 0.66 26.03 18.74
N SER C 33 0.21 25.64 19.93
CA SER C 33 1.12 25.50 21.06
C SER C 33 2.21 24.45 20.76
N GLU C 34 1.89 23.47 19.91
CA GLU C 34 2.89 22.49 19.50
C GLU C 34 4.04 23.14 18.73
N GLY C 35 3.70 23.96 17.75
CA GLY C 35 4.71 24.65 16.96
C GLY C 35 5.62 25.48 17.84
N GLN C 36 5.03 26.23 18.78
CA GLN C 36 5.85 27.01 19.72
C GLN C 36 6.80 26.12 20.52
N SER C 37 6.27 24.98 20.98
CA SER C 37 7.01 24.09 21.87
C SER C 37 8.17 23.41 21.14
N TYR C 38 7.97 23.05 19.87
CA TYR C 38 9.05 22.42 19.13
C TYR C 38 10.14 23.45 18.83
N ALA C 39 9.73 24.66 18.48
CA ALA C 39 10.69 25.71 18.18
C ALA C 39 11.53 26.10 19.41
N LEU C 40 10.92 26.07 20.59
CA LEU C 40 11.67 26.30 21.83
C LEU C 40 12.74 25.24 22.02
N PHE C 41 12.37 23.98 21.83
CA PHE C 41 13.34 22.88 21.91
C PHE C 41 14.46 23.07 20.86
N PHE C 42 14.08 23.39 19.62
CA PHE C 42 15.10 23.58 18.59
C PHE C 42 16.02 24.77 18.89
N ALA C 43 15.46 25.85 19.43
CA ALA C 43 16.27 27.02 19.75
C ALA C 43 17.30 26.64 20.82
N LEU C 44 16.88 25.84 21.79
CA LEU C 44 17.81 25.36 22.78
C LEU C 44 18.91 24.47 22.16
N VAL C 45 18.51 23.52 21.31
CA VAL C 45 19.47 22.65 20.64
C VAL C 45 20.43 23.51 19.82
N GLY C 46 19.90 24.59 19.26
CA GLY C 46 20.70 25.49 18.44
C GLY C 46 21.52 26.53 19.21
N ASN C 47 21.43 26.48 20.54
CA ASN C 47 22.13 27.44 21.40
C ASN C 47 21.75 28.88 21.05
N ASP C 48 20.46 29.10 20.80
CA ASP C 48 19.95 30.38 20.33
C ASP C 48 19.09 30.98 21.45
N ARG C 49 19.73 31.62 22.42
CA ARG C 49 19.04 32.25 23.55
C ARG C 49 18.02 33.30 23.09
N GLN C 50 18.38 34.09 22.08
CA GLN C 50 17.51 35.20 21.68
C GLN C 50 16.19 34.69 21.07
N THR C 51 16.25 33.74 20.15
CA THR C 51 15.01 33.20 19.60
C THR C 51 14.19 32.44 20.67
N PHE C 52 14.86 31.70 21.55
CA PHE C 52 14.15 31.05 22.66
C PHE C 52 13.37 32.10 23.48
N ALA C 53 14.01 33.20 23.86
CA ALA C 53 13.31 34.22 24.65
C ALA C 53 12.12 34.79 23.86
N GLN C 54 12.30 34.94 22.57
CA GLN C 54 11.29 35.57 21.73
C GLN C 54 10.07 34.65 21.54
N LEU C 55 10.32 33.36 21.32
CA LEU C 55 9.25 32.37 21.20
C LEU C 55 8.47 32.22 22.52
N LEU C 56 9.21 32.22 23.62
CA LEU C 56 8.63 32.05 24.94
C LEU C 56 7.73 33.25 25.24
N ARG C 57 8.21 34.45 24.90
CA ARG C 57 7.43 35.67 25.12
C ARG C 57 6.12 35.64 24.33
N TRP C 58 6.18 35.21 23.07
CA TRP C 58 5.00 35.17 22.23
C TRP C 58 4.00 34.16 22.82
N THR C 59 4.50 32.96 23.11
CA THR C 59 3.71 31.89 23.73
C THR C 59 3.03 32.38 25.01
N SER C 60 3.81 32.96 25.89
CA SER C 60 3.29 33.49 27.15
C SER C 60 2.17 34.52 26.92
N ASN C 61 2.47 35.55 26.13
CA ASN C 61 1.54 36.66 25.95
C ASN C 61 0.26 36.28 25.19
N ASN C 62 0.39 35.45 24.17
CA ASN C 62 -0.73 35.20 23.28
C ASN C 62 -1.51 33.92 23.59
N LEU C 63 -0.84 32.95 24.19
CA LEU C 63 -1.49 31.66 24.48
C LEU C 63 -1.81 31.42 25.95
N ALA C 64 -1.13 32.15 26.85
CA ALA C 64 -1.24 31.87 28.27
C ALA C 64 -1.54 33.11 29.08
N GLU C 65 -2.22 34.07 28.45
CA GLU C 65 -2.64 35.29 29.11
C GLU C 65 -1.53 35.98 29.88
N GLY C 66 -0.30 35.89 29.36
CA GLY C 66 0.80 36.61 29.94
C GLY C 66 1.60 35.91 31.03
N ASP C 67 1.26 34.67 31.36
CA ASP C 67 1.96 33.99 32.45
C ASP C 67 1.74 32.47 32.41
N LEU C 68 2.73 31.76 31.86
CA LEU C 68 2.72 30.30 31.82
C LEU C 68 2.74 29.62 33.19
N ALA C 69 3.05 30.36 34.26
CA ALA C 69 2.93 29.82 35.60
C ALA C 69 1.49 29.76 36.06
N ARG C 70 0.61 30.51 35.40
CA ARG C 70 -0.78 30.55 35.83
C ARG C 70 -1.73 29.85 34.85
N HIS C 71 -1.30 29.70 33.60
CA HIS C 71 -2.14 29.10 32.58
C HIS C 71 -1.37 28.16 31.65
N LEU C 72 -1.94 26.99 31.39
CA LEU C 72 -1.45 26.13 30.32
C LEU C 72 -1.83 26.81 29.00
N PRO C 73 -0.94 26.79 28.01
CA PRO C 73 -1.22 27.56 26.80
C PRO C 73 -2.40 27.03 25.97
N ALA C 74 -3.20 27.95 25.46
CA ALA C 74 -4.20 27.62 24.46
C ALA C 74 -3.50 26.95 23.28
N TRP C 75 -4.16 26.00 22.64
CA TRP C 75 -3.46 25.22 21.62
C TRP C 75 -3.56 25.84 20.24
N LEU C 76 -4.56 26.68 19.99
CA LEU C 76 -4.82 27.18 18.64
C LEU C 76 -5.04 28.70 18.61
N TRP C 77 -4.26 29.37 17.77
CA TRP C 77 -4.27 30.83 17.69
C TRP C 77 -4.30 31.20 16.21
N GLY C 78 -5.13 32.16 15.85
CA GLY C 78 -5.21 32.56 14.47
C GLY C 78 -6.22 33.65 14.20
N ARG C 79 -6.56 33.78 12.91
CA ARG C 79 -7.50 34.78 12.45
C ARG C 79 -8.89 34.17 12.45
N ASP C 80 -9.82 34.76 13.20
CA ASP C 80 -11.17 34.21 13.32
C ASP C 80 -12.07 34.72 12.21
N GLY C 81 -13.37 34.48 12.35
CA GLY C 81 -14.34 34.78 11.31
C GLY C 81 -14.44 36.24 10.93
N GLN C 82 -14.03 37.12 11.84
CA GLN C 82 -14.08 38.55 11.58
C GLN C 82 -12.68 39.15 11.44
N GLN C 83 -11.75 38.35 10.93
CA GLN C 83 -10.37 38.77 10.69
C GLN C 83 -9.62 39.31 11.91
N GLN C 84 -10.09 38.98 13.10
CA GLN C 84 -9.38 39.36 14.33
C GLN C 84 -8.41 38.26 14.78
N TRP C 85 -7.19 38.65 15.11
CA TRP C 85 -6.18 37.69 15.53
C TRP C 85 -6.28 37.42 17.03
N GLN C 86 -6.51 36.16 17.38
CA GLN C 86 -6.74 35.80 18.78
C GLN C 86 -6.71 34.28 18.98
N VAL C 87 -6.84 33.86 20.24
CA VAL C 87 -7.02 32.44 20.54
C VAL C 87 -8.27 31.91 19.86
N LEU C 88 -8.14 30.78 19.18
CA LEU C 88 -9.27 30.18 18.45
C LEU C 88 -9.83 28.99 19.21
N ASP C 89 -9.01 28.37 20.05
CA ASP C 89 -9.47 27.33 20.96
C ASP C 89 -8.64 27.44 22.24
N ALA C 90 -9.31 27.69 23.36
CA ALA C 90 -8.61 27.97 24.62
C ALA C 90 -8.09 26.70 25.30
N ASN C 91 -8.61 25.54 24.89
CA ASN C 91 -8.25 24.26 25.48
C ASN C 91 -6.77 23.98 25.21
N ASN C 92 -6.10 23.28 26.13
CA ASN C 92 -4.67 23.03 25.94
C ASN C 92 -4.39 21.74 25.18
N ALA C 93 -3.18 21.62 24.66
CA ALA C 93 -2.70 20.37 24.08
C ALA C 93 -1.53 19.91 24.94
N SER C 94 -1.68 18.79 25.64
CA SER C 94 -0.66 18.44 26.64
C SER C 94 0.69 18.05 26.05
N ASP C 95 0.72 17.58 24.81
CA ASP C 95 2.02 17.30 24.19
C ASP C 95 2.87 18.57 24.12
N ALA C 96 2.25 19.69 23.75
CA ALA C 96 2.95 20.97 23.69
C ALA C 96 3.37 21.39 25.09
N ASP C 97 2.45 21.29 26.04
CA ASP C 97 2.74 21.66 27.43
C ASP C 97 3.99 20.92 27.96
N LEU C 98 4.11 19.63 27.66
CA LEU C 98 5.28 18.86 28.07
C LEU C 98 6.57 19.36 27.44
N TRP C 99 6.54 19.61 26.13
CA TRP C 99 7.73 20.08 25.44
C TRP C 99 8.16 21.47 25.95
N ILE C 100 7.19 22.29 26.32
CA ILE C 100 7.49 23.63 26.82
C ILE C 100 8.11 23.47 28.19
N ALA C 101 7.50 22.66 29.06
CA ALA C 101 8.05 22.51 30.40
C ALA C 101 9.46 21.90 30.33
N TYR C 102 9.65 20.92 29.46
CA TYR C 102 10.95 20.27 29.29
C TYR C 102 12.01 21.24 28.78
N SER C 103 11.68 21.99 27.72
CA SER C 103 12.62 22.96 27.16
C SER C 103 13.04 24.00 28.21
N LEU C 104 12.10 24.36 29.09
CA LEU C 104 12.41 25.34 30.13
C LEU C 104 13.35 24.75 31.19
N LEU C 105 13.09 23.50 31.60
CA LEU C 105 13.96 22.87 32.59
C LEU C 105 15.37 22.73 32.01
N GLU C 106 15.45 22.26 30.77
CA GLU C 106 16.74 22.06 30.16
C GLU C 106 17.45 23.39 29.82
N ALA C 107 16.71 24.40 29.34
CA ALA C 107 17.32 25.71 29.17
C ALA C 107 17.78 26.28 30.51
N GLY C 108 16.97 26.10 31.55
CA GLY C 108 17.36 26.59 32.85
C GLY C 108 18.69 26.00 33.28
N ARG C 109 18.88 24.72 32.99
CA ARG C 109 20.12 24.03 33.39
C ARG C 109 21.29 24.39 32.47
N LEU C 110 21.10 24.21 31.17
CA LEU C 110 22.18 24.42 30.22
C LEU C 110 22.63 25.88 30.08
N TRP C 111 21.73 26.84 30.29
CA TRP C 111 22.08 28.24 30.13
C TRP C 111 22.21 28.94 31.48
N ASP C 112 22.08 28.17 32.55
CA ASP C 112 22.08 28.72 33.92
C ASP C 112 21.05 29.86 34.10
N GLN C 113 19.77 29.56 33.88
CA GLN C 113 18.72 30.56 34.01
C GLN C 113 17.68 30.10 35.01
N PRO C 114 17.86 30.42 36.30
CA PRO C 114 16.92 29.92 37.32
C PRO C 114 15.44 30.23 37.04
N ALA C 115 15.15 31.33 36.36
CA ALA C 115 13.77 31.68 36.04
C ALA C 115 13.12 30.68 35.07
N TYR C 116 13.91 30.05 34.20
CA TYR C 116 13.37 29.02 33.32
C TYR C 116 13.10 27.74 34.10
N THR C 117 14.04 27.41 34.99
CA THR C 117 13.87 26.25 35.86
C THR C 117 12.59 26.37 36.65
N GLN C 118 12.39 27.51 37.31
CA GLN C 118 11.18 27.73 38.11
C GLN C 118 9.89 27.66 37.29
N LEU C 119 9.87 28.33 36.14
CA LEU C 119 8.70 28.30 35.29
C LEU C 119 8.38 26.86 34.87
N GLY C 120 9.41 26.09 34.52
CA GLY C 120 9.23 24.71 34.10
C GLY C 120 8.62 23.88 35.22
N GLN C 121 9.11 24.12 36.42
CA GLN C 121 8.55 23.44 37.59
C GLN C 121 7.10 23.87 37.86
N HIS C 122 6.82 25.16 37.72
CA HIS C 122 5.43 25.60 37.89
C HIS C 122 4.50 24.92 36.88
N LEU C 123 4.99 24.77 35.64
CA LEU C 123 4.19 24.11 34.60
C LEU C 123 3.92 22.65 34.94
N LEU C 124 4.94 21.94 35.43
CA LEU C 124 4.77 20.55 35.79
C LEU C 124 3.67 20.36 36.86
N TRP C 125 3.68 21.20 37.88
CA TRP C 125 2.63 21.13 38.90
C TRP C 125 1.25 21.35 38.27
N ARG C 126 1.14 22.31 37.37
CA ARG C 126 -0.15 22.60 36.75
C ARG C 126 -0.60 21.48 35.79
N ILE C 127 0.38 20.86 35.11
CA ILE C 127 0.09 19.72 34.25
C ILE C 127 -0.44 18.56 35.07
N ALA C 128 0.23 18.25 36.18
CA ALA C 128 -0.26 17.19 37.06
C ALA C 128 -1.67 17.51 37.59
N ALA C 129 -1.87 18.73 38.10
CA ALA C 129 -3.16 19.13 38.69
C ALA C 129 -4.33 19.16 37.72
N GLN C 130 -4.11 19.67 36.51
CA GLN C 130 -5.20 19.90 35.56
C GLN C 130 -5.38 18.77 34.55
N THR C 131 -4.27 18.15 34.12
CA THR C 131 -4.29 17.28 32.97
C THR C 131 -4.08 15.79 33.26
N VAL C 132 -3.50 15.46 34.40
CA VAL C 132 -3.26 14.06 34.71
C VAL C 132 -4.51 13.44 35.33
N ARG C 133 -4.73 12.15 35.09
CA ARG C 133 -5.80 11.37 35.73
C ARG C 133 -5.25 10.01 36.13
N LYS C 134 -5.92 9.36 37.07
CA LYS C 134 -5.64 7.97 37.39
C LYS C 134 -6.60 7.13 36.56
N LEU C 135 -6.09 6.37 35.59
CA LEU C 135 -6.94 5.59 34.68
C LEU C 135 -6.98 4.13 35.10
N PRO C 136 -8.12 3.47 34.91
CA PRO C 136 -8.31 2.10 35.39
C PRO C 136 -7.41 1.14 34.65
N GLY C 137 -6.70 0.29 35.39
CA GLY C 137 -5.80 -0.69 34.81
C GLY C 137 -4.54 -0.10 34.20
N LEU C 138 -4.29 1.18 34.43
CA LEU C 138 -3.13 1.83 33.84
C LEU C 138 -2.39 2.68 34.86
N GLY C 139 -3.12 3.34 35.75
CA GLY C 139 -2.48 4.18 36.76
C GLY C 139 -2.49 5.62 36.27
N VAL C 140 -1.59 6.45 36.77
CA VAL C 140 -1.62 7.85 36.37
C VAL C 140 -1.20 7.98 34.91
N LEU C 142 -1.42 11.05 31.43
CA LEU C 142 -1.63 12.42 31.00
C LEU C 142 -2.69 12.43 29.89
N LEU C 143 -3.79 13.14 30.11
CA LEU C 143 -4.79 13.32 29.05
C LEU C 143 -4.19 14.18 27.93
N PRO C 144 -4.73 14.06 26.70
CA PRO C 144 -4.24 14.92 25.61
C PRO C 144 -4.58 16.39 25.81
N GLY C 145 -5.50 16.69 26.72
CA GLY C 145 -5.91 18.05 26.99
C GLY C 145 -6.78 18.07 28.24
N ASP C 146 -6.95 19.24 28.88
CA ASP C 146 -7.70 19.31 30.12
C ASP C 146 -9.16 18.96 29.89
N TYR C 147 -9.66 19.22 28.68
CA TYR C 147 -11.06 18.92 28.35
C TYR C 147 -11.18 18.19 27.00
N GLY C 148 -12.22 17.35 26.89
CA GLY C 148 -12.64 16.82 25.61
C GLY C 148 -12.22 15.39 25.24
N PHE C 149 -11.46 14.73 26.12
CA PHE C 149 -10.89 13.44 25.77
C PHE C 149 -11.37 12.29 26.65
N GLU C 150 -12.35 12.57 27.52
CA GLU C 150 -12.96 11.55 28.37
C GLU C 150 -14.47 11.58 28.23
N ASP C 151 -15.06 10.40 28.18
CA ASP C 151 -16.51 10.26 28.31
C ASP C 151 -16.79 8.82 28.71
N ALA C 152 -18.05 8.42 28.61
CA ALA C 152 -18.50 7.09 29.03
C ALA C 152 -17.80 5.94 28.30
N GLN C 153 -17.32 6.19 27.09
CA GLN C 153 -16.57 5.18 26.35
C GLN C 153 -15.14 5.00 26.87
N GLY C 154 -14.69 5.94 27.69
CA GLY C 154 -13.35 5.89 28.23
C GLY C 154 -12.51 7.09 27.82
N THR C 155 -11.20 6.88 27.68
CA THR C 155 -10.24 7.95 27.50
C THR C 155 -9.48 7.81 26.19
N ARG C 156 -9.52 8.83 25.35
CA ARG C 156 -8.75 8.82 24.12
C ARG C 156 -7.33 9.24 24.43
N LEU C 157 -6.36 8.49 23.91
CA LEU C 157 -4.94 8.76 24.15
C LEU C 157 -4.15 8.70 22.85
N ASN C 158 -3.09 9.50 22.76
CA ASN C 158 -2.23 9.58 21.59
C ASN C 158 -0.81 9.21 22.03
N PRO C 159 -0.34 8.01 21.67
CA PRO C 159 0.98 7.60 22.15
C PRO C 159 2.08 8.62 21.85
N SER C 160 2.03 9.27 20.69
CA SER C 160 3.09 10.18 20.29
C SER C 160 3.18 11.41 21.19
N TYR C 161 2.13 11.67 21.96
CA TYR C 161 2.09 12.86 22.84
C TYR C 161 2.89 12.67 24.11
N LEU C 162 3.45 11.48 24.29
CA LEU C 162 4.06 11.12 25.57
C LEU C 162 5.52 10.69 25.43
N PRO C 163 6.41 11.57 24.87
CA PRO C 163 7.79 11.11 24.66
C PRO C 163 8.47 10.72 25.96
N LEU C 164 9.02 9.52 26.00
CA LEU C 164 9.56 8.96 27.23
C LEU C 164 10.73 9.76 27.83
N GLN C 165 11.58 10.34 26.98
CA GLN C 165 12.72 11.16 27.46
C GLN C 165 12.24 12.30 28.35
N LEU C 166 11.12 12.90 28.00
CA LEU C 166 10.61 14.05 28.75
C LEU C 166 10.13 13.60 30.12
N LEU C 167 9.36 12.50 30.13
CA LEU C 167 8.79 11.98 31.36
C LEU C 167 9.88 11.43 32.27
N ASP C 168 10.87 10.79 31.66
CA ASP C 168 12.02 10.28 32.40
C ASP C 168 12.74 11.46 33.05
N ARG C 169 12.95 12.53 32.29
CA ARG C 169 13.57 13.74 32.83
C ARG C 169 12.78 14.33 34.02
N PHE C 170 11.46 14.38 33.87
CA PHE C 170 10.59 14.93 34.92
C PHE C 170 10.64 14.08 36.20
N SER C 171 11.05 12.82 36.06
CA SER C 171 11.23 11.95 37.22
C SER C 171 12.21 12.52 38.21
N ASP C 172 13.18 13.31 37.73
CA ASP C 172 14.12 14.01 38.61
C ASP C 172 13.42 15.06 39.48
N VAL C 173 12.29 15.56 39.03
CA VAL C 173 11.53 16.52 39.86
C VAL C 173 10.75 15.75 40.93
N ASP C 174 10.07 14.68 40.51
CA ASP C 174 9.43 13.78 41.45
C ASP C 174 9.20 12.44 40.76
N PRO C 175 9.40 11.34 41.49
CA PRO C 175 9.29 9.97 40.92
C PRO C 175 7.92 9.68 40.32
N LEU C 176 6.87 10.42 40.71
CA LEU C 176 5.56 10.24 40.10
C LEU C 176 5.64 10.36 38.57
N TRP C 177 6.49 11.27 38.08
CA TRP C 177 6.70 11.40 36.64
C TRP C 177 7.36 10.15 36.02
N GLY C 178 8.18 9.47 36.81
CA GLY C 178 8.83 8.25 36.36
C GLY C 178 7.82 7.11 36.29
N GLU C 179 6.85 7.16 37.20
CA GLU C 179 5.76 6.18 37.21
C GLU C 179 4.83 6.41 36.01
N LEU C 180 4.59 7.69 35.69
CA LEU C 180 3.84 8.01 34.49
C LEU C 180 4.59 7.51 33.24
N ALA C 181 5.91 7.64 33.26
CA ALA C 181 6.77 7.11 32.19
C ALA C 181 6.67 5.60 32.08
N ALA C 182 6.62 4.90 33.21
CA ALA C 182 6.50 3.44 33.20
C ALA C 182 5.12 3.04 32.66
N ASN C 183 4.09 3.78 33.04
CA ASN C 183 2.73 3.53 32.54
C ASN C 183 2.67 3.82 31.05
N THR C 184 3.39 4.85 30.61
CA THR C 184 3.43 5.15 29.18
C THR C 184 4.09 4.02 28.40
N ARG C 185 5.19 3.49 28.93
CA ARG C 185 5.85 2.37 28.27
C ARG C 185 4.88 1.20 28.08
N ARG C 186 4.11 0.90 29.14
CA ARG C 186 3.08 -0.15 29.06
C ARG C 186 1.97 0.19 28.07
N LEU C 187 1.57 1.47 28.02
CA LEU C 187 0.57 1.94 27.06
C LEU C 187 1.07 1.75 25.63
N TRP C 188 2.31 2.17 25.38
CA TRP C 188 2.88 2.08 24.04
C TRP C 188 2.85 0.64 23.55
N LEU C 189 3.36 -0.27 24.36
CA LEU C 189 3.39 -1.71 24.06
C LEU C 189 1.98 -2.25 23.78
N ALA C 190 1.03 -1.90 24.66
CA ALA C 190 -0.34 -2.36 24.55
C ALA C 190 -1.01 -1.88 23.24
N SER C 191 -0.68 -0.65 22.85
CA SER C 191 -1.30 -0.03 21.69
C SER C 191 -0.71 -0.55 20.39
N SER C 192 0.40 -1.29 20.49
CA SER C 192 1.20 -1.66 19.31
C SER C 192 1.45 -3.16 19.18
N PRO C 193 0.38 -3.95 19.05
CA PRO C 193 0.59 -5.40 19.15
C PRO C 193 1.37 -6.01 17.98
N LYS C 194 1.50 -5.31 16.85
CA LYS C 194 2.27 -5.84 15.72
C LYS C 194 3.59 -5.12 15.56
N GLY C 195 3.95 -4.30 16.54
CA GLY C 195 5.19 -3.52 16.44
C GLY C 195 5.03 -2.22 15.66
N PHE C 196 3.78 -1.81 15.42
CA PHE C 196 3.50 -0.52 14.80
C PHE C 196 2.60 0.34 15.69
N ALA C 197 2.92 1.63 15.82
CA ALA C 197 2.11 2.55 16.63
C ALA C 197 0.88 3.09 15.90
N PRO C 198 -0.26 3.19 16.59
CA PRO C 198 -1.41 3.92 16.06
C PRO C 198 -1.28 5.42 16.38
N ASP C 199 -2.02 6.29 15.72
CA ASP C 199 -2.05 7.70 16.09
C ASP C 199 -2.75 7.80 17.43
N TRP C 200 -3.83 7.03 17.57
CA TRP C 200 -4.74 7.18 18.72
C TRP C 200 -5.23 5.83 19.18
N LEU C 201 -5.62 5.73 20.45
CA LEU C 201 -6.41 4.60 20.89
C LEU C 201 -7.37 5.02 21.99
N LEU C 202 -8.34 4.16 22.26
CA LEU C 202 -9.28 4.39 23.34
C LEU C 202 -8.88 3.52 24.52
N TRP C 203 -8.72 4.12 25.69
CA TRP C 203 -8.50 3.32 26.91
C TRP C 203 -9.83 3.13 27.60
N THR C 204 -10.39 1.92 27.52
CA THR C 204 -11.77 1.68 27.96
C THR C 204 -11.92 1.73 29.48
N PRO C 205 -13.16 1.86 29.98
CA PRO C 205 -13.33 1.83 31.43
C PRO C 205 -12.97 0.46 32.03
N ALA C 206 -12.86 -0.57 31.19
CA ALA C 206 -12.43 -1.89 31.64
C ALA C 206 -10.91 -1.96 31.80
N GLY C 207 -10.23 -0.86 31.47
CA GLY C 207 -8.78 -0.80 31.56
C GLY C 207 -8.08 -1.59 30.47
N LYS C 208 -8.61 -1.49 29.26
CA LYS C 208 -8.06 -2.22 28.12
C LYS C 208 -7.94 -1.32 26.89
N PRO C 209 -6.97 -1.60 26.02
CA PRO C 209 -6.82 -0.73 24.86
C PRO C 209 -7.84 -1.12 23.82
N ALA C 210 -8.33 -0.15 23.05
CA ALA C 210 -9.28 -0.42 21.98
C ALA C 210 -9.07 0.59 20.86
N ALA C 211 -9.70 0.34 19.72
CA ALA C 211 -9.54 1.19 18.55
C ALA C 211 -10.06 2.58 18.87
N ASP C 212 -9.37 3.61 18.38
CA ASP C 212 -9.81 4.96 18.68
C ASP C 212 -11.17 5.25 18.09
N THR C 213 -11.96 6.03 18.84
CA THR C 213 -13.33 6.31 18.44
C THR C 213 -13.42 7.08 17.14
N LYS C 214 -12.40 7.89 16.83
CA LYS C 214 -12.40 8.67 15.58
C LYS C 214 -11.50 8.10 14.50
N HIS C 215 -10.33 7.61 14.88
CA HIS C 215 -9.32 7.21 13.89
C HIS C 215 -9.00 5.72 13.85
N GLY C 216 -9.71 4.93 14.65
CA GLY C 216 -9.52 3.49 14.65
C GLY C 216 -8.12 3.09 15.04
N ASN C 217 -7.50 2.27 14.21
CA ASN C 217 -6.16 1.74 14.49
C ASN C 217 -5.12 2.32 13.53
N ALA C 218 -5.52 3.37 12.83
CA ALA C 218 -4.66 3.97 11.83
C ALA C 218 -3.41 4.58 12.48
N GLY C 219 -2.26 4.33 11.87
CA GLY C 219 -1.02 4.97 12.25
C GLY C 219 -0.51 5.76 11.06
N ASP C 220 -0.33 7.06 11.22
CA ASP C 220 0.13 7.92 10.13
C ASP C 220 1.14 8.94 10.63
N TYR C 221 0.87 10.23 10.42
CA TYR C 221 1.81 11.28 10.77
CA TYR C 221 1.81 11.29 10.79
C TYR C 221 2.10 11.38 12.28
N ASP C 222 1.05 11.32 13.11
CA ASP C 222 1.25 11.39 14.57
C ASP C 222 2.08 10.21 15.04
N ALA C 223 1.69 9.01 14.62
CA ALA C 223 2.34 7.76 15.04
C ALA C 223 3.83 7.69 14.71
N ILE C 224 4.23 8.30 13.60
CA ILE C 224 5.63 8.22 13.19
C ILE C 224 6.55 8.78 14.27
N ARG C 225 6.03 9.68 15.10
CA ARG C 225 6.86 10.28 16.13
C ARG C 225 7.19 9.31 17.24
N VAL C 226 6.35 8.29 17.44
CA VAL C 226 6.69 7.25 18.42
C VAL C 226 8.05 6.60 18.11
N TYR C 227 8.28 6.29 16.84
CA TYR C 227 9.53 5.65 16.45
C TYR C 227 10.67 6.61 16.66
N LEU C 228 10.39 7.89 16.46
CA LEU C 228 11.39 8.92 16.63
C LEU C 228 11.81 9.00 18.09
N TRP C 229 10.84 9.07 19.02
CA TRP C 229 11.20 9.14 20.44
C TRP C 229 11.95 7.87 20.86
N VAL C 230 11.46 6.71 20.42
CA VAL C 230 12.06 5.43 20.81
C VAL C 230 13.49 5.35 20.31
N GLY C 231 13.71 5.80 19.08
CA GLY C 231 15.01 5.69 18.45
C GLY C 231 16.05 6.62 19.07
N LEU C 233 16.12 7.29 22.36
CA LEU C 233 16.41 6.87 23.73
C LEU C 233 17.87 6.46 23.84
N ALA C 234 18.54 6.90 24.91
CA ALA C 234 19.92 6.47 25.17
C ALA C 234 19.93 5.01 25.59
N GLU C 235 21.01 4.31 25.26
CA GLU C 235 21.30 3.01 25.85
C GLU C 235 21.30 3.22 27.35
N GLY C 236 20.69 2.32 28.09
CA GLY C 236 20.65 2.53 29.52
C GLY C 236 19.32 3.13 29.97
N ALA C 237 18.59 3.78 29.07
CA ALA C 237 17.25 4.27 29.45
C ALA C 237 16.36 3.07 29.79
N ALA C 238 15.37 3.28 30.66
CA ALA C 238 14.51 2.17 31.10
C ALA C 238 13.81 1.47 29.92
N GLN C 239 13.94 0.15 29.84
CA GLN C 239 13.28 -0.65 28.79
C GLN C 239 13.66 -0.29 27.34
N ARG C 240 14.78 0.38 27.17
CA ARG C 240 15.20 0.84 25.85
C ARG C 240 15.35 -0.33 24.83
N ARG C 241 16.07 -1.37 25.19
CA ARG C 241 16.27 -2.46 24.24
C ARG C 241 14.95 -3.17 23.95
N GLU C 242 14.10 -3.32 24.97
CA GLU C 242 12.79 -3.94 24.76
C GLU C 242 11.95 -3.06 23.83
N LEU C 243 12.01 -1.75 24.02
CA LEU C 243 11.22 -0.86 23.18
C LEU C 243 11.74 -0.82 21.74
N VAL C 244 13.06 -0.73 21.58
CA VAL C 244 13.66 -0.76 20.25
C VAL C 244 13.31 -2.07 19.52
N ALA C 245 13.43 -3.20 20.22
CA ALA C 245 13.10 -4.48 19.64
C ALA C 245 11.60 -4.56 19.32
N HIS C 246 10.77 -3.96 20.17
CA HIS C 246 9.33 -4.06 19.98
C HIS C 246 8.91 -3.42 18.66
N TYR C 247 9.54 -2.31 18.34
CA TYR C 247 9.18 -1.53 17.16
C TYR C 247 10.09 -1.85 15.97
N ALA C 248 10.89 -2.90 16.08
CA ALA C 248 11.64 -3.43 14.93
C ALA C 248 10.86 -3.61 13.62
N PRO C 249 9.58 -4.05 13.67
CA PRO C 249 8.92 -4.24 12.38
C PRO C 249 8.85 -2.99 11.49
N ALA C 251 11.19 -0.57 11.37
CA ALA C 251 12.53 -0.45 10.80
C ALA C 251 12.76 -1.51 9.75
N ALA C 252 12.29 -2.74 10.01
CA ALA C 252 12.54 -3.85 9.08
C ALA C 252 11.75 -3.65 7.79
N LEU C 253 10.53 -3.15 7.92
CA LEU C 253 9.71 -2.86 6.75
C LEU C 253 10.34 -1.77 5.88
N THR C 254 10.72 -0.69 6.53
CA THR C 254 11.37 0.43 5.86
C THR C 254 12.62 -0.07 5.15
N GLN C 255 13.41 -0.90 5.83
CA GLN C 255 14.60 -1.47 5.20
C GLN C 255 14.27 -2.37 3.99
N ARG C 256 13.27 -3.24 4.15
CA ARG C 256 12.89 -4.19 3.10
C ARG C 256 12.39 -3.49 1.83
N GLN C 257 11.57 -2.47 2.00
CA GLN C 257 10.90 -1.79 0.89
C GLN C 257 11.73 -0.65 0.30
N GLY C 258 12.74 -0.19 1.04
CA GLY C 258 13.60 0.87 0.56
C GLY C 258 13.06 2.27 0.87
N LEU C 259 11.87 2.31 1.46
CA LEU C 259 11.22 3.57 1.83
C LEU C 259 10.31 3.29 3.01
N PRO C 260 10.04 4.30 3.85
CA PRO C 260 9.08 4.04 4.92
C PRO C 260 7.67 3.95 4.36
N PRO C 261 6.78 3.23 5.06
CA PRO C 261 5.39 3.19 4.60
C PRO C 261 4.71 4.52 4.87
N GLU C 262 3.60 4.80 4.19
CA GLU C 262 2.84 6.01 4.46
C GLU C 262 1.79 5.79 5.56
N HIS C 263 0.99 4.72 5.42
CA HIS C 263 -0.07 4.41 6.37
C HIS C 263 0.12 3.02 6.96
N LEU C 264 -0.16 2.90 8.26
CA LEU C 264 -0.13 1.63 8.96
C LEU C 264 -1.49 1.39 9.60
N ASP C 265 -1.89 0.13 9.71
CA ASP C 265 -2.97 -0.26 10.61
C ASP C 265 -2.31 -1.02 11.77
N ALA C 266 -2.45 -0.50 12.99
CA ALA C 266 -1.73 -1.03 14.16
C ALA C 266 -2.24 -2.40 14.62
N ARG C 267 -3.49 -2.72 14.29
CA ARG C 267 -4.08 -3.99 14.70
C ARG C 267 -3.75 -5.13 13.75
N SER C 268 -3.76 -4.85 12.44
CA SER C 268 -3.50 -5.88 11.43
C SER C 268 -2.02 -5.90 11.06
N GLY C 269 -1.34 -4.79 11.32
CA GLY C 269 0.05 -4.65 10.90
C GLY C 269 0.20 -4.46 9.41
N GLU C 270 -0.91 -4.22 8.70
CA GLU C 270 -0.86 -4.02 7.24
C GLU C 270 -0.43 -2.61 6.93
N ALA C 271 0.54 -2.46 6.00
CA ALA C 271 1.06 -1.16 5.64
C ALA C 271 0.72 -0.84 4.19
N ARG C 272 0.62 0.44 3.85
CA ARG C 272 0.49 0.82 2.45
C ARG C 272 1.13 2.17 2.14
N GLY C 273 1.50 2.36 0.88
CA GLY C 273 2.03 3.63 0.40
C GLY C 273 3.47 3.84 0.82
N HIS C 274 4.06 4.92 0.33
CA HIS C 274 5.42 5.31 0.70
C HIS C 274 5.35 6.66 1.37
N GLY C 275 5.90 6.77 2.57
CA GLY C 275 5.81 8.00 3.32
C GLY C 275 6.72 9.08 2.76
N PRO C 276 6.51 10.34 3.17
CA PRO C 276 7.32 11.42 2.62
C PRO C 276 8.70 11.49 3.27
N ALA C 277 9.54 12.40 2.79
CA ALA C 277 10.91 12.51 3.28
C ALA C 277 10.96 12.75 4.78
N GLY C 278 9.95 13.45 5.32
CA GLY C 278 9.88 13.69 6.74
C GLY C 278 9.88 12.40 7.56
N PHE C 279 9.23 11.36 7.02
CA PHE C 279 9.15 10.07 7.69
C PHE C 279 10.52 9.40 7.73
N SER C 280 11.28 9.56 6.65
CA SER C 280 12.65 9.02 6.60
C SER C 280 13.48 9.66 7.70
N ALA C 281 13.35 10.97 7.84
CA ALA C 281 14.11 11.69 8.86
C ALA C 281 13.69 11.21 10.23
N ALA C 282 12.38 11.00 10.43
CA ALA C 282 11.88 10.61 11.75
C ALA C 282 12.37 9.22 12.15
N LEU C 283 12.71 8.41 11.15
CA LEU C 283 13.14 7.03 11.38
C LEU C 283 14.66 6.84 11.53
N LEU C 284 15.44 7.87 11.18
CA LEU C 284 16.89 7.72 11.26
C LEU C 284 17.37 7.27 12.66
N PRO C 285 16.81 7.83 13.74
CA PRO C 285 17.36 7.31 15.01
C PRO C 285 17.02 5.85 15.26
N LEU C 286 15.81 5.41 14.96
CA LEU C 286 15.46 4.01 15.15
C LEU C 286 16.28 3.10 14.24
N LEU C 287 16.51 3.53 13.00
CA LEU C 287 17.32 2.71 12.08
C LEU C 287 18.77 2.53 12.55
N ALA C 288 19.31 3.54 13.24
CA ALA C 288 20.69 3.48 13.75
C ALA C 288 20.77 2.74 15.09
N ALA C 289 19.62 2.42 15.69
CA ALA C 289 19.60 1.81 17.04
C ALA C 289 19.97 0.33 17.08
N SER C 290 19.99 -0.33 15.92
CA SER C 290 20.28 -1.78 15.87
C SER C 290 21.12 -2.09 14.64
N PRO C 291 22.16 -2.90 14.82
CA PRO C 291 23.09 -3.23 13.74
C PRO C 291 22.40 -3.83 12.52
N GLU C 292 21.35 -4.62 12.75
CA GLU C 292 20.70 -5.31 11.63
C GLU C 292 19.91 -4.36 10.73
N HIS C 293 19.76 -3.11 11.14
CA HIS C 293 19.02 -2.15 10.32
C HIS C 293 19.94 -1.13 9.64
N VAL C 294 21.21 -1.48 9.52
CA VAL C 294 22.20 -0.53 9.00
C VAL C 294 21.97 -0.22 7.51
N ALA C 295 21.53 -1.22 6.74
CA ALA C 295 21.18 -0.99 5.34
C ALA C 295 20.08 0.06 5.22
N GLY C 296 19.09 -0.03 6.11
CA GLY C 296 18.01 0.93 6.13
C GLY C 296 18.45 2.32 6.53
N LEU C 297 19.33 2.39 7.53
CA LEU C 297 19.93 3.66 7.93
C LEU C 297 20.59 4.31 6.71
N ALA C 298 21.43 3.56 6.01
CA ALA C 298 22.15 4.09 4.85
C ALA C 298 21.18 4.56 3.75
N ALA C 299 20.17 3.74 3.47
CA ALA C 299 19.22 4.05 2.40
C ALA C 299 18.34 5.29 2.71
N GLN C 300 17.97 5.47 3.97
CA GLN C 300 17.12 6.61 4.29
C GLN C 300 17.93 7.91 4.36
N ARG C 301 19.18 7.83 4.82
CA ARG C 301 20.09 8.95 4.71
C ARG C 301 20.27 9.36 3.25
N GLN C 302 20.52 8.37 2.39
CA GLN C 302 20.69 8.65 0.97
CA GLN C 302 20.68 8.63 0.96
C GLN C 302 19.43 9.30 0.37
N ARG C 303 18.25 8.77 0.71
CA ARG C 303 17.01 9.37 0.22
C ARG C 303 16.98 10.84 0.58
N LEU C 304 17.37 11.17 1.82
CA LEU C 304 17.33 12.57 2.27
C LEU C 304 18.34 13.47 1.56
N ARG C 305 19.53 12.98 1.25
CA ARG C 305 20.46 13.89 0.60
C ARG C 305 20.18 14.02 -0.89
N GLU C 306 19.43 13.06 -1.43
CA GLU C 306 19.13 13.05 -2.86
C GLU C 306 18.08 14.07 -3.27
N GLN C 307 17.16 14.39 -2.37
CA GLN C 307 16.09 15.34 -2.69
C GLN C 307 16.61 16.68 -3.18
N PRO C 308 16.04 17.20 -4.28
CA PRO C 308 16.49 18.46 -4.91
C PRO C 308 16.22 19.68 -4.03
N VAL C 309 15.19 19.60 -3.20
CA VAL C 309 14.86 20.68 -2.28
C VAL C 309 14.29 20.08 -0.99
N GLU C 310 14.53 20.74 0.14
CA GLU C 310 13.86 20.33 1.38
C GLU C 310 12.47 20.94 1.41
N ALA C 311 11.47 20.14 1.79
CA ALA C 311 10.11 20.67 1.89
C ALA C 311 10.11 21.83 2.88
N LYS C 312 9.31 22.85 2.62
CA LYS C 312 9.20 23.99 3.51
C LYS C 312 8.01 23.84 4.46
N ALA C 313 7.23 22.78 4.27
CA ALA C 313 6.03 22.57 5.10
C ALA C 313 6.44 22.34 6.54
N TYR C 314 5.67 22.94 7.43
CA TYR C 314 5.94 22.89 8.86
C TYR C 314 6.16 21.45 9.35
N TYR C 315 5.26 20.55 8.96
CA TYR C 315 5.26 19.21 9.55
C TYR C 315 6.51 18.41 9.18
N SER C 316 6.94 18.51 7.94
CA SER C 316 8.19 17.85 7.54
C SER C 316 9.41 18.57 8.10
N GLN C 317 9.36 19.89 8.26
CA GLN C 317 10.53 20.59 8.81
C GLN C 317 10.78 20.15 10.24
N VAL C 318 9.72 20.00 11.04
CA VAL C 318 9.94 19.55 12.42
C VAL C 318 10.46 18.11 12.52
N LEU C 319 10.00 17.21 11.64
CA LEU C 319 10.51 15.85 11.66
C LEU C 319 12.01 15.87 11.30
N ALA C 320 12.40 16.70 10.35
CA ALA C 320 13.80 16.81 9.93
C ALA C 320 14.69 17.40 11.01
N LEU C 321 14.24 18.48 11.66
CA LEU C 321 15.06 19.09 12.72
C LEU C 321 15.26 18.10 13.86
N PHE C 322 14.21 17.35 14.21
CA PHE C 322 14.35 16.34 15.26
C PHE C 322 15.26 15.21 14.77
N GLY C 323 14.86 14.57 13.67
CA GLY C 323 15.46 13.29 13.27
C GLY C 323 16.80 13.43 12.58
N GLN C 324 16.87 14.33 11.61
CA GLN C 324 18.15 14.65 10.98
C GLN C 324 19.07 15.39 11.93
N GLY C 325 18.52 16.25 12.77
CA GLY C 325 19.31 16.90 13.79
C GLY C 325 20.04 15.88 14.67
N PHE C 326 19.34 14.83 15.08
CA PHE C 326 19.92 13.75 15.90
C PHE C 326 20.97 13.00 15.08
N ASP C 327 20.63 12.69 13.85
CA ASP C 327 21.52 11.90 12.99
C ASP C 327 22.79 12.67 12.64
N GLU C 328 22.66 13.99 12.59
CA GLU C 328 23.81 14.84 12.34
C GLU C 328 24.62 15.15 13.60
N ALA C 329 24.27 14.52 14.72
CA ALA C 329 25.03 14.65 15.97
C ALA C 329 24.93 16.06 16.56
N ARG C 330 23.74 16.67 16.51
CA ARG C 330 23.55 17.99 17.05
C ARG C 330 23.11 17.89 18.50
N TYR C 331 22.62 16.71 18.89
CA TYR C 331 22.21 16.51 20.27
C TYR C 331 21.98 15.03 20.55
N ARG C 332 21.99 14.68 21.83
CA ARG C 332 21.60 13.35 22.30
C ARG C 332 20.74 13.53 23.56
N PHE C 333 20.16 12.44 24.06
CA PHE C 333 19.57 12.41 25.40
C PHE C 333 20.38 11.44 26.24
N ASP C 334 20.57 11.73 27.54
CA ASP C 334 21.21 10.76 28.43
C ASP C 334 20.14 9.75 28.92
N PRO C 335 20.55 8.70 29.65
CA PRO C 335 19.55 7.67 30.03
C PRO C 335 18.36 8.21 30.82
N HIS C 336 18.53 9.34 31.50
CA HIS C 336 17.43 9.92 32.27
C HIS C 336 16.72 11.05 31.56
N GLY C 337 16.98 11.19 30.27
CA GLY C 337 16.23 12.12 29.44
C GLY C 337 16.78 13.53 29.43
N ARG C 338 17.95 13.74 30.02
CA ARG C 338 18.60 15.05 30.01
C ARG C 338 19.14 15.36 28.62
N LEU C 339 18.97 16.59 28.17
CA LEU C 339 19.42 16.98 26.84
C LEU C 339 20.93 17.11 26.84
N LEU C 340 21.59 16.51 25.84
CA LEU C 340 23.02 16.71 25.63
C LEU C 340 23.27 17.35 24.27
N PRO C 341 23.29 18.69 24.22
CA PRO C 341 23.54 19.38 22.95
C PRO C 341 25.02 19.36 22.61
N ALA C 342 25.33 19.39 21.31
CA ALA C 342 26.71 19.35 20.85
C ALA C 342 27.49 20.60 21.25
N TRP C 343 26.79 21.72 21.44
CA TRP C 343 27.46 22.98 21.79
C TRP C 343 27.86 23.04 23.27
N SER C 344 27.25 22.22 24.09
CA SER C 344 27.51 22.24 25.53
C SER C 344 28.75 21.39 25.83
N ASN D 2 5.23 18.71 80.08
CA ASN D 2 5.72 17.91 78.95
C ASN D 2 4.62 17.04 78.32
N ALA D 3 3.94 16.27 79.17
CA ALA D 3 2.90 15.34 78.70
C ALA D 3 1.60 16.07 78.29
N TRP D 4 0.90 15.47 77.35
CA TRP D 4 -0.42 15.94 76.91
C TRP D 4 -1.41 14.88 77.36
N PRO D 5 -2.05 15.09 78.52
CA PRO D 5 -2.93 14.08 79.15
C PRO D 5 -4.02 13.55 78.22
N ALA D 6 -4.69 14.43 77.50
CA ALA D 6 -5.77 14.00 76.62
C ALA D 6 -5.24 13.10 75.49
N TRP D 7 -4.05 13.42 75.00
CA TRP D 7 -3.38 12.59 74.00
C TRP D 7 -2.97 11.23 74.59
N GLU D 8 -2.52 11.22 75.85
CA GLU D 8 -2.19 9.96 76.51
C GLU D 8 -3.43 9.08 76.62
N ARG D 9 -4.52 9.67 77.08
CA ARG D 9 -5.80 8.96 77.16
C ARG D 9 -6.26 8.45 75.80
N PHE D 10 -6.10 9.29 74.78
CA PHE D 10 -6.51 8.90 73.42
C PHE D 10 -5.78 7.64 72.97
N LYS D 11 -4.48 7.59 73.22
CA LYS D 11 -3.67 6.45 72.81
C LYS D 11 -4.11 5.21 73.56
N ALA D 12 -4.33 5.37 74.87
CA ALA D 12 -4.67 4.23 75.70
C ALA D 12 -6.01 3.63 75.30
N GLU D 13 -6.96 4.47 74.88
CA GLU D 13 -8.32 4.00 74.64
C GLU D 13 -8.62 3.67 73.18
N LEU D 14 -7.92 4.31 72.26
CA LEU D 14 -8.31 4.22 70.85
C LEU D 14 -7.19 3.84 69.89
N VAL D 15 -5.95 3.80 70.37
CA VAL D 15 -4.84 3.45 69.49
C VAL D 15 -4.30 2.04 69.81
N SER D 16 -4.41 1.12 68.85
CA SER D 16 -3.95 -0.25 69.06
C SER D 16 -2.44 -0.31 69.21
N VAL D 17 -1.95 -1.43 69.72
CA VAL D 17 -0.52 -1.64 69.90
C VAL D 17 0.24 -1.53 68.57
N ASP D 18 -0.38 -1.95 67.46
CA ASP D 18 0.32 -1.89 66.19
C ASP D 18 0.02 -0.63 65.38
N GLY D 19 -0.64 0.34 66.01
CA GLY D 19 -0.67 1.69 65.47
C GLY D 19 -1.89 2.09 64.66
N ARG D 20 -3.04 1.50 64.96
CA ARG D 20 -4.28 1.90 64.29
C ARG D 20 -5.25 2.57 65.25
N VAL D 21 -5.94 3.58 64.73
CA VAL D 21 -6.95 4.32 65.47
C VAL D 21 -8.29 3.64 65.26
N ILE D 22 -8.91 3.22 66.35
CA ILE D 22 -10.15 2.47 66.28
C ILE D 22 -11.33 3.36 66.63
N ASP D 23 -12.40 3.22 65.86
CA ASP D 23 -13.69 3.80 66.22
C ASP D 23 -14.56 2.64 66.70
N PRO D 24 -14.77 2.53 68.02
CA PRO D 24 -15.58 1.46 68.63
C PRO D 24 -17.09 1.61 68.39
N SER D 25 -17.52 2.75 67.86
CA SER D 25 -18.94 2.97 67.61
C SER D 25 -19.41 2.13 66.42
N ASP D 26 -18.48 1.73 65.56
CA ASP D 26 -18.78 0.85 64.44
C ASP D 26 -18.55 -0.59 64.88
N GLU D 27 -19.53 -1.45 64.65
CA GLU D 27 -19.45 -2.85 65.08
C GLU D 27 -18.24 -3.57 64.44
N ARG D 28 -17.84 -3.09 63.26
CA ARG D 28 -16.68 -3.63 62.56
C ARG D 28 -15.32 -3.22 63.17
N LEU D 29 -15.35 -2.41 64.22
CA LEU D 29 -14.12 -1.87 64.84
C LEU D 29 -13.19 -1.26 63.77
N ILE D 30 -13.71 -0.26 63.06
CA ILE D 30 -13.05 0.27 61.88
C ILE D 30 -11.91 1.22 62.20
N THR D 31 -11.01 1.35 61.23
CA THR D 31 -10.05 2.45 61.19
C THR D 31 -10.34 3.21 59.90
N THR D 32 -10.26 4.55 59.95
CA THR D 32 -10.31 5.36 58.74
C THR D 32 -8.97 6.03 58.46
N SER D 33 -8.74 6.46 57.22
CA SER D 33 -7.52 7.21 56.94
C SER D 33 -7.57 8.55 57.69
N GLU D 34 -8.77 9.06 57.92
CA GLU D 34 -8.94 10.28 58.72
C GLU D 34 -8.36 10.09 60.11
N GLY D 35 -8.78 9.02 60.79
CA GLY D 35 -8.30 8.73 62.14
C GLY D 35 -6.78 8.66 62.18
N GLN D 36 -6.19 7.96 61.20
CA GLN D 36 -4.73 7.86 61.11
C GLN D 36 -4.13 9.25 60.93
N SER D 37 -4.73 10.03 60.04
CA SER D 37 -4.15 11.33 59.70
C SER D 37 -4.24 12.28 60.89
N TYR D 38 -5.37 12.27 61.59
CA TYR D 38 -5.53 13.09 62.78
C TYR D 38 -4.52 12.70 63.87
N ALA D 39 -4.39 11.38 64.09
CA ALA D 39 -3.50 10.89 65.14
C ALA D 39 -2.03 11.22 64.83
N LEU D 40 -1.68 11.23 63.55
CA LEU D 40 -0.33 11.62 63.15
C LEU D 40 -0.07 13.07 63.53
N PHE D 41 -1.05 13.94 63.28
CA PHE D 41 -0.95 15.33 63.64
C PHE D 41 -0.82 15.47 65.16
N PHE D 42 -1.67 14.76 65.90
CA PHE D 42 -1.64 14.87 67.36
C PHE D 42 -0.30 14.39 67.93
N ALA D 43 0.23 13.31 67.34
CA ALA D 43 1.52 12.77 67.77
C ALA D 43 2.62 13.81 67.59
N LEU D 44 2.58 14.54 66.48
CA LEU D 44 3.56 15.60 66.22
C LEU D 44 3.40 16.74 67.24
N VAL D 45 2.16 17.16 67.45
CA VAL D 45 1.85 18.16 68.47
C VAL D 45 2.30 17.72 69.86
N GLY D 46 2.19 16.43 70.15
CA GLY D 46 2.57 15.92 71.48
C GLY D 46 4.05 15.58 71.58
N ASN D 47 4.78 15.79 70.50
CA ASN D 47 6.23 15.50 70.44
C ASN D 47 6.46 14.01 70.70
N ASP D 48 5.65 13.19 70.02
CA ASP D 48 5.63 11.75 70.26
C ASP D 48 6.14 11.02 69.02
N ARG D 49 7.46 10.93 68.89
CA ARG D 49 8.09 10.33 67.71
C ARG D 49 7.76 8.85 67.56
N GLN D 50 7.67 8.15 68.68
CA GLN D 50 7.43 6.71 68.69
C GLN D 50 6.03 6.41 68.15
N THR D 51 5.02 7.08 68.68
CA THR D 51 3.67 6.86 68.19
C THR D 51 3.51 7.33 66.75
N PHE D 52 4.16 8.43 66.41
CA PHE D 52 4.07 8.94 65.03
C PHE D 52 4.55 7.85 64.06
N ALA D 53 5.72 7.26 64.35
CA ALA D 53 6.31 6.26 63.47
C ALA D 53 5.43 5.01 63.38
N GLN D 54 4.83 4.63 64.50
CA GLN D 54 3.98 3.43 64.54
C GLN D 54 2.69 3.65 63.72
N LEU D 55 2.06 4.80 63.90
CA LEU D 55 0.88 5.19 63.13
C LEU D 55 1.21 5.18 61.64
N LEU D 56 2.34 5.75 61.29
CA LEU D 56 2.70 5.92 59.90
C LEU D 56 2.94 4.55 59.26
N ARG D 57 3.51 3.65 60.05
CA ARG D 57 3.81 2.30 59.61
C ARG D 57 2.52 1.51 59.35
N TRP D 58 1.59 1.58 60.30
CA TRP D 58 0.31 0.91 60.11
C TRP D 58 -0.42 1.46 58.87
N THR D 59 -0.46 2.78 58.75
CA THR D 59 -1.12 3.43 57.62
C THR D 59 -0.51 2.91 56.33
N SER D 60 0.81 2.88 56.27
CA SER D 60 1.52 2.48 55.08
C SER D 60 1.20 1.03 54.66
N ASN D 61 1.33 0.11 55.61
CA ASN D 61 1.16 -1.30 55.33
C ASN D 61 -0.28 -1.71 55.10
N ASN D 62 -1.22 -1.07 55.77
CA ASN D 62 -2.59 -1.55 55.70
C ASN D 62 -3.51 -0.74 54.80
N LEU D 63 -3.23 0.55 54.66
CA LEU D 63 -4.08 1.41 53.83
C LEU D 63 -3.45 1.72 52.46
N ALA D 64 -2.13 1.60 52.36
CA ALA D 64 -1.42 2.08 51.18
C ALA D 64 -0.51 1.04 50.57
N GLU D 65 -0.84 -0.24 50.75
CA GLU D 65 -0.07 -1.34 50.18
C GLU D 65 1.43 -1.30 50.47
N GLY D 66 1.81 -0.77 51.62
CA GLY D 66 3.22 -0.77 51.98
C GLY D 66 4.02 0.47 51.57
N ASP D 67 3.41 1.40 50.85
CA ASP D 67 4.16 2.61 50.43
C ASP D 67 3.26 3.82 50.11
N LEU D 68 3.27 4.79 51.01
CA LEU D 68 2.46 5.99 50.79
C LEU D 68 2.98 6.83 49.63
N ALA D 69 4.21 6.58 49.20
CA ALA D 69 4.77 7.26 48.04
C ALA D 69 4.21 6.70 46.73
N ARG D 70 3.54 5.55 46.80
CA ARG D 70 3.01 4.90 45.60
C ARG D 70 1.47 4.82 45.59
N HIS D 71 0.86 5.03 46.75
CA HIS D 71 -0.61 4.91 46.87
C HIS D 71 -1.19 5.88 47.89
N LEU D 72 -2.26 6.58 47.50
CA LEU D 72 -3.04 7.34 48.47
C LEU D 72 -3.77 6.31 49.32
N PRO D 73 -3.92 6.58 50.62
CA PRO D 73 -4.46 5.50 51.45
C PRO D 73 -5.95 5.22 51.24
N ALA D 74 -6.33 3.94 51.25
CA ALA D 74 -7.72 3.52 51.35
C ALA D 74 -8.35 4.18 52.59
N TRP D 75 -9.61 4.58 52.49
CA TRP D 75 -10.22 5.36 53.57
C TRP D 75 -10.82 4.54 54.69
N LEU D 76 -11.17 3.29 54.40
CA LEU D 76 -11.89 2.46 55.34
C LEU D 76 -11.29 1.06 55.50
N TRP D 77 -11.04 0.67 56.74
CA TRP D 77 -10.40 -0.61 57.05
C TRP D 77 -11.10 -1.19 58.27
N GLY D 78 -11.30 -2.51 58.28
CA GLY D 78 -11.98 -3.12 59.41
C GLY D 78 -12.32 -4.57 59.18
N ARG D 79 -13.22 -5.08 60.00
CA ARG D 79 -13.62 -6.48 59.91
C ARG D 79 -14.59 -6.67 58.76
N ASP D 80 -14.35 -7.68 57.94
CA ASP D 80 -15.23 -8.05 56.84
C ASP D 80 -15.76 -9.42 57.10
N GLY D 81 -16.98 -9.49 57.64
CA GLY D 81 -17.56 -10.75 58.06
C GLY D 81 -17.04 -11.14 59.42
N GLN D 82 -16.50 -12.35 59.52
CA GLN D 82 -15.97 -12.83 60.79
C GLN D 82 -14.47 -13.09 60.72
N GLN D 83 -13.73 -12.40 61.59
CA GLN D 83 -12.29 -12.60 61.77
C GLN D 83 -11.42 -12.29 60.55
N GLN D 84 -12.00 -11.69 59.51
CA GLN D 84 -11.22 -11.21 58.39
C GLN D 84 -11.04 -9.69 58.50
N TRP D 85 -9.80 -9.23 58.63
CA TRP D 85 -9.52 -7.80 58.74
C TRP D 85 -8.84 -7.32 57.47
N GLN D 86 -9.40 -6.29 56.84
CA GLN D 86 -8.93 -5.89 55.52
C GLN D 86 -9.49 -4.54 55.12
N VAL D 87 -8.94 -3.98 54.05
CA VAL D 87 -9.50 -2.79 53.44
C VAL D 87 -10.97 -3.06 53.13
N LEU D 88 -11.86 -2.15 53.50
CA LEU D 88 -13.28 -2.32 53.28
C LEU D 88 -13.74 -1.46 52.10
N ASP D 89 -12.95 -0.42 51.81
CA ASP D 89 -13.17 0.44 50.65
C ASP D 89 -11.82 1.04 50.25
N ALA D 90 -11.33 0.69 49.07
CA ALA D 90 -9.99 1.10 48.64
C ALA D 90 -9.91 2.56 48.16
N ASN D 91 -11.06 3.18 47.92
CA ASN D 91 -11.11 4.59 47.53
C ASN D 91 -10.50 5.48 48.63
N ASN D 92 -9.83 6.55 48.25
CA ASN D 92 -9.24 7.46 49.24
C ASN D 92 -10.23 8.53 49.72
N ALA D 93 -9.90 9.19 50.83
CA ALA D 93 -10.65 10.37 51.25
C ALA D 93 -9.63 11.50 51.32
N SER D 94 -9.83 12.55 50.53
CA SER D 94 -8.75 13.52 50.36
C SER D 94 -8.48 14.35 51.60
N ASP D 95 -9.46 14.49 52.51
CA ASP D 95 -9.16 15.23 53.73
C ASP D 95 -8.03 14.55 54.50
N ALA D 96 -8.08 13.23 54.54
CA ALA D 96 -7.05 12.46 55.26
C ALA D 96 -5.70 12.54 54.56
N ASP D 97 -5.73 12.48 53.23
CA ASP D 97 -4.52 12.58 52.45
C ASP D 97 -3.80 13.89 52.77
N LEU D 98 -4.54 15.00 52.81
CA LEU D 98 -3.94 16.31 53.12
C LEU D 98 -3.30 16.34 54.51
N TRP D 99 -4.03 15.89 55.52
CA TRP D 99 -3.51 15.85 56.89
C TRP D 99 -2.27 14.95 57.01
N ILE D 100 -2.22 13.84 56.29
CA ILE D 100 -1.02 12.99 56.30
C ILE D 100 0.16 13.73 55.63
N ALA D 101 -0.06 14.26 54.43
CA ALA D 101 1.01 15.01 53.77
C ALA D 101 1.48 16.18 54.65
N TYR D 102 0.54 16.92 55.23
CA TYR D 102 0.90 18.06 56.09
C TYR D 102 1.70 17.63 57.34
N SER D 103 1.23 16.59 58.03
CA SER D 103 1.88 16.13 59.24
C SER D 103 3.31 15.66 58.92
N LEU D 104 3.49 15.04 57.76
CA LEU D 104 4.82 14.59 57.33
C LEU D 104 5.75 15.74 57.01
N LEU D 105 5.27 16.76 56.30
CA LEU D 105 6.11 17.93 56.03
C LEU D 105 6.49 18.63 57.34
N GLU D 106 5.54 18.76 58.23
CA GLU D 106 5.79 19.49 59.47
C GLU D 106 6.66 18.66 60.42
N ALA D 107 6.42 17.35 60.49
CA ALA D 107 7.31 16.48 61.27
C ALA D 107 8.72 16.46 60.69
N GLY D 108 8.84 16.38 59.36
CA GLY D 108 10.16 16.45 58.74
C GLY D 108 10.91 17.74 59.12
N ARG D 109 10.21 18.85 59.16
CA ARG D 109 10.84 20.12 59.53
C ARG D 109 11.13 20.16 61.04
N LEU D 110 10.11 19.90 61.85
CA LEU D 110 10.20 20.08 63.31
C LEU D 110 11.08 19.04 64.00
N TRP D 111 11.13 17.83 63.47
CA TRP D 111 11.99 16.81 64.05
C TRP D 111 13.28 16.62 63.26
N ASP D 112 13.47 17.40 62.21
CA ASP D 112 14.65 17.25 61.33
C ASP D 112 14.75 15.83 60.79
N GLN D 113 13.73 15.40 60.05
CA GLN D 113 13.62 14.05 59.51
C GLN D 113 13.35 14.15 58.00
N PRO D 114 14.40 14.26 57.20
CA PRO D 114 14.32 14.40 55.73
C PRO D 114 13.40 13.37 55.06
N ALA D 115 13.36 12.13 55.57
CA ALA D 115 12.53 11.10 54.94
C ALA D 115 11.05 11.45 55.06
N TYR D 116 10.66 12.12 56.14
CA TYR D 116 9.27 12.56 56.28
C TYR D 116 8.97 13.68 55.31
N THR D 117 9.87 14.65 55.21
CA THR D 117 9.75 15.73 54.25
C THR D 117 9.58 15.19 52.83
N GLN D 118 10.46 14.27 52.44
CA GLN D 118 10.39 13.69 51.10
C GLN D 118 9.07 12.97 50.84
N LEU D 119 8.66 12.15 51.79
CA LEU D 119 7.38 11.45 51.70
C LEU D 119 6.17 12.40 51.59
N GLY D 120 6.17 13.49 52.36
CA GLY D 120 5.09 14.46 52.25
C GLY D 120 5.03 15.06 50.85
N GLN D 121 6.19 15.37 50.29
CA GLN D 121 6.29 15.90 48.94
C GLN D 121 5.78 14.89 47.88
N HIS D 122 6.16 13.63 48.00
CA HIS D 122 5.63 12.61 47.07
C HIS D 122 4.11 12.51 47.16
N LEU D 123 3.57 12.63 48.38
CA LEU D 123 2.11 12.66 48.54
C LEU D 123 1.48 13.85 47.83
N LEU D 124 2.04 15.04 48.01
CA LEU D 124 1.50 16.22 47.34
C LEU D 124 1.44 16.02 45.81
N TRP D 125 2.52 15.47 45.22
CA TRP D 125 2.51 15.22 43.79
C TRP D 125 1.38 14.28 43.40
N ARG D 126 1.19 13.22 44.19
CA ARG D 126 0.17 12.23 43.88
C ARG D 126 -1.24 12.80 44.09
N ILE D 127 -1.39 13.61 45.14
CA ILE D 127 -2.68 14.25 45.38
C ILE D 127 -3.04 15.15 44.19
N ALA D 128 -2.06 15.94 43.72
CA ALA D 128 -2.31 16.81 42.56
C ALA D 128 -2.70 15.96 41.34
N ALA D 129 -1.91 14.92 41.08
CA ALA D 129 -2.12 14.06 39.91
C ALA D 129 -3.47 13.34 39.90
N GLN D 130 -3.88 12.82 41.05
CA GLN D 130 -5.02 11.91 41.07
C GLN D 130 -6.31 12.60 41.55
N THR D 131 -6.19 13.55 42.45
CA THR D 131 -7.34 14.07 43.16
C THR D 131 -7.75 15.48 42.77
N VAL D 132 -6.86 16.24 42.14
CA VAL D 132 -7.18 17.62 41.82
C VAL D 132 -7.81 17.70 40.44
N ARG D 133 -8.71 18.67 40.24
CA ARG D 133 -9.29 18.95 38.93
C ARG D 133 -9.36 20.45 38.73
N LYS D 134 -9.43 20.87 37.47
CA LYS D 134 -9.78 22.25 37.15
C LYS D 134 -11.28 22.32 36.94
N LEU D 135 -12.00 22.99 37.85
CA LEU D 135 -13.46 23.06 37.76
C LEU D 135 -13.93 24.41 37.19
N PRO D 136 -15.04 24.39 36.43
CA PRO D 136 -15.50 25.63 35.77
C PRO D 136 -15.89 26.74 36.76
N GLY D 137 -15.44 27.97 36.50
CA GLY D 137 -15.72 29.10 37.38
C GLY D 137 -15.13 29.00 38.78
N LEU D 138 -14.18 28.08 38.96
CA LEU D 138 -13.57 27.91 40.27
C LEU D 138 -12.05 27.75 40.16
N GLY D 139 -11.61 27.02 39.14
CA GLY D 139 -10.18 26.77 38.92
C GLY D 139 -9.77 25.45 39.56
N VAL D 140 -8.48 25.29 39.85
CA VAL D 140 -8.04 24.04 40.49
C VAL D 140 -8.70 23.85 41.84
N LEU D 142 -9.62 20.42 44.89
CA LEU D 142 -9.46 19.05 45.34
C LEU D 142 -10.81 18.33 45.40
N LEU D 143 -10.91 17.18 44.75
CA LEU D 143 -12.11 16.34 44.89
C LEU D 143 -12.08 15.73 46.28
N PRO D 144 -13.23 15.28 46.79
CA PRO D 144 -13.27 14.59 48.08
C PRO D 144 -12.61 13.20 48.03
N GLY D 145 -12.34 12.69 46.83
CA GLY D 145 -11.75 11.38 46.64
C GLY D 145 -11.51 11.10 45.17
N ASP D 146 -10.67 10.12 44.85
CA ASP D 146 -10.23 9.94 43.46
C ASP D 146 -11.35 9.47 42.54
N TYR D 147 -12.30 8.74 43.11
CA TYR D 147 -13.42 8.20 42.35
CA TYR D 147 -13.41 8.19 42.34
C TYR D 147 -14.75 8.52 43.01
N GLY D 148 -15.80 8.68 42.21
CA GLY D 148 -17.15 8.76 42.74
C GLY D 148 -17.79 10.11 42.99
N PHE D 149 -17.05 11.19 42.76
CA PHE D 149 -17.57 12.50 43.10
C PHE D 149 -17.86 13.41 41.90
N GLU D 150 -17.75 12.86 40.70
CA GLU D 150 -18.06 13.60 39.48
C GLU D 150 -19.07 12.84 38.63
N ASP D 151 -20.11 13.53 38.17
CA ASP D 151 -20.98 12.99 37.14
C ASP D 151 -21.56 14.12 36.30
N ALA D 152 -22.61 13.85 35.56
CA ALA D 152 -23.26 14.84 34.71
C ALA D 152 -23.84 16.01 35.51
N GLN D 153 -24.18 15.79 36.77
CA GLN D 153 -24.74 16.86 37.61
C GLN D 153 -23.68 17.84 38.09
N GLY D 154 -22.42 17.46 37.96
CA GLY D 154 -21.32 18.30 38.41
C GLY D 154 -20.39 17.61 39.39
N THR D 155 -19.77 18.40 40.26
CA THR D 155 -18.75 17.89 41.18
C THR D 155 -19.13 18.10 42.64
N ARG D 156 -19.11 17.01 43.40
CA ARG D 156 -19.42 17.10 44.83
C ARG D 156 -18.15 17.53 45.54
N LEU D 157 -18.29 18.47 46.47
CA LEU D 157 -17.17 19.02 47.22
C LEU D 157 -17.54 19.08 48.69
N ASN D 158 -16.56 18.98 49.57
CA ASN D 158 -16.81 19.00 50.99
C ASN D 158 -15.92 20.08 51.59
N PRO D 159 -16.49 21.24 51.97
CA PRO D 159 -15.65 22.37 52.44
C PRO D 159 -14.69 22.00 53.57
N SER D 160 -15.11 21.12 54.48
CA SER D 160 -14.33 20.80 55.67
C SER D 160 -13.07 20.02 55.34
N TYR D 161 -12.99 19.49 54.12
CA TYR D 161 -11.84 18.71 53.68
C TYR D 161 -10.66 19.59 53.31
N LEU D 162 -10.86 20.90 53.32
CA LEU D 162 -9.88 21.82 52.74
C LEU D 162 -9.35 22.85 53.73
N PRO D 163 -8.75 22.41 54.85
CA PRO D 163 -8.26 23.41 55.83
C PRO D 163 -7.24 24.37 55.20
N LEU D 164 -7.50 25.67 55.29
CA LEU D 164 -6.65 26.65 54.66
C LEU D 164 -5.21 26.67 55.19
N GLN D 165 -5.01 26.30 56.46
CA GLN D 165 -3.66 26.21 57.01
C GLN D 165 -2.78 25.28 56.16
N LEU D 166 -3.34 24.13 55.80
CA LEU D 166 -2.61 23.09 55.11
C LEU D 166 -2.30 23.55 53.69
N LEU D 167 -3.30 24.11 53.01
CA LEU D 167 -3.11 24.56 51.64
C LEU D 167 -2.10 25.70 51.58
N ASP D 168 -2.24 26.65 52.50
CA ASP D 168 -1.29 27.75 52.64
C ASP D 168 0.12 27.19 52.85
N ARG D 169 0.25 26.18 53.72
CA ARG D 169 1.53 25.59 53.97
C ARG D 169 2.09 24.95 52.68
N PHE D 170 1.23 24.28 51.93
CA PHE D 170 1.66 23.61 50.70
C PHE D 170 2.10 24.60 49.62
N SER D 171 1.64 25.85 49.67
CA SER D 171 2.09 26.81 48.67
C SER D 171 3.59 27.12 48.79
N ASP D 172 4.19 26.83 49.94
CA ASP D 172 5.66 26.86 50.06
C ASP D 172 6.32 25.82 49.14
N VAL D 173 5.60 24.73 48.86
CA VAL D 173 6.12 23.71 47.93
C VAL D 173 5.98 24.18 46.48
N ASP D 174 4.78 24.67 46.12
CA ASP D 174 4.57 25.30 44.82
C ASP D 174 3.34 26.20 44.92
N PRO D 175 3.39 27.39 44.29
CA PRO D 175 2.28 28.34 44.45
C PRO D 175 0.95 27.82 43.90
N LEU D 176 0.94 26.76 43.10
CA LEU D 176 -0.35 26.15 42.69
C LEU D 176 -1.20 25.81 43.91
N TRP D 177 -0.55 25.39 44.98
CA TRP D 177 -1.26 25.10 46.24
C TRP D 177 -1.86 26.36 46.86
N GLY D 178 -1.19 27.50 46.68
CA GLY D 178 -1.70 28.77 47.20
C GLY D 178 -2.89 29.20 46.36
N GLU D 179 -2.83 28.84 45.08
CA GLU D 179 -3.92 29.15 44.17
C GLU D 179 -5.13 28.32 44.58
N LEU D 180 -4.90 27.06 44.95
CA LEU D 180 -5.95 26.19 45.45
C LEU D 180 -6.54 26.73 46.77
N ALA D 181 -5.67 27.24 47.64
CA ALA D 181 -6.10 27.87 48.89
C ALA D 181 -6.99 29.09 48.61
N ALA D 182 -6.64 29.88 47.60
CA ALA D 182 -7.46 31.02 47.24
C ALA D 182 -8.83 30.60 46.66
N ASN D 183 -8.83 29.55 45.85
CA ASN D 183 -10.08 29.01 45.31
C ASN D 183 -10.93 28.44 46.43
N THR D 184 -10.29 27.79 47.40
CA THR D 184 -10.98 27.28 48.57
C THR D 184 -11.61 28.42 49.39
N ARG D 185 -10.93 29.55 49.52
CA ARG D 185 -11.52 30.65 50.28
C ARG D 185 -12.79 31.12 49.57
N ARG D 186 -12.76 31.14 48.24
CA ARG D 186 -13.93 31.57 47.48
C ARG D 186 -15.07 30.55 47.59
N LEU D 187 -14.72 29.27 47.67
CA LEU D 187 -15.70 28.21 47.75
C LEU D 187 -16.40 28.23 49.10
N TRP D 188 -15.61 28.35 50.16
CA TRP D 188 -16.16 28.45 51.52
C TRP D 188 -17.20 29.56 51.60
N LEU D 189 -16.83 30.76 51.17
CA LEU D 189 -17.77 31.89 51.17
C LEU D 189 -19.02 31.59 50.34
N ALA D 190 -18.82 31.06 49.14
CA ALA D 190 -19.93 30.74 48.24
C ALA D 190 -20.89 29.70 48.85
N SER D 191 -20.34 28.73 49.56
CA SER D 191 -21.14 27.63 50.12
C SER D 191 -21.88 28.04 51.40
N SER D 192 -21.54 29.21 51.94
CA SER D 192 -22.00 29.64 53.28
C SER D 192 -22.69 31.00 53.28
N PRO D 193 -23.72 31.18 52.43
CA PRO D 193 -24.29 32.52 52.26
C PRO D 193 -24.84 33.12 53.55
N LYS D 194 -25.08 32.30 54.56
CA LYS D 194 -25.68 32.81 55.79
C LYS D 194 -24.71 32.67 56.96
N GLY D 195 -23.44 32.39 56.66
CA GLY D 195 -22.45 32.27 57.70
C GLY D 195 -22.41 30.90 58.37
N PHE D 196 -23.09 29.92 57.76
CA PHE D 196 -23.01 28.55 58.25
C PHE D 196 -22.51 27.63 57.13
N ALA D 197 -21.57 26.77 57.44
CA ALA D 197 -21.03 25.85 56.44
C ALA D 197 -21.91 24.61 56.26
N PRO D 198 -22.06 24.15 55.00
CA PRO D 198 -22.72 22.86 54.72
C PRO D 198 -21.70 21.74 54.80
N ASP D 199 -22.15 20.52 55.00
CA ASP D 199 -21.26 19.35 54.89
C ASP D 199 -20.72 19.21 53.48
N TRP D 200 -21.62 19.36 52.51
CA TRP D 200 -21.31 19.07 51.11
C TRP D 200 -21.97 20.12 50.25
N LEU D 201 -21.45 20.31 49.05
CA LEU D 201 -22.19 21.06 48.04
C LEU D 201 -21.89 20.51 46.67
N LEU D 202 -22.74 20.86 45.71
CA LEU D 202 -22.55 20.49 44.33
C LEU D 202 -21.97 21.69 43.60
N TRP D 203 -20.91 21.48 42.84
CA TRP D 203 -20.41 22.51 41.96
C TRP D 203 -20.88 22.13 40.55
N THR D 204 -21.81 22.89 40.00
CA THR D 204 -22.49 22.52 38.75
C THR D 204 -21.61 22.80 37.52
N PRO D 205 -21.96 22.20 36.36
CA PRO D 205 -21.17 22.47 35.15
C PRO D 205 -21.16 23.94 34.72
N ALA D 206 -22.17 24.70 35.12
CA ALA D 206 -22.20 26.13 34.84
C ALA D 206 -21.35 26.96 35.83
N GLY D 207 -20.62 26.28 36.71
CA GLY D 207 -19.69 26.95 37.61
C GLY D 207 -20.33 27.62 38.80
N LYS D 208 -21.44 27.04 39.28
CA LYS D 208 -22.17 27.63 40.40
C LYS D 208 -22.33 26.63 41.56
N PRO D 209 -22.41 27.14 42.79
CA PRO D 209 -22.69 26.23 43.90
C PRO D 209 -24.18 25.87 43.92
N ALA D 210 -24.49 24.64 44.30
CA ALA D 210 -25.87 24.20 44.46
C ALA D 210 -25.93 23.25 45.64
N ALA D 211 -27.13 22.96 46.10
CA ALA D 211 -27.32 21.99 47.17
C ALA D 211 -26.68 20.66 46.76
N ASP D 212 -26.06 19.99 47.73
CA ASP D 212 -25.53 18.67 47.46
C ASP D 212 -26.65 17.72 47.09
N THR D 213 -26.34 16.76 46.22
CA THR D 213 -27.29 15.76 45.72
C THR D 213 -27.81 14.84 46.82
N LYS D 214 -26.94 14.49 47.77
CA LYS D 214 -27.26 13.52 48.81
C LYS D 214 -27.71 14.16 50.13
N HIS D 215 -27.09 15.28 50.50
CA HIS D 215 -27.32 15.87 51.82
C HIS D 215 -27.86 17.29 51.78
N GLY D 216 -28.24 17.76 50.60
CA GLY D 216 -28.81 19.09 50.46
C GLY D 216 -27.91 20.17 51.02
N ASN D 217 -28.46 21.03 51.87
CA ASN D 217 -27.70 22.14 52.46
C ASN D 217 -27.40 21.89 53.95
N ALA D 218 -27.53 20.64 54.37
CA ALA D 218 -27.29 20.28 55.76
C ALA D 218 -25.83 20.48 56.19
N GLY D 219 -25.68 21.05 57.39
CA GLY D 219 -24.39 21.19 58.04
C GLY D 219 -24.43 20.49 59.38
N ASP D 220 -23.52 19.53 59.58
CA ASP D 220 -23.51 18.69 60.76
C ASP D 220 -22.07 18.41 61.19
N TYR D 221 -21.70 17.13 61.18
CA TYR D 221 -20.46 16.66 61.77
C TYR D 221 -19.22 16.93 60.88
N ASP D 222 -19.41 17.01 59.57
CA ASP D 222 -18.32 17.45 58.71
C ASP D 222 -18.16 18.95 58.85
N ALA D 223 -19.28 19.68 58.73
CA ALA D 223 -19.26 21.14 58.66
C ALA D 223 -18.70 21.81 59.91
N ILE D 224 -18.83 21.14 61.04
CA ILE D 224 -18.40 21.76 62.29
C ILE D 224 -16.89 22.06 62.23
N ARG D 225 -16.16 21.29 61.42
CA ARG D 225 -14.71 21.44 61.32
C ARG D 225 -14.26 22.65 60.51
N VAL D 226 -15.15 23.18 59.67
CA VAL D 226 -14.84 24.43 58.99
C VAL D 226 -14.61 25.54 60.02
N TYR D 227 -15.48 25.62 61.03
CA TYR D 227 -15.33 26.63 62.07
C TYR D 227 -14.05 26.43 62.85
N LEU D 228 -13.72 25.16 63.07
CA LEU D 228 -12.51 24.78 63.77
C LEU D 228 -11.28 25.26 63.00
N TRP D 229 -11.23 24.98 61.69
CA TRP D 229 -10.11 25.44 60.88
C TRP D 229 -10.01 26.97 60.81
N VAL D 230 -11.14 27.62 60.57
CA VAL D 230 -11.17 29.07 60.48
C VAL D 230 -10.70 29.69 61.80
N GLY D 231 -11.19 29.15 62.91
CA GLY D 231 -10.89 29.69 64.23
C GLY D 231 -9.42 29.58 64.62
N LEU D 233 -6.88 29.88 62.30
CA LEU D 233 -6.04 30.67 61.40
C LEU D 233 -5.34 31.72 62.23
N ALA D 234 -4.10 32.00 61.88
CA ALA D 234 -3.32 32.99 62.57
C ALA D 234 -3.75 34.35 62.08
N GLU D 235 -3.62 35.34 62.94
CA GLU D 235 -3.73 36.74 62.55
C GLU D 235 -2.66 36.98 61.51
N GLY D 236 -3.06 37.49 60.35
CA GLY D 236 -2.12 37.68 59.27
C GLY D 236 -2.30 36.66 58.16
N ALA D 237 -3.00 35.56 58.40
CA ALA D 237 -3.30 34.64 57.30
C ALA D 237 -4.20 35.34 56.28
N ALA D 238 -4.08 34.97 55.01
CA ALA D 238 -4.87 35.62 53.97
C ALA D 238 -6.37 35.52 54.28
N GLN D 239 -7.05 36.67 54.23
CA GLN D 239 -8.50 36.77 54.42
C GLN D 239 -9.01 36.29 55.80
N ARG D 240 -8.12 36.20 56.78
CA ARG D 240 -8.49 35.66 58.09
C ARG D 240 -9.60 36.48 58.76
N ARG D 241 -9.48 37.81 58.77
CA ARG D 241 -10.47 38.62 59.46
C ARG D 241 -11.82 38.52 58.74
N GLU D 242 -11.77 38.53 57.41
CA GLU D 242 -12.99 38.37 56.61
C GLU D 242 -13.67 37.02 56.90
N LEU D 243 -12.87 35.97 57.06
CA LEU D 243 -13.42 34.62 57.24
C LEU D 243 -14.01 34.44 58.64
N VAL D 244 -13.28 34.91 59.65
CA VAL D 244 -13.81 34.92 61.02
C VAL D 244 -15.11 35.70 61.09
N ALA D 245 -15.15 36.87 60.45
CA ALA D 245 -16.36 37.68 60.48
C ALA D 245 -17.47 36.94 59.74
N HIS D 246 -17.11 36.22 58.66
CA HIS D 246 -18.11 35.59 57.83
C HIS D 246 -18.87 34.50 58.57
N TYR D 247 -18.16 33.77 59.42
CA TYR D 247 -18.71 32.65 60.18
C TYR D 247 -19.14 33.03 61.58
N ALA D 248 -19.13 34.33 61.85
CA ALA D 248 -19.65 34.86 63.11
C ALA D 248 -21.05 34.36 63.51
N PRO D 249 -21.97 34.20 62.54
CA PRO D 249 -23.32 33.75 62.95
C PRO D 249 -23.32 32.42 63.71
N ALA D 251 -20.86 31.45 65.79
CA ALA D 251 -20.38 31.80 67.12
C ALA D 251 -21.46 32.54 67.88
N ALA D 252 -22.12 33.45 67.18
CA ALA D 252 -23.20 34.25 67.76
C ALA D 252 -24.33 33.36 68.23
N LEU D 253 -24.68 32.35 67.43
CA LEU D 253 -25.81 31.48 67.76
C LEU D 253 -25.45 30.66 68.99
N THR D 254 -24.26 30.09 68.98
CA THR D 254 -23.74 29.29 70.09
C THR D 254 -23.72 30.08 71.38
N GLN D 255 -23.32 31.34 71.29
CA GLN D 255 -23.28 32.19 72.47
C GLN D 255 -24.68 32.54 72.96
N ARG D 256 -25.56 32.82 72.01
CA ARG D 256 -26.93 33.23 72.33
C ARG D 256 -27.67 32.05 72.98
N GLN D 257 -27.52 30.85 72.42
CA GLN D 257 -28.23 29.66 72.91
C GLN D 257 -27.60 28.98 74.12
N GLY D 258 -26.30 29.15 74.34
CA GLY D 258 -25.64 28.55 75.49
C GLY D 258 -24.99 27.23 75.13
N LEU D 259 -25.24 26.78 73.91
CA LEU D 259 -24.75 25.49 73.41
C LEU D 259 -24.64 25.61 71.90
N PRO D 260 -23.77 24.80 71.27
CA PRO D 260 -23.77 24.79 69.81
C PRO D 260 -24.99 24.01 69.28
N PRO D 261 -25.53 24.40 68.12
CA PRO D 261 -26.67 23.67 67.56
C PRO D 261 -26.16 22.33 67.03
N GLU D 262 -27.06 21.38 66.76
CA GLU D 262 -26.63 20.09 66.21
C GLU D 262 -26.69 20.11 64.69
N HIS D 263 -27.84 20.54 64.16
CA HIS D 263 -28.06 20.58 62.72
C HIS D 263 -28.28 22.01 62.24
N LEU D 264 -27.63 22.34 61.13
CA LEU D 264 -27.85 23.61 60.45
C LEU D 264 -28.29 23.39 59.00
N ASP D 265 -29.09 24.33 58.49
CA ASP D 265 -29.39 24.39 57.07
C ASP D 265 -28.64 25.60 56.52
N ALA D 266 -27.61 25.34 55.71
CA ALA D 266 -26.72 26.40 55.23
C ALA D 266 -27.41 27.45 54.36
N ARG D 267 -28.57 27.09 53.81
CA ARG D 267 -29.33 27.98 52.94
C ARG D 267 -30.30 28.89 53.71
N SER D 268 -30.99 28.33 54.70
CA SER D 268 -32.00 29.06 55.45
C SER D 268 -31.49 29.58 56.80
N GLY D 269 -30.29 29.15 57.20
CA GLY D 269 -29.75 29.49 58.50
C GLY D 269 -30.46 28.87 59.68
N GLU D 270 -31.43 27.99 59.40
CA GLU D 270 -32.21 27.33 60.45
C GLU D 270 -31.40 26.31 61.23
N ALA D 271 -31.51 26.33 62.54
CA ALA D 271 -30.77 25.43 63.42
C ALA D 271 -31.67 24.58 64.31
N ARG D 272 -31.29 23.32 64.50
CA ARG D 272 -32.05 22.41 65.35
C ARG D 272 -31.13 21.69 66.31
N GLY D 273 -31.65 21.29 67.47
CA GLY D 273 -30.92 20.47 68.41
C GLY D 273 -29.74 21.14 69.06
N HIS D 274 -29.07 20.41 69.94
CA HIS D 274 -27.88 20.91 70.60
C HIS D 274 -26.75 19.95 70.33
N GLY D 275 -25.62 20.48 69.86
CA GLY D 275 -24.50 19.64 69.45
C GLY D 275 -23.79 18.96 70.61
N PRO D 276 -23.08 17.86 70.32
CA PRO D 276 -22.35 17.15 71.37
C PRO D 276 -21.14 17.95 71.85
N ALA D 277 -20.45 17.41 72.86
CA ALA D 277 -19.37 18.11 73.54
C ALA D 277 -18.27 18.42 72.54
N GLY D 278 -18.08 17.51 71.58
CA GLY D 278 -17.09 17.72 70.53
C GLY D 278 -17.32 19.03 69.78
N PHE D 279 -18.58 19.37 69.54
CA PHE D 279 -18.89 20.61 68.84
C PHE D 279 -18.43 21.80 69.67
N SER D 280 -18.63 21.73 70.98
CA SER D 280 -18.19 22.79 71.88
C SER D 280 -16.69 22.98 71.79
N ALA D 281 -15.96 21.87 71.75
CA ALA D 281 -14.49 21.93 71.64
C ALA D 281 -14.06 22.49 70.29
N ALA D 282 -14.78 22.12 69.24
CA ALA D 282 -14.42 22.53 67.89
C ALA D 282 -14.60 24.03 67.69
N LEU D 283 -15.47 24.63 68.50
CA LEU D 283 -15.78 26.04 68.39
C LEU D 283 -14.92 26.91 69.30
N LEU D 284 -14.15 26.32 70.21
CA LEU D 284 -13.33 27.15 71.11
C LEU D 284 -12.39 28.11 70.37
N PRO D 285 -11.72 27.67 69.28
CA PRO D 285 -10.85 28.68 68.64
C PRO D 285 -11.62 29.85 68.02
N LEU D 286 -12.74 29.58 67.36
CA LEU D 286 -13.55 30.65 66.76
C LEU D 286 -14.14 31.58 67.84
N LEU D 287 -14.61 31.00 68.93
CA LEU D 287 -15.16 31.80 70.03
C LEU D 287 -14.11 32.75 70.62
N ALA D 288 -12.86 32.28 70.66
CA ALA D 288 -11.76 33.07 71.18
C ALA D 288 -11.25 34.12 70.17
N ALA D 289 -11.67 34.01 68.91
CA ALA D 289 -11.12 34.84 67.84
C ALA D 289 -11.63 36.29 67.82
N SER D 290 -12.75 36.55 68.49
CA SER D 290 -13.32 37.90 68.52
C SER D 290 -13.72 38.23 69.96
N PRO D 291 -13.48 39.47 70.39
CA PRO D 291 -13.77 39.87 71.76
C PRO D 291 -15.27 39.77 72.06
N GLU D 292 -16.13 40.04 71.09
CA GLU D 292 -17.57 40.05 71.37
C GLU D 292 -18.17 38.67 71.58
N HIS D 293 -17.34 37.63 71.42
CA HIS D 293 -17.79 36.26 71.64
C HIS D 293 -17.24 35.65 72.94
N VAL D 294 -16.69 36.51 73.80
CA VAL D 294 -16.06 36.02 75.02
C VAL D 294 -17.03 35.28 75.96
N ALA D 295 -18.29 35.71 76.02
CA ALA D 295 -19.28 34.97 76.80
C ALA D 295 -19.41 33.52 76.31
N GLY D 296 -19.47 33.35 74.99
CA GLY D 296 -19.55 32.04 74.36
C GLY D 296 -18.32 31.18 74.67
N LEU D 297 -17.14 31.80 74.63
CA LEU D 297 -15.89 31.11 74.97
C LEU D 297 -15.96 30.56 76.38
N ALA D 298 -16.26 31.43 77.34
CA ALA D 298 -16.33 31.02 78.73
C ALA D 298 -17.35 29.88 78.91
N ALA D 299 -18.52 30.02 78.27
CA ALA D 299 -19.59 29.04 78.50
C ALA D 299 -19.30 27.67 77.87
N GLN D 300 -18.65 27.68 76.71
CA GLN D 300 -18.27 26.41 76.09
C GLN D 300 -17.12 25.73 76.84
N ARG D 301 -16.17 26.50 77.37
CA ARG D 301 -15.14 25.91 78.23
C ARG D 301 -15.80 25.27 79.45
N GLN D 302 -16.76 25.97 80.02
CA GLN D 302 -17.45 25.49 81.21
C GLN D 302 -18.21 24.20 80.91
N ARG D 303 -18.87 24.16 79.76
CA ARG D 303 -19.58 22.94 79.37
C ARG D 303 -18.63 21.76 79.31
N LEU D 304 -17.43 21.98 78.76
CA LEU D 304 -16.45 20.91 78.66
C LEU D 304 -15.88 20.50 80.02
N ARG D 305 -15.76 21.44 80.96
CA ARG D 305 -15.32 21.10 82.31
C ARG D 305 -16.36 20.26 83.05
N GLU D 306 -17.63 20.53 82.78
CA GLU D 306 -18.73 19.89 83.50
C GLU D 306 -19.01 18.49 82.97
N GLN D 307 -18.88 18.32 81.67
CA GLN D 307 -19.05 17.02 81.03
C GLN D 307 -18.04 16.88 79.91
N PRO D 308 -16.83 16.41 80.26
CA PRO D 308 -15.76 16.23 79.27
C PRO D 308 -16.16 15.20 78.22
N VAL D 309 -15.47 15.18 77.09
CA VAL D 309 -15.80 14.24 76.02
C VAL D 309 -15.65 12.80 76.54
N GLU D 310 -16.53 11.93 76.08
CA GLU D 310 -16.57 10.56 76.59
C GLU D 310 -15.31 9.76 76.25
N ALA D 311 -14.96 8.84 77.13
CA ALA D 311 -13.93 7.86 76.84
C ALA D 311 -14.45 6.91 75.77
N LYS D 312 -13.58 6.58 74.82
CA LYS D 312 -13.93 5.69 73.70
C LYS D 312 -14.84 6.36 72.65
N ALA D 313 -15.10 7.65 72.81
CA ALA D 313 -15.85 8.38 71.79
C ALA D 313 -14.86 8.95 70.79
N TYR D 314 -14.61 8.21 69.70
CA TYR D 314 -13.62 8.61 68.71
C TYR D 314 -13.83 10.04 68.23
N TYR D 315 -15.05 10.34 67.82
CA TYR D 315 -15.29 11.56 67.09
C TYR D 315 -15.18 12.80 67.96
N SER D 316 -15.82 12.76 69.12
CA SER D 316 -15.72 13.89 70.03
C SER D 316 -14.30 14.04 70.57
N GLN D 317 -13.58 12.94 70.70
CA GLN D 317 -12.20 13.01 71.19
C GLN D 317 -11.26 13.73 70.23
N VAL D 318 -11.40 13.48 68.93
CA VAL D 318 -10.51 14.15 67.98
C VAL D 318 -10.90 15.62 67.82
N LEU D 319 -12.19 15.95 67.96
CA LEU D 319 -12.57 17.35 67.98
C LEU D 319 -11.95 18.05 69.19
N ALA D 320 -12.00 17.40 70.35
CA ALA D 320 -11.39 17.95 71.57
C ALA D 320 -9.87 18.10 71.44
N LEU D 321 -9.19 17.08 70.92
CA LEU D 321 -7.74 17.16 70.76
C LEU D 321 -7.36 18.34 69.85
N PHE D 322 -8.09 18.54 68.76
CA PHE D 322 -7.88 19.75 67.96
C PHE D 322 -8.23 21.01 68.74
N GLY D 323 -9.49 21.11 69.16
CA GLY D 323 -10.06 22.36 69.66
C GLY D 323 -9.63 22.76 71.06
N GLN D 324 -9.76 21.82 72.00
CA GLN D 324 -9.29 22.02 73.36
C GLN D 324 -7.77 22.06 73.38
N GLY D 325 -7.13 21.32 72.48
CA GLY D 325 -5.68 21.32 72.41
C GLY D 325 -5.19 22.73 72.12
N PHE D 326 -5.82 23.36 71.13
CA PHE D 326 -5.54 24.74 70.75
C PHE D 326 -5.87 25.69 71.90
N ASP D 327 -7.05 25.51 72.48
CA ASP D 327 -7.48 26.38 73.57
C ASP D 327 -6.55 26.25 74.79
N GLU D 328 -5.96 25.06 74.97
CA GLU D 328 -5.05 24.78 76.08
C GLU D 328 -3.60 25.17 75.73
N ALA D 329 -3.42 25.84 74.59
CA ALA D 329 -2.13 26.41 74.21
C ALA D 329 -1.06 25.34 73.98
N ARG D 330 -1.48 24.24 73.34
CA ARG D 330 -0.55 23.17 72.95
C ARG D 330 0.06 23.40 71.58
N TYR D 331 -0.55 24.26 70.77
CA TYR D 331 0.00 24.57 69.47
C TYR D 331 -0.71 25.73 68.81
N ARG D 332 -0.07 26.31 67.80
CA ARG D 332 -0.66 27.35 66.98
C ARG D 332 -0.26 27.10 65.53
N PHE D 333 -0.83 27.88 64.62
CA PHE D 333 -0.36 27.93 63.24
C PHE D 333 0.18 29.32 63.03
N ASP D 334 1.22 29.47 62.19
CA ASP D 334 1.65 30.81 61.82
C ASP D 334 0.83 31.28 60.59
N PRO D 335 1.04 32.53 60.12
CA PRO D 335 0.18 32.98 59.01
C PRO D 335 0.31 32.17 57.71
N HIS D 336 1.43 31.48 57.51
CA HIS D 336 1.59 30.65 56.34
C HIS D 336 1.29 29.17 56.59
N GLY D 337 0.58 28.88 57.68
CA GLY D 337 0.14 27.53 57.99
C GLY D 337 1.16 26.59 58.63
N ARG D 338 2.30 27.11 59.05
CA ARG D 338 3.31 26.25 59.68
C ARG D 338 2.88 25.91 61.09
N LEU D 339 3.15 24.69 61.53
CA LEU D 339 2.78 24.28 62.88
C LEU D 339 3.76 24.91 63.88
N LEU D 340 3.22 25.54 64.92
CA LEU D 340 4.05 26.05 66.02
C LEU D 340 3.65 25.31 67.29
N PRO D 341 4.31 24.18 67.57
CA PRO D 341 3.96 23.43 68.79
C PRO D 341 4.56 24.04 70.05
N ALA D 342 3.92 23.84 71.19
CA ALA D 342 4.43 24.38 72.45
C ALA D 342 5.78 23.79 72.83
N TRP D 343 6.04 22.54 72.48
CA TRP D 343 7.28 21.90 72.89
C TRP D 343 8.48 22.41 72.11
N SER D 344 8.23 23.12 71.01
CA SER D 344 9.30 23.46 70.09
C SER D 344 10.12 24.69 70.52
N ALA D 345 9.55 25.54 71.37
CA ALA D 345 10.13 26.84 71.68
C ALA D 345 11.47 26.81 72.43
N ALA E 3 41.94 -7.78 -55.15
CA ALA E 3 41.18 -7.29 -56.30
C ALA E 3 40.02 -6.40 -55.83
N TRP E 4 40.00 -6.10 -54.53
CA TRP E 4 38.94 -5.32 -53.92
C TRP E 4 39.58 -4.19 -53.10
N PRO E 5 39.76 -3.01 -53.72
CA PRO E 5 40.45 -1.88 -53.08
C PRO E 5 39.87 -1.47 -51.72
N ALA E 6 38.54 -1.47 -51.59
CA ALA E 6 37.89 -1.05 -50.36
C ALA E 6 38.20 -2.01 -49.21
N TRP E 7 38.33 -3.30 -49.57
CA TRP E 7 38.68 -4.34 -48.61
C TRP E 7 40.13 -4.19 -48.13
N GLU E 8 41.06 -4.06 -49.07
CA GLU E 8 42.47 -3.85 -48.76
C GLU E 8 42.69 -2.60 -47.91
N ARG E 9 41.92 -1.56 -48.20
CA ARG E 9 41.98 -0.32 -47.44
C ARG E 9 41.52 -0.55 -46.00
N PHE E 10 40.41 -1.29 -45.86
CA PHE E 10 39.85 -1.63 -44.56
C PHE E 10 40.82 -2.46 -43.73
N LYS E 11 41.52 -3.38 -44.38
CA LYS E 11 42.53 -4.18 -43.69
C LYS E 11 43.69 -3.31 -43.20
N ALA E 12 44.21 -2.47 -44.08
CA ALA E 12 45.40 -1.69 -43.76
C ALA E 12 45.11 -0.66 -42.68
N GLU E 13 43.88 -0.17 -42.65
CA GLU E 13 43.52 0.89 -41.72
C GLU E 13 43.05 0.34 -40.38
N LEU E 14 42.10 -0.58 -40.42
CA LEU E 14 41.31 -0.94 -39.25
C LEU E 14 41.54 -2.34 -38.68
N VAL E 15 42.29 -3.18 -39.40
CA VAL E 15 42.54 -4.54 -38.92
C VAL E 15 43.98 -4.67 -38.45
N SER E 16 44.15 -4.99 -37.17
CA SER E 16 45.50 -5.11 -36.60
C SER E 16 46.20 -6.38 -37.09
N VAL E 17 47.49 -6.45 -36.82
CA VAL E 17 48.34 -7.57 -37.21
C VAL E 17 47.93 -8.88 -36.50
N ASP E 18 47.33 -8.74 -35.32
CA ASP E 18 46.75 -9.87 -34.57
C ASP E 18 45.47 -10.44 -35.21
N GLY E 19 44.76 -9.62 -35.98
CA GLY E 19 43.53 -10.04 -36.62
C GLY E 19 42.27 -9.48 -35.96
N ARG E 20 42.42 -8.38 -35.24
CA ARG E 20 41.25 -7.74 -34.65
C ARG E 20 40.83 -6.48 -35.42
N VAL E 21 39.53 -6.33 -35.58
CA VAL E 21 38.94 -5.16 -36.21
C VAL E 21 38.76 -4.07 -35.16
N ILE E 22 39.39 -2.91 -35.38
CA ILE E 22 39.34 -1.83 -34.41
C ILE E 22 38.37 -0.71 -34.81
N ASP E 23 37.58 -0.26 -33.84
CA ASP E 23 36.72 0.92 -33.99
C ASP E 23 37.32 2.10 -33.20
N PRO E 24 38.00 3.02 -33.90
CA PRO E 24 38.71 4.11 -33.22
C PRO E 24 37.81 5.23 -32.68
N SER E 25 36.49 5.15 -32.89
CA SER E 25 35.61 6.22 -32.41
C SER E 25 35.34 6.09 -30.91
N ASP E 26 35.68 4.92 -30.37
CA ASP E 26 35.63 4.69 -28.92
C ASP E 26 37.05 4.80 -28.35
N GLU E 27 37.25 5.73 -27.41
CA GLU E 27 38.56 5.95 -26.77
C GLU E 27 39.26 4.68 -26.29
N ARG E 28 38.48 3.62 -26.06
CA ARG E 28 39.04 2.35 -25.61
C ARG E 28 39.57 1.49 -26.77
N LEU E 29 39.42 2.00 -27.99
CA LEU E 29 39.91 1.31 -29.20
C LEU E 29 39.36 -0.11 -29.26
N ILE E 30 38.03 -0.21 -29.25
CA ILE E 30 37.36 -1.47 -29.06
C ILE E 30 37.38 -2.37 -30.29
N THR E 31 37.16 -3.65 -30.04
CA THR E 31 36.79 -4.58 -31.09
C THR E 31 35.45 -5.17 -30.64
N THR E 32 34.51 -5.32 -31.56
CA THR E 32 33.27 -5.99 -31.24
C THR E 32 33.18 -7.33 -31.95
N SER E 33 32.29 -8.19 -31.50
CA SER E 33 32.07 -9.45 -32.19
C SER E 33 31.46 -9.16 -33.57
N GLU E 34 30.68 -8.08 -33.64
CA GLU E 34 30.12 -7.64 -34.91
C GLU E 34 31.23 -7.33 -35.94
N GLY E 35 32.17 -6.50 -35.54
CA GLY E 35 33.32 -6.19 -36.37
C GLY E 35 34.04 -7.44 -36.86
N GLN E 36 34.38 -8.33 -35.93
CA GLN E 36 34.98 -9.62 -36.31
C GLN E 36 34.10 -10.39 -37.30
N SER E 37 32.79 -10.45 -37.03
CA SER E 37 31.88 -11.23 -37.88
C SER E 37 31.78 -10.66 -39.31
N TYR E 38 31.70 -9.34 -39.42
CA TYR E 38 31.61 -8.70 -40.74
C TYR E 38 32.87 -8.93 -41.56
N ALA E 39 34.03 -8.82 -40.91
CA ALA E 39 35.32 -8.96 -41.59
C ALA E 39 35.55 -10.39 -42.09
N LEU E 40 35.05 -11.37 -41.34
CA LEU E 40 35.04 -12.75 -41.80
C LEU E 40 34.27 -12.87 -43.11
N PHE E 41 33.06 -12.30 -43.14
CA PHE E 41 32.26 -12.33 -44.36
C PHE E 41 32.96 -11.63 -45.53
N PHE E 42 33.57 -10.47 -45.27
CA PHE E 42 34.25 -9.72 -46.34
C PHE E 42 35.47 -10.48 -46.85
N ALA E 43 36.19 -11.13 -45.93
CA ALA E 43 37.36 -11.92 -46.30
C ALA E 43 36.95 -13.07 -47.21
N LEU E 44 35.77 -13.65 -46.93
CA LEU E 44 35.23 -14.72 -47.77
C LEU E 44 34.86 -14.17 -49.15
N VAL E 45 34.10 -13.07 -49.14
CA VAL E 45 33.75 -12.37 -50.37
C VAL E 45 35.01 -12.03 -51.16
N GLY E 46 36.05 -11.62 -50.45
CA GLY E 46 37.29 -11.21 -51.09
C GLY E 46 38.19 -12.37 -51.51
N ASN E 47 37.73 -13.60 -51.28
CA ASN E 47 38.56 -14.79 -51.52
C ASN E 47 39.89 -14.69 -50.79
N ASP E 48 39.85 -14.14 -49.57
CA ASP E 48 41.06 -13.89 -48.79
C ASP E 48 41.17 -14.91 -47.67
N ARG E 49 41.74 -16.07 -47.99
CA ARG E 49 41.84 -17.17 -47.04
C ARG E 49 42.67 -16.80 -45.81
N GLN E 50 43.74 -16.04 -46.02
CA GLN E 50 44.69 -15.74 -44.96
C GLN E 50 44.11 -14.81 -43.90
N THR E 51 43.51 -13.71 -44.34
CA THR E 51 42.89 -12.79 -43.39
C THR E 51 41.71 -13.47 -42.72
N PHE E 52 41.01 -14.35 -43.43
CA PHE E 52 39.91 -15.09 -42.80
C PHE E 52 40.44 -15.89 -41.61
N ALA E 53 41.46 -16.69 -41.85
CA ALA E 53 42.07 -17.52 -40.80
C ALA E 53 42.53 -16.69 -39.59
N GLN E 54 43.24 -15.59 -39.87
CA GLN E 54 43.75 -14.70 -38.84
C GLN E 54 42.62 -14.06 -38.01
N LEU E 55 41.58 -13.55 -38.68
CA LEU E 55 40.42 -12.98 -38.01
C LEU E 55 39.76 -14.03 -37.13
N LEU E 56 39.59 -15.22 -37.68
CA LEU E 56 38.97 -16.31 -36.93
C LEU E 56 39.80 -16.65 -35.69
N ARG E 57 41.12 -16.72 -35.86
CA ARG E 57 42.01 -17.01 -34.73
C ARG E 57 41.91 -15.97 -33.60
N TRP E 58 41.92 -14.69 -33.95
CA TRP E 58 41.81 -13.66 -32.92
C TRP E 58 40.44 -13.78 -32.24
N THR E 59 39.40 -14.02 -33.03
CA THR E 59 38.06 -14.14 -32.46
C THR E 59 37.99 -15.28 -31.44
N SER E 60 38.55 -16.44 -31.80
CA SER E 60 38.54 -17.60 -30.90
C SER E 60 39.26 -17.31 -29.60
N ASN E 61 40.51 -16.87 -29.70
CA ASN E 61 41.37 -16.67 -28.53
C ASN E 61 40.93 -15.54 -27.60
N ASN E 62 40.36 -14.48 -28.18
CA ASN E 62 40.06 -13.28 -27.42
C ASN E 62 38.61 -13.12 -26.98
N LEU E 63 37.68 -13.60 -27.80
CA LEU E 63 36.27 -13.43 -27.49
C LEU E 63 35.59 -14.71 -27.00
N ALA E 64 36.19 -15.86 -27.32
CA ALA E 64 35.54 -17.15 -27.06
C ALA E 64 36.41 -18.12 -26.28
N GLU E 65 37.31 -17.56 -25.50
CA GLU E 65 38.16 -18.33 -24.58
C GLU E 65 38.91 -19.45 -25.28
N GLY E 66 39.22 -19.25 -26.56
CA GLY E 66 40.03 -20.19 -27.31
C GLY E 66 39.27 -21.23 -28.12
N ASP E 67 37.94 -21.19 -28.08
CA ASP E 67 37.16 -22.24 -28.77
C ASP E 67 35.74 -21.80 -29.07
N LEU E 68 35.51 -21.42 -30.33
CA LEU E 68 34.18 -21.00 -30.75
C LEU E 68 33.15 -22.12 -30.69
N ALA E 69 33.62 -23.37 -30.66
CA ALA E 69 32.72 -24.51 -30.54
C ALA E 69 32.19 -24.67 -29.11
N ARG E 70 32.77 -23.91 -28.19
CA ARG E 70 32.43 -24.05 -26.77
C ARG E 70 31.88 -22.75 -26.17
N HIS E 71 32.10 -21.63 -26.86
CA HIS E 71 31.64 -20.34 -26.34
C HIS E 71 31.15 -19.44 -27.46
N LEU E 72 30.01 -18.80 -27.25
CA LEU E 72 29.59 -17.71 -28.12
C LEU E 72 30.46 -16.53 -27.74
N PRO E 73 30.95 -15.78 -28.74
CA PRO E 73 31.97 -14.76 -28.48
C PRO E 73 31.44 -13.59 -27.65
N ALA E 74 32.24 -13.11 -26.70
CA ALA E 74 31.94 -11.87 -25.99
C ALA E 74 31.79 -10.76 -27.04
N TRP E 75 30.88 -9.82 -26.81
CA TRP E 75 30.62 -8.82 -27.86
C TRP E 75 31.55 -7.62 -27.81
N LEU E 76 32.21 -7.38 -26.68
CA LEU E 76 33.00 -6.15 -26.52
C LEU E 76 34.37 -6.40 -25.86
N TRP E 77 35.40 -5.88 -26.51
CA TRP E 77 36.79 -6.10 -26.13
C TRP E 77 37.55 -4.80 -26.36
N GLY E 78 38.49 -4.49 -25.46
CA GLY E 78 39.28 -3.28 -25.58
C GLY E 78 40.03 -2.94 -24.32
N ARG E 79 40.45 -1.68 -24.22
CA ARG E 79 41.28 -1.23 -23.12
C ARG E 79 40.41 -0.70 -21.96
N ASP E 80 40.44 -1.40 -20.83
CA ASP E 80 39.62 -0.97 -19.69
C ASP E 80 40.23 0.24 -19.00
N GLY E 81 39.65 0.63 -17.87
CA GLY E 81 40.05 1.83 -17.17
C GLY E 81 41.43 1.74 -16.51
N GLN E 82 42.01 0.54 -16.51
CA GLN E 82 43.33 0.35 -15.92
C GLN E 82 44.38 0.02 -16.98
N GLN E 83 44.04 0.33 -18.23
CA GLN E 83 44.93 0.17 -19.38
C GLN E 83 45.18 -1.30 -19.74
N GLN E 84 44.32 -2.19 -19.25
CA GLN E 84 44.39 -3.61 -19.58
C GLN E 84 43.55 -3.91 -20.81
N TRP E 85 44.14 -4.64 -21.76
CA TRP E 85 43.44 -5.01 -22.97
C TRP E 85 42.74 -6.36 -22.79
N GLN E 86 41.41 -6.34 -22.77
CA GLN E 86 40.66 -7.55 -22.46
C GLN E 86 39.17 -7.45 -22.80
N VAL E 87 38.44 -8.55 -22.58
CA VAL E 87 36.98 -8.55 -22.69
C VAL E 87 36.40 -7.50 -21.76
N LEU E 88 35.56 -6.62 -22.31
CA LEU E 88 34.92 -5.57 -21.53
C LEU E 88 33.49 -5.95 -21.15
N ASP E 89 32.86 -6.77 -22.00
CA ASP E 89 31.52 -7.29 -21.73
C ASP E 89 31.44 -8.71 -22.29
N ALA E 90 31.29 -9.69 -21.40
CA ALA E 90 31.34 -11.08 -21.79
C ALA E 90 30.04 -11.56 -22.45
N ASN E 91 28.96 -10.79 -22.32
CA ASN E 91 27.70 -11.19 -22.96
C ASN E 91 27.83 -11.18 -24.48
N ASN E 92 27.15 -12.12 -25.15
CA ASN E 92 27.18 -12.18 -26.61
C ASN E 92 26.19 -11.21 -27.27
N ALA E 93 26.43 -10.92 -28.54
CA ALA E 93 25.46 -10.22 -29.37
C ALA E 93 25.12 -11.18 -30.51
N SER E 94 23.85 -11.55 -30.58
CA SER E 94 23.39 -12.57 -31.51
C SER E 94 23.62 -12.24 -32.99
N ASP E 95 23.58 -10.95 -33.36
CA ASP E 95 23.80 -10.60 -34.78
C ASP E 95 25.15 -11.06 -35.25
N ALA E 96 26.16 -10.85 -34.41
CA ALA E 96 27.52 -11.27 -34.71
C ALA E 96 27.65 -12.80 -34.73
N ASP E 97 27.00 -13.46 -33.77
CA ASP E 97 27.01 -14.93 -33.73
C ASP E 97 26.51 -15.51 -35.06
N LEU E 98 25.38 -15.01 -35.57
CA LEU E 98 24.85 -15.48 -36.85
C LEU E 98 25.84 -15.29 -37.99
N TRP E 99 26.42 -14.10 -38.09
CA TRP E 99 27.37 -13.82 -39.19
C TRP E 99 28.63 -14.68 -39.08
N ILE E 100 29.06 -15.00 -37.87
CA ILE E 100 30.22 -15.86 -37.72
C ILE E 100 29.87 -17.29 -38.20
N ALA E 101 28.74 -17.82 -37.73
CA ALA E 101 28.30 -19.15 -38.15
C ALA E 101 28.15 -19.21 -39.67
N TYR E 102 27.45 -18.23 -40.24
CA TYR E 102 27.19 -18.19 -41.67
C TYR E 102 28.50 -18.13 -42.47
N SER E 103 29.42 -17.27 -42.04
CA SER E 103 30.70 -17.15 -42.73
C SER E 103 31.47 -18.46 -42.69
N LEU E 104 31.46 -19.12 -41.55
CA LEU E 104 32.13 -20.42 -41.41
C LEU E 104 31.50 -21.48 -42.33
N LEU E 105 30.18 -21.51 -42.38
CA LEU E 105 29.48 -22.47 -43.24
C LEU E 105 29.80 -22.23 -44.70
N GLU E 106 29.78 -20.97 -45.12
CA GLU E 106 30.00 -20.65 -46.51
C GLU E 106 31.48 -20.74 -46.93
N ALA E 107 32.38 -20.38 -46.02
CA ALA E 107 33.82 -20.60 -46.26
C ALA E 107 34.10 -22.09 -46.35
N GLY E 108 33.42 -22.88 -45.51
CA GLY E 108 33.58 -24.31 -45.50
C GLY E 108 33.22 -24.91 -46.85
N ARG E 109 32.14 -24.39 -47.44
CA ARG E 109 31.68 -24.86 -48.72
C ARG E 109 32.52 -24.31 -49.88
N LEU E 110 32.64 -22.99 -49.95
CA LEU E 110 33.32 -22.34 -51.07
C LEU E 110 34.82 -22.62 -51.14
N TRP E 111 35.43 -22.88 -50.00
CA TRP E 111 36.87 -23.09 -49.95
C TRP E 111 37.22 -24.56 -49.71
N ASP E 112 36.19 -25.40 -49.57
CA ASP E 112 36.36 -26.82 -49.27
C ASP E 112 37.17 -27.03 -47.98
N GLN E 113 36.65 -26.51 -46.87
CA GLN E 113 37.30 -26.61 -45.56
C GLN E 113 36.33 -27.20 -44.54
N PRO E 114 36.33 -28.54 -44.40
CA PRO E 114 35.41 -29.21 -43.46
C PRO E 114 35.50 -28.67 -42.03
N ALA E 115 36.70 -28.27 -41.60
CA ALA E 115 36.91 -27.65 -40.29
C ALA E 115 36.00 -26.44 -40.06
N TYR E 116 35.87 -25.61 -41.09
CA TYR E 116 35.02 -24.42 -41.01
C TYR E 116 33.55 -24.85 -40.93
N THR E 117 33.18 -25.86 -41.71
CA THR E 117 31.82 -26.37 -41.75
C THR E 117 31.36 -26.91 -40.39
N GLN E 118 32.21 -27.73 -39.79
CA GLN E 118 31.90 -28.31 -38.50
C GLN E 118 31.81 -27.24 -37.42
N LEU E 119 32.71 -26.26 -37.44
CA LEU E 119 32.67 -25.18 -36.46
C LEU E 119 31.38 -24.36 -36.58
N GLY E 120 30.96 -24.12 -37.82
CA GLY E 120 29.73 -23.39 -38.06
C GLY E 120 28.53 -24.14 -37.52
N GLN E 121 28.52 -25.45 -37.74
CA GLN E 121 27.46 -26.30 -37.23
C GLN E 121 27.45 -26.33 -35.71
N HIS E 122 28.63 -26.37 -35.10
CA HIS E 122 28.73 -26.31 -33.64
C HIS E 122 28.17 -24.98 -33.11
N LEU E 123 28.46 -23.89 -33.82
CA LEU E 123 27.91 -22.60 -33.43
C LEU E 123 26.39 -22.56 -33.54
N LEU E 124 25.83 -23.12 -34.61
CA LEU E 124 24.37 -23.14 -34.78
C LEU E 124 23.66 -23.87 -33.64
N TRP E 125 24.21 -25.00 -33.21
CA TRP E 125 23.63 -25.75 -32.10
C TRP E 125 23.66 -24.94 -30.80
N ARG E 126 24.76 -24.22 -30.58
CA ARG E 126 24.90 -23.40 -29.38
C ARG E 126 23.99 -22.16 -29.42
N ILE E 127 23.86 -21.57 -30.60
CA ILE E 127 22.92 -20.45 -30.76
C ILE E 127 21.49 -20.91 -30.49
N ALA E 128 21.10 -22.05 -31.05
CA ALA E 128 19.77 -22.61 -30.76
C ALA E 128 19.61 -22.87 -29.27
N ALA E 129 20.61 -23.49 -28.65
CA ALA E 129 20.54 -23.91 -27.23
C ALA E 129 20.50 -22.74 -26.27
N GLN E 130 21.29 -21.70 -26.55
CA GLN E 130 21.45 -20.58 -25.61
C GLN E 130 20.63 -19.32 -25.94
N THR E 131 20.38 -19.07 -27.21
CA THR E 131 19.90 -17.75 -27.62
C THR E 131 18.46 -17.76 -28.14
N VAL E 132 18.02 -18.91 -28.62
CA VAL E 132 16.68 -19.04 -29.16
C VAL E 132 15.64 -19.26 -28.05
N ARG E 133 14.44 -18.72 -28.24
CA ARG E 133 13.31 -18.99 -27.37
C ARG E 133 12.07 -19.19 -28.22
N LYS E 134 11.07 -19.86 -27.64
CA LYS E 134 9.74 -19.93 -28.25
C LYS E 134 8.91 -18.81 -27.63
N LEU E 135 8.56 -17.83 -28.45
CA LEU E 135 7.81 -16.66 -27.97
C LEU E 135 6.32 -16.79 -28.30
N PRO E 136 5.45 -16.37 -27.36
CA PRO E 136 4.00 -16.42 -27.55
C PRO E 136 3.56 -15.67 -28.81
N GLY E 137 2.69 -16.29 -29.60
CA GLY E 137 2.14 -15.66 -30.79
C GLY E 137 3.11 -15.49 -31.94
N LEU E 138 4.34 -15.98 -31.77
CA LEU E 138 5.37 -15.81 -32.80
C LEU E 138 6.07 -17.13 -33.15
N GLY E 139 6.47 -17.89 -32.13
CA GLY E 139 7.19 -19.14 -32.33
C GLY E 139 8.66 -18.99 -31.98
N VAL E 140 9.50 -19.87 -32.51
CA VAL E 140 10.95 -19.76 -32.26
C VAL E 140 11.50 -18.45 -32.83
N LEU E 142 15.11 -15.54 -32.26
CA LEU E 142 16.41 -15.27 -31.68
C LEU E 142 16.35 -14.06 -30.74
N LEU E 143 16.84 -14.24 -29.53
CA LEU E 143 17.03 -13.10 -28.63
C LEU E 143 18.23 -12.29 -29.14
N PRO E 144 18.32 -11.01 -28.76
CA PRO E 144 19.50 -10.21 -29.14
C PRO E 144 20.77 -10.67 -28.43
N GLY E 145 20.62 -11.39 -27.31
CA GLY E 145 21.75 -11.91 -26.55
C GLY E 145 21.25 -12.94 -25.56
N ASP E 146 22.16 -13.72 -24.99
CA ASP E 146 21.78 -14.83 -24.10
C ASP E 146 21.15 -14.34 -22.79
N TYR E 147 21.62 -13.21 -22.29
CA TYR E 147 21.10 -12.67 -21.03
C TYR E 147 20.67 -11.20 -21.19
N GLY E 148 19.63 -10.81 -20.44
CA GLY E 148 19.29 -9.40 -20.32
C GLY E 148 18.16 -8.83 -21.16
N PHE E 149 17.56 -9.64 -22.05
CA PHE E 149 16.56 -9.13 -22.98
C PHE E 149 15.14 -9.64 -22.72
N GLU E 150 14.98 -10.41 -21.63
CA GLU E 150 13.67 -10.88 -21.20
C GLU E 150 13.34 -10.30 -19.83
N ASP E 151 12.18 -9.65 -19.71
CA ASP E 151 11.64 -9.25 -18.41
C ASP E 151 10.13 -9.42 -18.40
N ALA E 152 9.49 -9.02 -17.31
CA ALA E 152 8.05 -9.22 -17.12
C ALA E 152 7.21 -8.51 -18.19
N GLN E 153 7.82 -7.52 -18.84
CA GLN E 153 7.13 -6.73 -19.85
C GLN E 153 7.15 -7.42 -21.21
N GLY E 154 8.03 -8.41 -21.37
CA GLY E 154 8.12 -9.15 -22.61
C GLY E 154 9.54 -9.37 -23.08
N THR E 155 9.71 -9.62 -24.36
CA THR E 155 11.00 -9.89 -24.94
C THR E 155 11.43 -8.77 -25.89
N ARG E 156 12.60 -8.18 -25.64
CA ARG E 156 13.15 -7.18 -26.54
C ARG E 156 13.82 -7.88 -27.73
N LEU E 157 13.55 -7.37 -28.93
CA LEU E 157 14.04 -7.96 -30.17
C LEU E 157 14.64 -6.89 -31.07
N ASN E 158 15.60 -7.27 -31.91
CA ASN E 158 16.28 -6.33 -32.82
C ASN E 158 16.17 -6.90 -34.23
N PRO E 159 15.24 -6.36 -35.03
CA PRO E 159 15.01 -6.88 -36.40
C PRO E 159 16.29 -6.97 -37.26
N SER E 160 17.20 -6.02 -37.09
CA SER E 160 18.43 -6.01 -37.89
C SER E 160 19.38 -7.19 -37.58
N TYR E 161 19.19 -7.85 -36.45
CA TYR E 161 20.03 -9.00 -36.08
C TYR E 161 19.65 -10.25 -36.85
N LEU E 162 18.62 -10.15 -37.68
CA LEU E 162 18.01 -11.34 -38.26
C LEU E 162 17.98 -11.41 -39.79
N PRO E 163 19.15 -11.25 -40.46
CA PRO E 163 19.15 -11.28 -41.93
C PRO E 163 18.52 -12.56 -42.44
N LEU E 164 17.55 -12.42 -43.33
CA LEU E 164 16.85 -13.57 -43.85
C LEU E 164 17.78 -14.50 -44.63
N GLN E 165 18.77 -13.93 -45.31
CA GLN E 165 19.75 -14.72 -46.06
C GLN E 165 20.38 -15.79 -45.17
N LEU E 166 20.75 -15.39 -43.96
CA LEU E 166 21.43 -16.30 -43.05
C LEU E 166 20.49 -17.37 -42.52
N LEU E 167 19.29 -16.96 -42.12
CA LEU E 167 18.33 -17.90 -41.57
C LEU E 167 17.90 -18.90 -42.65
N ASP E 168 17.66 -18.40 -43.88
CA ASP E 168 17.34 -19.27 -45.00
C ASP E 168 18.44 -20.30 -45.24
N ARG E 169 19.70 -19.85 -45.14
CA ARG E 169 20.83 -20.72 -45.35
C ARG E 169 20.91 -21.79 -44.25
N PHE E 170 20.68 -21.38 -43.01
CA PHE E 170 20.74 -22.31 -41.88
C PHE E 170 19.70 -23.42 -41.95
N SER E 171 18.64 -23.21 -42.74
CA SER E 171 17.64 -24.27 -42.90
C SER E 171 18.19 -25.49 -43.64
N ASP E 172 19.28 -25.31 -44.39
CA ASP E 172 19.97 -26.45 -45.01
C ASP E 172 20.46 -27.41 -43.94
N VAL E 173 20.75 -26.89 -42.77
CA VAL E 173 21.22 -27.72 -41.66
C VAL E 173 20.02 -28.38 -40.99
N ASP E 174 18.96 -27.60 -40.77
CA ASP E 174 17.72 -28.12 -40.20
C ASP E 174 16.58 -27.15 -40.46
N PRO E 175 15.38 -27.67 -40.79
CA PRO E 175 14.22 -26.83 -41.09
C PRO E 175 13.79 -25.89 -39.97
N LEU E 176 14.19 -26.15 -38.72
CA LEU E 176 13.82 -25.25 -37.64
C LEU E 176 14.29 -23.81 -37.92
N TRP E 177 15.44 -23.69 -38.60
CA TRP E 177 15.95 -22.38 -38.99
C TRP E 177 15.13 -21.72 -40.10
N GLY E 178 14.55 -22.55 -40.98
CA GLY E 178 13.62 -22.06 -41.98
C GLY E 178 12.36 -21.53 -41.31
N GLU E 179 11.96 -22.19 -40.24
CA GLU E 179 10.79 -21.79 -39.45
C GLU E 179 11.07 -20.46 -38.74
N LEU E 180 12.31 -20.26 -38.29
CA LEU E 180 12.69 -19.04 -37.60
C LEU E 180 12.75 -17.90 -38.61
N ALA E 181 13.15 -18.25 -39.83
CA ALA E 181 13.18 -17.31 -40.95
C ALA E 181 11.77 -16.82 -41.29
N ALA E 182 10.81 -17.75 -41.31
CA ALA E 182 9.42 -17.39 -41.57
C ALA E 182 8.87 -16.51 -40.44
N ASN E 183 9.26 -16.81 -39.20
CA ASN E 183 8.82 -16.01 -38.06
C ASN E 183 9.42 -14.61 -38.12
N THR E 184 10.67 -14.53 -38.59
CA THR E 184 11.36 -13.25 -38.76
C THR E 184 10.69 -12.36 -39.82
N ARG E 185 10.29 -12.99 -40.94
CA ARG E 185 9.54 -12.28 -41.98
C ARG E 185 8.30 -11.61 -41.40
N ARG E 186 7.55 -12.36 -40.60
CA ARG E 186 6.37 -11.83 -39.92
C ARG E 186 6.75 -10.73 -38.92
N LEU E 187 7.80 -10.96 -38.14
CA LEU E 187 8.23 -9.99 -37.14
C LEU E 187 8.61 -8.67 -37.81
N TRP E 188 9.32 -8.76 -38.92
CA TRP E 188 9.77 -7.57 -39.63
C TRP E 188 8.60 -6.70 -40.05
N LEU E 189 7.59 -7.35 -40.64
CA LEU E 189 6.39 -6.65 -41.09
C LEU E 189 5.64 -6.04 -39.92
N ALA E 190 5.43 -6.84 -38.88
CA ALA E 190 4.81 -6.36 -37.65
C ALA E 190 5.53 -5.14 -37.05
N SER E 191 6.86 -5.14 -37.13
CA SER E 191 7.65 -4.08 -36.51
C SER E 191 7.65 -2.80 -37.33
N SER E 192 7.22 -2.87 -38.58
CA SER E 192 7.36 -1.76 -39.51
C SER E 192 6.04 -1.35 -40.19
N PRO E 193 5.11 -0.79 -39.41
CA PRO E 193 3.76 -0.47 -39.88
C PRO E 193 3.74 0.60 -40.98
N LYS E 194 4.75 1.46 -41.02
CA LYS E 194 4.78 2.53 -42.01
C LYS E 194 5.87 2.30 -43.06
N GLY E 195 6.40 1.08 -43.08
CA GLY E 195 7.47 0.74 -43.99
C GLY E 195 8.83 1.23 -43.51
N PHE E 196 8.95 1.52 -42.22
CA PHE E 196 10.25 1.87 -41.63
C PHE E 196 10.57 0.91 -40.49
N ALA E 197 11.78 0.37 -40.48
CA ALA E 197 12.19 -0.55 -39.43
C ALA E 197 12.65 0.20 -38.20
N PRO E 198 12.32 -0.30 -37.01
CA PRO E 198 12.91 0.25 -35.78
C PRO E 198 14.20 -0.48 -35.44
N ASP E 199 15.06 0.13 -34.62
CA ASP E 199 16.23 -0.56 -34.06
C ASP E 199 15.80 -1.74 -33.19
N TRP E 200 14.77 -1.50 -32.38
CA TRP E 200 14.30 -2.44 -31.37
C TRP E 200 12.77 -2.47 -31.28
N LEU E 201 12.20 -3.58 -30.81
CA LEU E 201 10.81 -3.58 -30.40
C LEU E 201 10.63 -4.48 -29.18
N LEU E 202 9.48 -4.35 -28.53
CA LEU E 202 9.11 -5.21 -27.44
C LEU E 202 8.11 -6.25 -27.94
N TRP E 203 8.34 -7.51 -27.58
CA TRP E 203 7.35 -8.55 -27.87
C TRP E 203 6.65 -8.92 -26.56
N THR E 204 5.39 -8.49 -26.42
CA THR E 204 4.68 -8.62 -25.16
C THR E 204 4.35 -10.07 -24.82
N PRO E 205 4.09 -10.35 -23.54
CA PRO E 205 3.62 -11.68 -23.12
C PRO E 205 2.37 -12.14 -23.86
N ALA E 206 1.62 -11.19 -24.44
CA ALA E 206 0.40 -11.51 -25.16
C ALA E 206 0.63 -11.72 -26.66
N GLY E 207 1.89 -11.71 -27.09
CA GLY E 207 2.21 -12.01 -28.48
C GLY E 207 1.96 -10.86 -29.44
N LYS E 208 2.23 -9.64 -28.99
CA LYS E 208 2.00 -8.47 -29.82
C LYS E 208 3.25 -7.60 -29.84
N PRO E 209 3.47 -6.88 -30.95
CA PRO E 209 4.61 -5.95 -31.03
C PRO E 209 4.29 -4.65 -30.30
N ALA E 210 5.27 -4.09 -29.59
CA ALA E 210 5.11 -2.82 -28.90
C ALA E 210 6.41 -2.03 -28.97
N ALA E 211 6.37 -0.76 -28.62
CA ALA E 211 7.58 0.07 -28.61
C ALA E 211 8.61 -0.49 -27.63
N ASP E 212 9.88 -0.45 -28.04
CA ASP E 212 10.98 -0.92 -27.20
C ASP E 212 10.99 -0.20 -25.85
N THR E 213 11.34 -0.92 -24.79
CA THR E 213 11.30 -0.34 -23.45
C THR E 213 12.46 0.62 -23.21
N LYS E 214 13.48 0.56 -24.07
CA LYS E 214 14.64 1.44 -23.95
C LYS E 214 14.72 2.50 -25.04
N HIS E 215 14.47 2.11 -26.29
CA HIS E 215 14.62 3.03 -27.41
C HIS E 215 13.32 3.32 -28.17
N GLY E 216 12.19 2.94 -27.58
CA GLY E 216 10.89 3.23 -28.16
C GLY E 216 10.76 2.77 -29.60
N ASN E 217 10.44 3.70 -30.48
CA ASN E 217 10.19 3.40 -31.89
C ASN E 217 11.31 3.85 -32.83
N ALA E 218 12.41 4.32 -32.27
CA ALA E 218 13.48 4.91 -33.08
C ALA E 218 14.09 3.89 -34.04
N GLY E 219 14.26 4.32 -35.28
CA GLY E 219 14.98 3.57 -36.28
C GLY E 219 16.20 4.37 -36.69
N ASP E 220 17.38 3.89 -36.31
CA ASP E 220 18.62 4.62 -36.58
C ASP E 220 19.64 3.69 -37.20
N TYR E 221 20.74 3.49 -36.45
CA TYR E 221 21.95 2.85 -36.94
C TYR E 221 21.91 1.33 -36.99
N ASP E 222 21.01 0.72 -36.22
CA ASP E 222 20.77 -0.72 -36.35
C ASP E 222 19.78 -0.97 -37.49
N ALA E 223 18.65 -0.26 -37.43
CA ALA E 223 17.53 -0.43 -38.37
C ALA E 223 17.91 -0.24 -39.83
N ILE E 224 18.89 0.62 -40.10
CA ILE E 224 19.32 0.87 -41.48
C ILE E 224 19.78 -0.42 -42.15
N ARG E 225 20.26 -1.36 -41.35
CA ARG E 225 20.71 -2.64 -41.88
C ARG E 225 19.57 -3.57 -42.32
N VAL E 226 18.36 -3.37 -41.80
CA VAL E 226 17.20 -4.13 -42.29
C VAL E 226 17.02 -3.90 -43.80
N TYR E 227 17.09 -2.63 -44.20
CA TYR E 227 16.95 -2.28 -45.62
C TYR E 227 18.06 -2.88 -46.46
N LEU E 228 19.26 -2.91 -45.90
CA LEU E 228 20.42 -3.56 -46.53
C LEU E 228 20.17 -5.04 -46.80
N TRP E 229 19.74 -5.77 -45.79
CA TRP E 229 19.46 -7.21 -45.93
C TRP E 229 18.36 -7.45 -46.95
N VAL E 230 17.29 -6.67 -46.86
CA VAL E 230 16.16 -6.81 -47.79
C VAL E 230 16.59 -6.55 -49.24
N GLY E 231 17.33 -5.46 -49.44
CA GLY E 231 17.83 -5.11 -50.75
C GLY E 231 18.70 -6.18 -51.39
N LEU E 233 18.33 -9.49 -50.92
CA LEU E 233 17.59 -10.74 -51.14
C LEU E 233 17.61 -11.07 -52.61
N ALA E 234 17.85 -12.34 -52.93
CA ALA E 234 17.83 -12.79 -54.32
C ALA E 234 16.43 -12.62 -54.89
N GLU E 235 16.32 -12.47 -56.20
CA GLU E 235 15.01 -12.33 -56.83
C GLU E 235 14.07 -13.51 -56.54
N GLY E 236 14.63 -14.71 -56.39
CA GLY E 236 13.82 -15.88 -56.11
C GLY E 236 13.53 -16.11 -54.64
N ALA E 237 14.06 -15.25 -53.77
CA ALA E 237 13.90 -15.45 -52.33
C ALA E 237 12.45 -15.37 -51.88
N ALA E 238 12.10 -16.16 -50.88
CA ALA E 238 10.74 -16.16 -50.35
C ALA E 238 10.36 -14.78 -49.84
N GLN E 239 9.23 -14.27 -50.31
CA GLN E 239 8.70 -12.95 -49.92
C GLN E 239 9.55 -11.76 -50.36
N ARG E 240 10.47 -11.97 -51.30
CA ARG E 240 11.37 -10.90 -51.73
C ARG E 240 10.62 -9.71 -52.33
N ARG E 241 9.66 -10.02 -53.21
CA ARG E 241 8.83 -8.99 -53.82
C ARG E 241 8.00 -8.25 -52.74
N GLU E 242 7.40 -9.01 -51.83
CA GLU E 242 6.60 -8.44 -50.76
C GLU E 242 7.41 -7.53 -49.82
N LEU E 243 8.61 -7.98 -49.47
CA LEU E 243 9.46 -7.24 -48.54
C LEU E 243 10.01 -5.95 -49.16
N VAL E 244 10.44 -6.01 -50.41
CA VAL E 244 10.93 -4.83 -51.10
C VAL E 244 9.82 -3.79 -51.25
N ALA E 245 8.63 -4.25 -51.59
CA ALA E 245 7.49 -3.36 -51.69
C ALA E 245 7.14 -2.78 -50.34
N HIS E 246 7.27 -3.58 -49.29
CA HIS E 246 6.93 -3.13 -47.94
C HIS E 246 7.86 -2.01 -47.46
N TYR E 247 9.15 -2.12 -47.75
CA TYR E 247 10.10 -1.13 -47.25
C TYR E 247 10.38 -0.02 -48.26
N ALA E 248 9.58 0.02 -49.31
CA ALA E 248 9.65 1.09 -50.31
C ALA E 248 9.65 2.51 -49.74
N PRO E 249 8.84 2.79 -48.69
CA PRO E 249 8.86 4.15 -48.13
C PRO E 249 10.25 4.69 -47.77
N ALA E 251 13.15 3.93 -49.33
CA ALA E 251 13.77 4.28 -50.62
C ALA E 251 13.19 5.58 -51.17
N ALA E 252 11.86 5.69 -51.14
CA ALA E 252 11.17 6.86 -51.66
C ALA E 252 11.48 8.11 -50.83
N LEU E 253 11.55 7.94 -49.51
CA LEU E 253 11.84 9.04 -48.60
C LEU E 253 13.24 9.59 -48.87
N THR E 254 14.21 8.69 -48.96
CA THR E 254 15.59 9.07 -49.28
C THR E 254 15.62 9.80 -50.60
N GLN E 255 14.88 9.27 -51.57
CA GLN E 255 14.80 9.86 -52.90
C GLN E 255 14.29 11.30 -52.85
N ARG E 256 13.12 11.47 -52.22
CA ARG E 256 12.47 12.77 -52.08
C ARG E 256 13.33 13.81 -51.36
N GLN E 257 14.30 13.36 -50.56
CA GLN E 257 15.12 14.26 -49.76
C GLN E 257 16.54 14.48 -50.32
N GLY E 258 17.01 13.56 -51.15
CA GLY E 258 18.36 13.64 -51.69
C GLY E 258 19.38 12.95 -50.80
N LEU E 259 19.05 12.81 -49.52
CA LEU E 259 19.89 12.11 -48.57
C LEU E 259 19.04 11.15 -47.75
N PRO E 260 19.65 10.04 -47.29
CA PRO E 260 18.92 9.17 -46.36
C PRO E 260 18.72 9.93 -45.05
N PRO E 261 17.59 9.70 -44.37
CA PRO E 261 17.37 10.34 -43.07
C PRO E 261 18.26 9.71 -42.00
N GLU E 262 18.40 10.39 -40.87
CA GLU E 262 19.17 9.85 -39.76
C GLU E 262 18.25 9.12 -38.78
N HIS E 263 17.31 9.84 -38.19
CA HIS E 263 16.38 9.26 -37.23
C HIS E 263 15.02 9.00 -37.87
N LEU E 264 14.44 7.84 -37.55
CA LEU E 264 13.10 7.51 -37.99
C LEU E 264 12.29 7.15 -36.76
N ASP E 265 10.99 7.45 -36.81
CA ASP E 265 10.05 6.94 -35.83
C ASP E 265 9.22 5.89 -36.57
N ALA E 266 9.47 4.62 -36.24
CA ALA E 266 8.84 3.51 -36.92
C ALA E 266 7.31 3.54 -36.80
N ARG E 267 6.82 4.23 -35.77
CA ARG E 267 5.37 4.35 -35.57
C ARG E 267 4.76 5.43 -36.44
N SER E 268 5.29 6.64 -36.35
CA SER E 268 4.69 7.80 -37.01
C SER E 268 5.19 7.97 -38.43
N GLY E 269 6.37 7.43 -38.71
CA GLY E 269 6.95 7.52 -40.04
C GLY E 269 7.74 8.79 -40.25
N GLU E 270 7.89 9.58 -39.19
CA GLU E 270 8.60 10.85 -39.29
C GLU E 270 10.12 10.71 -39.29
N ALA E 271 10.74 11.34 -40.27
CA ALA E 271 12.19 11.33 -40.40
C ALA E 271 12.76 12.64 -39.89
N ARG E 272 13.91 12.55 -39.22
CA ARG E 272 14.66 13.73 -38.82
C ARG E 272 16.11 13.55 -39.28
N GLY E 273 16.70 14.64 -39.73
CA GLY E 273 18.12 14.69 -40.02
C GLY E 273 18.55 13.97 -41.28
N HIS E 274 19.86 13.96 -41.51
CA HIS E 274 20.45 13.27 -42.65
C HIS E 274 21.53 12.29 -42.13
N GLY E 275 21.39 11.02 -42.49
CA GLY E 275 22.33 10.00 -42.05
C GLY E 275 23.73 10.16 -42.62
N PRO E 276 24.70 9.40 -42.09
CA PRO E 276 26.08 9.46 -42.56
C PRO E 276 26.25 8.83 -43.94
N ALA E 277 27.47 8.76 -44.44
CA ALA E 277 27.76 8.16 -45.75
C ALA E 277 27.39 6.68 -45.76
N GLY E 278 27.54 6.03 -44.62
CA GLY E 278 27.18 4.63 -44.47
C GLY E 278 25.73 4.35 -44.79
N PHE E 279 24.84 5.30 -44.51
CA PHE E 279 23.42 5.09 -44.79
C PHE E 279 23.18 5.06 -46.29
N SER E 280 23.89 5.89 -47.03
CA SER E 280 23.78 5.88 -48.49
C SER E 280 24.23 4.54 -49.07
N ALA E 281 25.30 3.98 -48.51
CA ALA E 281 25.84 2.73 -49.04
C ALA E 281 24.93 1.53 -48.72
N ALA E 282 24.35 1.54 -47.53
CA ALA E 282 23.46 0.48 -47.08
C ALA E 282 22.17 0.44 -47.90
N LEU E 283 21.80 1.58 -48.46
CA LEU E 283 20.54 1.71 -49.19
C LEU E 283 20.65 1.38 -50.68
N LEU E 284 21.87 1.23 -51.18
CA LEU E 284 22.07 0.92 -52.61
C LEU E 284 21.39 -0.37 -53.12
N PRO E 285 21.44 -1.47 -52.34
CA PRO E 285 20.73 -2.66 -52.84
C PRO E 285 19.20 -2.46 -52.95
N LEU E 286 18.59 -1.89 -51.91
CA LEU E 286 17.15 -1.61 -51.94
C LEU E 286 16.81 -0.61 -53.05
N LEU E 287 17.68 0.36 -53.27
CA LEU E 287 17.46 1.37 -54.31
C LEU E 287 17.48 0.75 -55.71
N ALA E 288 18.33 -0.26 -55.90
CA ALA E 288 18.45 -0.91 -57.20
C ALA E 288 17.39 -2.02 -57.39
N ALA E 289 16.53 -2.20 -56.40
CA ALA E 289 15.55 -3.28 -56.41
C ALA E 289 14.31 -2.98 -57.26
N SER E 290 13.92 -1.71 -57.34
CA SER E 290 12.73 -1.32 -58.09
C SER E 290 13.07 -0.40 -59.27
N PRO E 291 12.21 -0.37 -60.29
CA PRO E 291 12.37 0.65 -61.33
C PRO E 291 11.92 2.01 -60.81
N GLU E 292 11.02 2.00 -59.83
CA GLU E 292 10.49 3.24 -59.23
C GLU E 292 11.57 4.08 -58.54
N HIS E 293 12.70 3.45 -58.24
CA HIS E 293 13.79 4.12 -57.56
C HIS E 293 15.05 4.12 -58.41
N VAL E 294 15.18 5.15 -59.25
CA VAL E 294 16.33 5.29 -60.12
C VAL E 294 17.02 6.62 -59.85
N ALA E 295 16.21 7.61 -59.48
CA ALA E 295 16.71 8.93 -59.09
C ALA E 295 17.39 8.86 -57.70
N GLY E 296 16.82 8.05 -56.81
CA GLY E 296 17.41 7.85 -55.51
C GLY E 296 18.75 7.15 -55.63
N LEU E 297 18.79 6.14 -56.50
CA LEU E 297 19.99 5.33 -56.71
C LEU E 297 21.13 6.17 -57.29
N ALA E 298 20.81 7.01 -58.26
CA ALA E 298 21.80 7.93 -58.83
C ALA E 298 22.32 8.89 -57.77
N ALA E 299 21.40 9.57 -57.09
CA ALA E 299 21.74 10.53 -56.04
C ALA E 299 22.64 9.94 -54.95
N GLN E 300 22.37 8.70 -54.53
CA GLN E 300 23.13 8.09 -53.44
C GLN E 300 24.49 7.54 -53.88
N ARG E 301 24.60 7.05 -55.12
CA ARG E 301 25.89 6.68 -55.67
C ARG E 301 26.76 7.92 -55.84
N GLN E 302 26.11 9.01 -56.25
CA GLN E 302 26.78 10.28 -56.48
C GLN E 302 27.32 10.90 -55.20
N ARG E 303 26.53 10.83 -54.13
CA ARG E 303 26.94 11.41 -52.86
C ARG E 303 28.12 10.64 -52.26
N LEU E 304 28.29 9.40 -52.71
CA LEU E 304 29.40 8.55 -52.27
C LEU E 304 30.70 8.85 -53.02
N ARG E 305 30.58 9.49 -54.19
CA ARG E 305 31.74 9.93 -54.95
C ARG E 305 32.12 11.36 -54.56
N GLU E 306 31.13 12.13 -54.12
CA GLU E 306 31.35 13.52 -53.71
C GLU E 306 31.84 13.58 -52.26
N GLN E 307 31.14 12.88 -51.37
CA GLN E 307 31.54 12.80 -49.97
C GLN E 307 31.88 11.35 -49.60
N PRO E 308 33.10 10.91 -49.95
CA PRO E 308 33.52 9.51 -49.81
C PRO E 308 33.52 8.98 -48.37
N VAL E 309 33.56 7.66 -48.22
CA VAL E 309 33.69 7.03 -46.89
C VAL E 309 35.06 7.36 -46.28
N GLU E 310 35.04 7.99 -45.11
CA GLU E 310 36.26 8.53 -44.48
C GLU E 310 37.20 7.43 -43.99
N ALA E 311 38.50 7.75 -43.95
CA ALA E 311 39.52 6.85 -43.42
C ALA E 311 39.28 6.53 -41.96
N LYS E 312 39.46 5.26 -41.60
CA LYS E 312 39.34 4.79 -40.22
C LYS E 312 37.93 4.95 -39.63
N ALA E 313 36.93 5.07 -40.49
CA ALA E 313 35.55 5.13 -40.03
C ALA E 313 34.95 3.72 -40.07
N TYR E 314 34.98 3.02 -38.92
CA TYR E 314 34.54 1.64 -38.88
C TYR E 314 33.12 1.46 -39.43
N TYR E 315 32.19 2.20 -38.84
CA TYR E 315 30.78 2.00 -39.13
C TYR E 315 30.48 2.22 -40.61
N SER E 316 30.91 3.35 -41.15
CA SER E 316 30.65 3.65 -42.55
C SER E 316 31.35 2.67 -43.50
N GLN E 317 32.53 2.22 -43.14
CA GLN E 317 33.29 1.33 -44.03
C GLN E 317 32.67 -0.05 -44.16
N VAL E 318 32.25 -0.66 -43.06
CA VAL E 318 31.59 -1.95 -43.14
C VAL E 318 30.25 -1.86 -43.87
N LEU E 319 29.52 -0.76 -43.69
CA LEU E 319 28.24 -0.61 -44.41
C LEU E 319 28.51 -0.44 -45.90
N ALA E 320 29.58 0.29 -46.22
CA ALA E 320 29.99 0.47 -47.60
C ALA E 320 30.47 -0.85 -48.22
N LEU E 321 31.28 -1.60 -47.45
CA LEU E 321 31.75 -2.90 -47.92
C LEU E 321 30.60 -3.84 -48.29
N PHE E 322 29.56 -3.87 -47.46
CA PHE E 322 28.33 -4.58 -47.77
C PHE E 322 27.62 -4.01 -49.00
N GLY E 323 27.21 -2.75 -48.89
CA GLY E 323 26.35 -2.13 -49.90
C GLY E 323 27.02 -1.84 -51.23
N GLN E 324 28.16 -1.16 -51.18
CA GLN E 324 28.91 -0.86 -52.38
C GLN E 324 29.49 -2.13 -52.98
N GLY E 325 29.84 -3.08 -52.12
CA GLY E 325 30.32 -4.38 -52.57
C GLY E 325 29.25 -5.07 -53.40
N PHE E 326 28.04 -5.09 -52.89
CA PHE E 326 26.90 -5.65 -53.60
C PHE E 326 26.61 -4.83 -54.86
N ASP E 327 26.73 -3.51 -54.74
CA ASP E 327 26.44 -2.62 -55.87
C ASP E 327 27.43 -2.82 -57.01
N GLU E 328 28.68 -3.12 -56.68
CA GLU E 328 29.72 -3.40 -57.67
C GLU E 328 29.73 -4.88 -58.09
N ALA E 329 28.67 -5.60 -57.67
CA ALA E 329 28.45 -7.00 -58.04
C ALA E 329 29.60 -7.95 -57.66
N ARG E 330 30.18 -7.73 -56.49
CA ARG E 330 31.26 -8.60 -56.02
C ARG E 330 30.69 -9.87 -55.39
N TYR E 331 29.40 -9.86 -55.09
CA TYR E 331 28.71 -11.06 -54.60
C TYR E 331 27.20 -10.94 -54.76
N ARG E 332 26.53 -12.07 -54.59
CA ARG E 332 25.08 -12.15 -54.59
C ARG E 332 24.70 -13.27 -53.65
N PHE E 333 23.42 -13.34 -53.29
CA PHE E 333 22.90 -14.48 -52.54
C PHE E 333 21.98 -15.28 -53.46
N ASP E 334 21.93 -16.59 -53.30
CA ASP E 334 20.98 -17.41 -54.06
C ASP E 334 19.61 -17.33 -53.33
N PRO E 335 18.53 -17.83 -53.94
CA PRO E 335 17.24 -17.69 -53.24
C PRO E 335 17.20 -18.25 -51.82
N HIS E 336 18.09 -19.18 -51.50
CA HIS E 336 18.10 -19.76 -50.16
C HIS E 336 19.24 -19.25 -49.27
N GLY E 337 19.80 -18.10 -49.62
CA GLY E 337 20.77 -17.43 -48.75
C GLY E 337 22.24 -17.77 -48.98
N ARG E 338 22.48 -18.75 -49.85
CA ARG E 338 23.83 -19.16 -50.18
C ARG E 338 24.57 -18.02 -50.87
N LEU E 339 25.84 -17.84 -50.51
CA LEU E 339 26.67 -16.77 -51.07
C LEU E 339 27.18 -17.17 -52.45
N LEU E 340 27.00 -16.27 -53.42
CA LEU E 340 27.56 -16.43 -54.77
C LEU E 340 28.62 -15.38 -54.99
N PRO E 341 29.87 -15.67 -54.62
CA PRO E 341 30.96 -14.72 -54.86
C PRO E 341 31.20 -14.58 -56.35
N ALA E 342 31.76 -13.45 -56.77
CA ALA E 342 32.04 -13.23 -58.18
C ALA E 342 33.20 -14.11 -58.66
N TRP E 343 34.00 -14.59 -57.72
CA TRP E 343 35.20 -15.36 -58.05
C TRP E 343 34.95 -16.86 -58.28
N SER E 344 33.73 -17.31 -58.05
CA SER E 344 33.37 -18.70 -58.32
C SER E 344 32.99 -18.91 -59.79
N ASN F 2 12.90 -64.85 -29.07
CA ASN F 2 12.17 -63.84 -29.83
C ASN F 2 11.12 -63.11 -28.99
N ALA F 3 10.45 -63.85 -28.11
CA ALA F 3 9.30 -63.34 -27.36
C ALA F 3 9.67 -62.66 -26.03
N TRP F 4 9.01 -61.54 -25.77
CA TRP F 4 9.16 -60.80 -24.52
C TRP F 4 7.79 -60.77 -23.86
N PRO F 5 7.53 -61.75 -22.97
CA PRO F 5 6.20 -61.92 -22.37
C PRO F 5 5.68 -60.68 -21.63
N ALA F 6 6.54 -59.97 -20.89
CA ALA F 6 6.10 -58.79 -20.13
C ALA F 6 5.67 -57.66 -21.04
N TRP F 7 6.32 -57.54 -22.19
CA TRP F 7 5.96 -56.53 -23.18
C TRP F 7 4.62 -56.89 -23.81
N GLU F 8 4.45 -58.17 -24.12
CA GLU F 8 3.17 -58.66 -24.64
C GLU F 8 2.03 -58.41 -23.65
N ARG F 9 2.28 -58.64 -22.36
CA ARG F 9 1.28 -58.35 -21.34
C ARG F 9 0.95 -56.87 -21.31
N PHE F 10 1.99 -56.02 -21.28
CA PHE F 10 1.83 -54.57 -21.24
C PHE F 10 0.97 -54.11 -22.40
N LYS F 11 1.28 -54.61 -23.59
CA LYS F 11 0.53 -54.26 -24.80
C LYS F 11 -0.93 -54.67 -24.70
N ALA F 12 -1.17 -55.93 -24.36
CA ALA F 12 -2.52 -56.46 -24.28
C ALA F 12 -3.35 -55.66 -23.27
N GLU F 13 -2.71 -55.24 -22.19
CA GLU F 13 -3.41 -54.65 -21.06
C GLU F 13 -3.51 -53.12 -21.08
N LEU F 14 -2.53 -52.45 -21.69
CA LEU F 14 -2.43 -51.00 -21.52
C LEU F 14 -2.18 -50.21 -22.80
N VAL F 15 -2.06 -50.92 -23.92
CA VAL F 15 -1.87 -50.22 -25.19
C VAL F 15 -3.06 -50.51 -26.08
N SER F 16 -3.75 -49.47 -26.55
CA SER F 16 -4.90 -49.69 -27.42
C SER F 16 -4.42 -50.07 -28.82
N VAL F 17 -5.29 -50.69 -29.61
CA VAL F 17 -4.98 -51.00 -31.00
C VAL F 17 -4.56 -49.75 -31.75
N ASP F 18 -5.23 -48.65 -31.42
CA ASP F 18 -5.00 -47.33 -32.03
C ASP F 18 -3.63 -46.74 -31.66
N GLY F 19 -2.98 -47.31 -30.65
CA GLY F 19 -1.62 -46.97 -30.29
C GLY F 19 -1.39 -46.01 -29.13
N ARG F 20 -2.36 -45.90 -28.22
CA ARG F 20 -2.16 -45.05 -27.05
C ARG F 20 -1.91 -45.86 -25.79
N VAL F 21 -0.99 -45.37 -24.95
CA VAL F 21 -0.70 -46.02 -23.68
C VAL F 21 -1.62 -45.44 -22.62
N ILE F 22 -2.36 -46.31 -21.95
CA ILE F 22 -3.34 -45.87 -20.96
C ILE F 22 -2.84 -46.02 -19.51
N ASP F 23 -3.14 -45.01 -18.70
CA ASP F 23 -2.99 -45.12 -17.26
C ASP F 23 -4.38 -45.09 -16.63
N PRO F 24 -4.96 -46.28 -16.38
CA PRO F 24 -6.31 -46.45 -15.81
C PRO F 24 -6.42 -46.02 -14.34
N SER F 25 -5.32 -45.70 -13.68
CA SER F 25 -5.37 -45.29 -12.28
C SER F 25 -6.04 -43.91 -12.16
N ASP F 26 -6.00 -43.16 -13.26
CA ASP F 26 -6.62 -41.85 -13.35
C ASP F 26 -8.02 -42.00 -13.91
N GLU F 27 -8.99 -41.31 -13.32
CA GLU F 27 -10.38 -41.39 -13.75
C GLU F 27 -10.61 -40.87 -15.18
N ARG F 28 -9.69 -40.01 -15.64
CA ARG F 28 -9.78 -39.44 -16.98
C ARG F 28 -9.18 -40.38 -18.03
N LEU F 29 -8.76 -41.57 -17.59
CA LEU F 29 -8.15 -42.60 -18.44
C LEU F 29 -7.08 -42.00 -19.34
N ILE F 30 -6.05 -41.44 -18.71
CA ILE F 30 -5.13 -40.56 -19.41
C ILE F 30 -4.07 -41.28 -20.22
N THR F 31 -3.51 -40.53 -21.16
CA THR F 31 -2.28 -40.90 -21.83
C THR F 31 -1.31 -39.75 -21.54
N THR F 32 -0.05 -40.08 -21.23
CA THR F 32 0.97 -39.05 -21.12
C THR F 32 2.01 -39.24 -22.21
N SER F 33 2.73 -38.18 -22.56
CA SER F 33 3.78 -38.31 -23.55
C SER F 33 4.89 -39.23 -22.99
N GLU F 34 5.00 -39.29 -21.67
CA GLU F 34 5.91 -40.23 -21.04
C GLU F 34 5.59 -41.67 -21.41
N GLY F 35 4.32 -42.06 -21.19
CA GLY F 35 3.86 -43.39 -21.56
C GLY F 35 4.15 -43.71 -23.02
N GLN F 36 3.80 -42.79 -23.92
CA GLN F 36 4.10 -42.98 -25.33
C GLN F 36 5.59 -43.22 -25.56
N SER F 37 6.41 -42.38 -24.92
CA SER F 37 7.86 -42.42 -25.15
C SER F 37 8.50 -43.69 -24.61
N TYR F 38 8.00 -44.17 -23.48
CA TYR F 38 8.52 -45.42 -22.92
C TYR F 38 8.12 -46.58 -23.81
N ALA F 39 6.86 -46.57 -24.27
CA ALA F 39 6.36 -47.65 -25.11
C ALA F 39 7.10 -47.72 -26.45
N LEU F 40 7.54 -46.57 -26.96
CA LEU F 40 8.35 -46.56 -28.18
C LEU F 40 9.69 -47.27 -27.96
N PHE F 41 10.33 -46.98 -26.83
CA PHE F 41 11.61 -47.58 -26.48
C PHE F 41 11.48 -49.10 -26.33
N PHE F 42 10.46 -49.54 -25.59
CA PHE F 42 10.21 -50.95 -25.37
C PHE F 42 9.92 -51.69 -26.67
N ALA F 43 9.14 -51.05 -27.55
CA ALA F 43 8.85 -51.61 -28.86
C ALA F 43 10.16 -51.84 -29.63
N LEU F 44 11.10 -50.91 -29.49
CA LEU F 44 12.39 -51.02 -30.16
C LEU F 44 13.21 -52.19 -29.57
N VAL F 45 13.25 -52.25 -28.25
CA VAL F 45 13.89 -53.35 -27.54
C VAL F 45 13.26 -54.71 -27.90
N GLY F 46 11.94 -54.71 -28.08
CA GLY F 46 11.23 -55.94 -28.39
C GLY F 46 11.25 -56.30 -29.86
N ASN F 47 11.98 -55.49 -30.65
CA ASN F 47 12.05 -55.68 -32.09
C ASN F 47 10.65 -55.72 -32.70
N ASP F 48 9.81 -54.78 -32.26
CA ASP F 48 8.39 -54.74 -32.63
C ASP F 48 8.11 -53.52 -33.51
N ARG F 49 8.39 -53.65 -34.79
CA ARG F 49 8.22 -52.53 -35.72
C ARG F 49 6.78 -52.02 -35.79
N GLN F 50 5.82 -52.95 -35.81
CA GLN F 50 4.40 -52.60 -35.95
C GLN F 50 3.83 -51.79 -34.78
N THR F 51 4.11 -52.20 -33.55
CA THR F 51 3.66 -51.42 -32.40
C THR F 51 4.38 -50.07 -32.36
N PHE F 52 5.65 -50.04 -32.76
CA PHE F 52 6.41 -48.78 -32.80
C PHE F 52 5.71 -47.77 -33.73
N ALA F 53 5.44 -48.18 -34.97
CA ALA F 53 4.78 -47.30 -35.93
C ALA F 53 3.42 -46.82 -35.44
N GLN F 54 2.64 -47.72 -34.85
CA GLN F 54 1.31 -47.36 -34.35
C GLN F 54 1.38 -46.37 -33.18
N LEU F 55 2.31 -46.61 -32.24
CA LEU F 55 2.54 -45.67 -31.15
C LEU F 55 2.98 -44.30 -31.65
N LEU F 56 3.87 -44.31 -32.63
CA LEU F 56 4.42 -43.08 -33.15
C LEU F 56 3.31 -42.28 -33.83
N ARG F 57 2.48 -42.98 -34.60
CA ARG F 57 1.37 -42.33 -35.32
C ARG F 57 0.39 -41.70 -34.34
N TRP F 58 0.03 -42.42 -33.29
CA TRP F 58 -0.91 -41.89 -32.32
C TRP F 58 -0.33 -40.64 -31.63
N THR F 59 0.93 -40.73 -31.24
CA THR F 59 1.64 -39.63 -30.57
C THR F 59 1.63 -38.38 -31.46
N SER F 60 1.99 -38.58 -32.71
CA SER F 60 2.09 -37.50 -33.68
C SER F 60 0.73 -36.83 -33.88
N ASN F 61 -0.30 -37.64 -34.15
CA ASN F 61 -1.64 -37.10 -34.42
C ASN F 61 -2.35 -36.48 -33.21
N ASN F 62 -2.17 -37.07 -32.03
CA ASN F 62 -2.96 -36.64 -30.87
C ASN F 62 -2.25 -35.73 -29.89
N LEU F 63 -0.92 -35.81 -29.83
CA LEU F 63 -0.13 -35.00 -28.92
C LEU F 63 0.66 -33.91 -29.64
N ALA F 64 0.93 -34.10 -30.93
CA ALA F 64 1.85 -33.19 -31.64
C ALA F 64 1.23 -32.54 -32.87
N GLU F 65 -0.10 -32.44 -32.88
CA GLU F 65 -0.84 -31.82 -33.97
C GLU F 65 -0.49 -32.38 -35.36
N GLY F 66 -0.08 -33.64 -35.41
CA GLY F 66 0.20 -34.30 -36.68
C GLY F 66 1.63 -34.26 -37.17
N ASP F 67 2.54 -33.66 -36.40
CA ASP F 67 3.92 -33.55 -36.85
C ASP F 67 4.90 -33.27 -35.72
N LEU F 68 5.58 -34.34 -35.27
CA LEU F 68 6.60 -34.22 -34.24
C LEU F 68 7.81 -33.38 -34.68
N ALA F 69 7.96 -33.20 -36.00
CA ALA F 69 9.00 -32.31 -36.51
C ALA F 69 8.64 -30.83 -36.30
N ARG F 70 7.37 -30.54 -36.02
CA ARG F 70 6.92 -29.15 -35.87
C ARG F 70 6.46 -28.82 -34.44
N HIS F 71 6.22 -29.85 -33.64
CA HIS F 71 5.65 -29.67 -32.31
C HIS F 71 6.21 -30.67 -31.32
N LEU F 72 6.66 -30.17 -30.17
CA LEU F 72 6.95 -31.04 -29.04
C LEU F 72 5.61 -31.53 -28.48
N PRO F 73 5.51 -32.84 -28.17
CA PRO F 73 4.20 -33.40 -27.80
C PRO F 73 3.61 -32.81 -26.51
N ALA F 74 2.31 -32.57 -26.51
CA ALA F 74 1.61 -32.21 -25.26
C ALA F 74 1.78 -33.35 -24.24
N TRP F 75 1.91 -33.03 -22.96
CA TRP F 75 2.28 -34.09 -22.02
C TRP F 75 1.10 -34.91 -21.51
N LEU F 76 -0.10 -34.35 -21.56
CA LEU F 76 -1.24 -34.98 -20.91
C LEU F 76 -2.51 -34.99 -21.77
N TRP F 77 -3.11 -36.16 -21.92
CA TRP F 77 -4.23 -36.36 -22.83
C TRP F 77 -5.26 -37.25 -22.10
N GLY F 78 -6.54 -36.94 -22.28
CA GLY F 78 -7.58 -37.75 -21.67
C GLY F 78 -8.96 -37.13 -21.78
N ARG F 79 -9.87 -37.59 -20.93
CA ARG F 79 -11.25 -37.11 -20.91
C ARG F 79 -11.38 -35.81 -20.11
N ASP F 80 -11.94 -34.77 -20.73
CA ASP F 80 -12.17 -33.51 -20.04
C ASP F 80 -13.40 -33.58 -19.12
N GLY F 81 -14.00 -32.43 -18.86
CA GLY F 81 -15.20 -32.38 -18.03
C GLY F 81 -16.44 -32.79 -18.78
N GLN F 82 -16.43 -32.61 -20.10
CA GLN F 82 -17.60 -32.91 -20.93
C GLN F 82 -17.51 -34.29 -21.60
N GLN F 83 -16.73 -35.18 -20.98
CA GLN F 83 -16.55 -36.56 -21.48
C GLN F 83 -15.93 -36.61 -22.88
N GLN F 84 -15.22 -35.54 -23.24
CA GLN F 84 -14.57 -35.46 -24.54
C GLN F 84 -13.08 -35.79 -24.44
N TRP F 85 -12.60 -36.64 -25.34
CA TRP F 85 -11.19 -36.98 -25.36
C TRP F 85 -10.43 -35.81 -25.99
N GLN F 86 -9.45 -35.28 -25.26
CA GLN F 86 -8.74 -34.07 -25.65
C GLN F 86 -7.38 -33.97 -25.00
N VAL F 87 -6.54 -33.09 -25.54
CA VAL F 87 -5.32 -32.68 -24.84
C VAL F 87 -5.77 -31.97 -23.59
N LEU F 88 -5.20 -32.33 -22.44
CA LEU F 88 -5.59 -31.71 -21.17
C LEU F 88 -4.58 -30.65 -20.77
N ASP F 89 -3.36 -30.81 -21.26
CA ASP F 89 -2.31 -29.82 -21.05
C ASP F 89 -1.39 -29.85 -22.26
N ALA F 90 -1.30 -28.73 -22.96
CA ALA F 90 -0.47 -28.61 -24.16
C ALA F 90 1.04 -28.46 -23.88
N ASN F 91 1.40 -28.12 -22.64
CA ASN F 91 2.80 -27.96 -22.26
C ASN F 91 3.51 -29.30 -22.47
N ASN F 92 4.76 -29.27 -22.90
CA ASN F 92 5.48 -30.52 -23.10
C ASN F 92 6.10 -30.98 -21.78
N ALA F 93 6.48 -32.25 -21.69
CA ALA F 93 7.36 -32.72 -20.63
C ALA F 93 8.64 -33.23 -21.27
N SER F 94 9.77 -32.60 -20.92
CA SER F 94 11.00 -32.87 -21.66
C SER F 94 11.56 -34.29 -21.45
N ASP F 95 11.23 -34.95 -20.33
CA ASP F 95 11.70 -36.33 -20.19
C ASP F 95 11.15 -37.19 -21.35
N ALA F 96 9.86 -37.05 -21.65
CA ALA F 96 9.26 -37.79 -22.75
C ALA F 96 9.84 -37.38 -24.10
N ASP F 97 10.08 -36.08 -24.26
CA ASP F 97 10.66 -35.56 -25.49
C ASP F 97 12.01 -36.23 -25.78
N LEU F 98 12.85 -36.39 -24.76
CA LEU F 98 14.15 -37.01 -24.98
C LEU F 98 14.00 -38.47 -25.39
N TRP F 99 13.14 -39.18 -24.67
CA TRP F 99 12.94 -40.60 -24.95
C TRP F 99 12.40 -40.83 -26.37
N ILE F 100 11.53 -39.94 -26.83
CA ILE F 100 10.99 -40.04 -28.20
C ILE F 100 12.11 -39.85 -29.23
N ALA F 101 12.89 -38.78 -29.06
CA ALA F 101 13.99 -38.48 -29.97
C ALA F 101 15.01 -39.62 -29.97
N TYR F 102 15.33 -40.14 -28.78
CA TYR F 102 16.30 -41.21 -28.65
C TYR F 102 15.83 -42.50 -29.34
N SER F 103 14.58 -42.89 -29.08
CA SER F 103 14.00 -44.09 -29.66
C SER F 103 14.03 -43.96 -31.18
N LEU F 104 13.68 -42.78 -31.67
CA LEU F 104 13.71 -42.51 -33.11
C LEU F 104 15.09 -42.62 -33.73
N LEU F 105 16.10 -42.04 -33.08
CA LEU F 105 17.48 -42.13 -33.59
C LEU F 105 17.93 -43.60 -33.62
N GLU F 106 17.62 -44.34 -32.57
CA GLU F 106 18.08 -45.72 -32.48
C GLU F 106 17.26 -46.66 -33.35
N ALA F 107 15.96 -46.38 -33.47
CA ALA F 107 15.13 -47.15 -34.38
C ALA F 107 15.61 -46.95 -35.81
N GLY F 108 15.90 -45.69 -36.16
CA GLY F 108 16.42 -45.39 -37.48
C GLY F 108 17.69 -46.16 -37.79
N ARG F 109 18.61 -46.17 -36.83
CA ARG F 109 19.88 -46.87 -36.99
C ARG F 109 19.70 -48.39 -37.01
N LEU F 110 19.05 -48.93 -35.98
CA LEU F 110 18.92 -50.38 -35.81
C LEU F 110 17.97 -51.08 -36.79
N TRP F 111 17.01 -50.34 -37.33
CA TRP F 111 16.04 -50.91 -38.26
C TRP F 111 16.25 -50.40 -39.69
N ASP F 112 17.28 -49.57 -39.87
CA ASP F 112 17.60 -48.98 -41.18
C ASP F 112 16.41 -48.18 -41.69
N GLN F 113 15.99 -47.20 -40.91
CA GLN F 113 14.82 -46.40 -41.23
C GLN F 113 15.21 -44.93 -41.20
N PRO F 114 15.64 -44.39 -42.35
CA PRO F 114 16.13 -43.00 -42.41
C PRO F 114 15.10 -41.97 -41.94
N ALA F 115 13.82 -42.24 -42.17
CA ALA F 115 12.77 -41.30 -41.76
C ALA F 115 12.75 -41.14 -40.24
N TYR F 116 13.03 -42.22 -39.52
CA TYR F 116 13.10 -42.16 -38.08
C TYR F 116 14.28 -41.32 -37.66
N THR F 117 15.42 -41.54 -38.32
CA THR F 117 16.64 -40.79 -38.04
C THR F 117 16.43 -39.28 -38.23
N GLN F 118 15.90 -38.90 -39.39
CA GLN F 118 15.60 -37.51 -39.68
C GLN F 118 14.67 -36.92 -38.62
N LEU F 119 13.59 -37.62 -38.29
CA LEU F 119 12.64 -37.12 -37.30
C LEU F 119 13.32 -36.93 -35.95
N GLY F 120 14.16 -37.89 -35.57
CA GLY F 120 14.88 -37.79 -34.32
C GLY F 120 15.73 -36.53 -34.26
N GLN F 121 16.41 -36.23 -35.37
CA GLN F 121 17.24 -35.04 -35.45
C GLN F 121 16.42 -33.75 -35.40
N HIS F 122 15.30 -33.70 -36.14
CA HIS F 122 14.40 -32.55 -36.10
C HIS F 122 13.94 -32.25 -34.66
N LEU F 123 13.66 -33.31 -33.91
CA LEU F 123 13.20 -33.16 -32.53
C LEU F 123 14.31 -32.57 -31.67
N LEU F 124 15.54 -33.06 -31.86
CA LEU F 124 16.65 -32.58 -31.07
C LEU F 124 16.86 -31.08 -31.29
N TRP F 125 16.74 -30.64 -32.54
CA TRP F 125 16.91 -29.22 -32.84
C TRP F 125 15.83 -28.40 -32.12
N ARG F 126 14.59 -28.89 -32.17
CA ARG F 126 13.48 -28.21 -31.49
C ARG F 126 13.62 -28.20 -29.97
N ILE F 127 14.08 -29.32 -29.42
CA ILE F 127 14.37 -29.40 -27.99
C ILE F 127 15.45 -28.38 -27.59
N ALA F 128 16.51 -28.29 -28.38
CA ALA F 128 17.55 -27.29 -28.09
C ALA F 128 16.96 -25.88 -28.16
N ALA F 129 16.20 -25.61 -29.22
CA ALA F 129 15.62 -24.28 -29.45
C ALA F 129 14.63 -23.84 -28.36
N GLN F 130 13.76 -24.75 -27.95
CA GLN F 130 12.61 -24.40 -27.11
C GLN F 130 12.82 -24.72 -25.63
N THR F 131 13.53 -25.82 -25.34
CA THR F 131 13.58 -26.35 -23.99
C THR F 131 14.93 -26.13 -23.25
N VAL F 132 16.00 -25.89 -24.00
CA VAL F 132 17.33 -25.75 -23.39
C VAL F 132 17.53 -24.29 -23.02
N ARG F 133 18.27 -24.07 -21.92
CA ARG F 133 18.74 -22.74 -21.51
C ARG F 133 20.19 -22.82 -21.08
N LYS F 134 20.84 -21.66 -20.99
CA LYS F 134 22.15 -21.58 -20.38
C LYS F 134 21.92 -21.06 -18.96
N LEU F 135 22.24 -21.87 -17.95
CA LEU F 135 22.01 -21.50 -16.55
C LEU F 135 23.31 -21.04 -15.87
N PRO F 136 23.21 -20.07 -14.94
CA PRO F 136 24.42 -19.52 -14.32
C PRO F 136 25.16 -20.61 -13.54
N GLY F 137 26.49 -20.62 -13.65
CA GLY F 137 27.32 -21.58 -12.94
C GLY F 137 27.09 -23.03 -13.30
N LEU F 138 26.30 -23.28 -14.33
CA LEU F 138 25.99 -24.64 -14.75
C LEU F 138 26.27 -24.87 -16.25
N GLY F 139 25.86 -23.91 -17.08
CA GLY F 139 25.97 -24.05 -18.53
C GLY F 139 24.66 -24.55 -19.12
N VAL F 140 24.71 -25.09 -20.35
CA VAL F 140 23.49 -25.53 -21.01
C VAL F 140 22.78 -26.63 -20.21
N LEU F 142 18.65 -28.72 -19.72
CA LEU F 142 17.28 -28.96 -20.17
C LEU F 142 16.26 -28.55 -19.11
N LEU F 143 15.31 -27.70 -19.48
CA LEU F 143 14.18 -27.39 -18.59
C LEU F 143 13.24 -28.60 -18.57
N PRO F 144 12.40 -28.73 -17.53
CA PRO F 144 11.38 -29.80 -17.45
C PRO F 144 10.27 -29.69 -18.50
N GLY F 145 10.06 -28.48 -19.03
CA GLY F 145 9.07 -28.23 -20.07
C GLY F 145 9.34 -26.86 -20.65
N ASP F 146 8.73 -26.52 -21.78
CA ASP F 146 9.03 -25.24 -22.43
C ASP F 146 8.55 -24.02 -21.62
N TYR F 147 7.42 -24.16 -20.91
CA TYR F 147 6.83 -23.08 -20.15
C TYR F 147 6.66 -23.46 -18.68
N GLY F 148 6.80 -22.48 -17.79
CA GLY F 148 6.37 -22.65 -16.40
C GLY F 148 7.43 -23.01 -15.37
N PHE F 149 8.68 -23.14 -15.78
CA PHE F 149 9.69 -23.63 -14.84
C PHE F 149 10.78 -22.61 -14.51
N GLU F 150 10.64 -21.39 -15.03
CA GLU F 150 11.54 -20.30 -14.69
C GLU F 150 10.77 -19.16 -14.06
N ASP F 151 11.33 -18.57 -13.00
CA ASP F 151 10.86 -17.29 -12.48
C ASP F 151 11.98 -16.60 -11.73
N ALA F 152 11.64 -15.57 -10.97
CA ALA F 152 12.63 -14.81 -10.21
C ALA F 152 13.46 -15.67 -9.26
N GLN F 153 12.88 -16.78 -8.79
CA GLN F 153 13.54 -17.62 -7.81
C GLN F 153 14.58 -18.56 -8.42
N GLY F 154 14.59 -18.61 -9.76
CA GLY F 154 15.52 -19.45 -10.48
C GLY F 154 14.80 -20.48 -11.32
N THR F 155 15.50 -21.57 -11.62
CA THR F 155 15.05 -22.56 -12.58
C THR F 155 14.76 -23.89 -11.89
N ARG F 156 13.53 -24.38 -12.00
CA ARG F 156 13.21 -25.70 -11.48
C ARG F 156 13.75 -26.76 -12.41
N LEU F 157 14.39 -27.78 -11.84
CA LEU F 157 14.98 -28.85 -12.62
C LEU F 157 14.57 -30.22 -12.07
N ASN F 158 14.51 -31.22 -12.94
CA ASN F 158 14.16 -32.58 -12.55
C ASN F 158 15.28 -33.56 -12.98
N PRO F 159 16.12 -34.00 -12.02
CA PRO F 159 17.26 -34.86 -12.39
C PRO F 159 16.88 -36.11 -13.20
N SER F 160 15.74 -36.71 -12.90
CA SER F 160 15.34 -37.95 -13.57
C SER F 160 14.99 -37.74 -15.04
N TYR F 161 14.78 -36.48 -15.45
CA TYR F 161 14.44 -36.19 -16.85
C TYR F 161 15.65 -36.26 -17.77
N LEU F 162 16.83 -36.50 -17.20
CA LEU F 162 18.09 -36.36 -17.93
C LEU F 162 18.98 -37.61 -17.96
N PRO F 163 18.45 -38.73 -18.49
CA PRO F 163 19.25 -39.96 -18.51
C PRO F 163 20.54 -39.75 -19.30
N LEU F 164 21.68 -40.03 -18.66
CA LEU F 164 22.97 -39.82 -19.31
C LEU F 164 23.13 -40.59 -20.62
N GLN F 165 22.57 -41.81 -20.71
CA GLN F 165 22.69 -42.62 -21.92
C GLN F 165 22.20 -41.84 -23.13
N LEU F 166 21.07 -41.15 -22.95
CA LEU F 166 20.43 -40.40 -24.02
C LEU F 166 21.27 -39.19 -24.43
N LEU F 167 21.69 -38.41 -23.45
CA LEU F 167 22.50 -37.22 -23.70
C LEU F 167 23.86 -37.59 -24.32
N ASP F 168 24.43 -38.70 -23.85
CA ASP F 168 25.69 -39.17 -24.40
C ASP F 168 25.49 -39.58 -25.85
N ARG F 169 24.37 -40.23 -26.12
CA ARG F 169 24.02 -40.65 -27.48
C ARG F 169 23.87 -39.43 -28.38
N PHE F 170 23.17 -38.43 -27.87
CA PHE F 170 22.89 -37.22 -28.64
C PHE F 170 24.15 -36.45 -29.00
N SER F 171 25.23 -36.70 -28.24
CA SER F 171 26.51 -36.05 -28.48
C SER F 171 27.07 -36.42 -29.86
N ASP F 172 26.70 -37.60 -30.35
CA ASP F 172 27.13 -38.04 -31.69
C ASP F 172 26.53 -37.13 -32.76
N VAL F 173 25.36 -36.57 -32.47
CA VAL F 173 24.74 -35.61 -33.36
C VAL F 173 25.49 -34.29 -33.30
N ASP F 174 25.75 -33.83 -32.07
CA ASP F 174 26.62 -32.68 -31.84
C ASP F 174 27.11 -32.63 -30.38
N PRO F 175 28.40 -32.37 -30.19
CA PRO F 175 29.04 -32.35 -28.87
C PRO F 175 28.33 -31.47 -27.82
N LEU F 176 27.58 -30.45 -28.24
CA LEU F 176 26.78 -29.64 -27.31
C LEU F 176 25.98 -30.56 -26.37
N TRP F 177 25.44 -31.65 -26.92
CA TRP F 177 24.71 -32.61 -26.12
C TRP F 177 25.62 -33.33 -25.12
N GLY F 178 26.90 -33.48 -25.48
CA GLY F 178 27.87 -34.09 -24.59
C GLY F 178 28.17 -33.12 -23.47
N GLU F 179 28.21 -31.83 -23.81
CA GLU F 179 28.39 -30.78 -22.81
C GLU F 179 27.24 -30.84 -21.81
N LEU F 180 26.03 -30.90 -22.31
CA LEU F 180 24.84 -31.03 -21.48
C LEU F 180 24.92 -32.28 -20.60
N ALA F 181 25.44 -33.37 -21.16
CA ALA F 181 25.65 -34.59 -20.39
C ALA F 181 26.61 -34.36 -19.24
N ALA F 182 27.70 -33.64 -19.52
CA ALA F 182 28.66 -33.34 -18.46
C ALA F 182 28.02 -32.44 -17.38
N ASN F 183 27.23 -31.46 -17.82
CA ASN F 183 26.53 -30.58 -16.89
C ASN F 183 25.55 -31.36 -16.00
N THR F 184 24.94 -32.39 -16.58
CA THR F 184 23.97 -33.23 -15.87
C THR F 184 24.66 -34.11 -14.83
N ARG F 185 25.83 -34.65 -15.20
CA ARG F 185 26.65 -35.42 -14.28
C ARG F 185 26.94 -34.57 -13.03
N ARG F 186 27.40 -33.34 -13.25
CA ARG F 186 27.61 -32.39 -12.16
C ARG F 186 26.32 -32.10 -11.39
N LEU F 187 25.24 -31.85 -12.12
CA LEU F 187 23.95 -31.55 -11.51
C LEU F 187 23.48 -32.68 -10.61
N TRP F 188 23.55 -33.90 -11.13
CA TRP F 188 23.21 -35.09 -10.36
C TRP F 188 23.97 -35.15 -9.04
N LEU F 189 25.29 -35.04 -9.12
CA LEU F 189 26.12 -35.05 -7.92
C LEU F 189 25.74 -33.92 -6.96
N ALA F 190 25.57 -32.72 -7.50
CA ALA F 190 25.22 -31.55 -6.70
C ALA F 190 23.84 -31.70 -6.02
N SER F 191 22.93 -32.40 -6.68
CA SER F 191 21.58 -32.53 -6.14
C SER F 191 21.48 -33.63 -5.11
N SER F 192 22.54 -34.41 -4.97
CA SER F 192 22.48 -35.66 -4.21
C SER F 192 23.59 -35.78 -3.18
N PRO F 193 23.62 -34.88 -2.18
CA PRO F 193 24.72 -34.80 -1.22
C PRO F 193 24.88 -36.08 -0.39
N LYS F 194 23.80 -36.85 -0.24
CA LYS F 194 23.81 -38.02 0.61
C LYS F 194 23.72 -39.33 -0.18
N GLY F 195 23.76 -39.23 -1.51
CA GLY F 195 23.69 -40.42 -2.35
C GLY F 195 22.25 -40.81 -2.66
N PHE F 196 21.36 -39.83 -2.54
CA PHE F 196 19.95 -40.01 -2.88
C PHE F 196 19.52 -38.84 -3.75
N ALA F 197 18.81 -39.14 -4.83
CA ALA F 197 18.35 -38.09 -5.74
C ALA F 197 17.00 -37.57 -5.27
N PRO F 198 16.77 -36.26 -5.47
CA PRO F 198 15.46 -35.64 -5.25
C PRO F 198 14.61 -35.71 -6.51
N ASP F 199 13.30 -35.54 -6.39
CA ASP F 199 12.44 -35.45 -7.57
C ASP F 199 12.78 -34.17 -8.35
N TRP F 200 12.87 -33.06 -7.63
CA TRP F 200 13.15 -31.75 -8.21
C TRP F 200 14.21 -31.02 -7.39
N LEU F 201 14.81 -30.00 -8.01
CA LEU F 201 15.56 -29.00 -7.25
C LEU F 201 15.46 -27.65 -7.93
N LEU F 202 15.78 -26.61 -7.19
CA LEU F 202 15.82 -25.25 -7.70
C LEU F 202 17.26 -24.91 -8.04
N TRP F 203 17.49 -24.38 -9.24
CA TRP F 203 18.78 -23.82 -9.59
C TRP F 203 18.69 -22.30 -9.52
N THR F 204 19.28 -21.72 -8.48
CA THR F 204 19.13 -20.30 -8.17
C THR F 204 19.86 -19.39 -9.17
N PRO F 205 19.49 -18.10 -9.20
CA PRO F 205 20.24 -17.09 -9.96
C PRO F 205 21.72 -17.03 -9.59
N ALA F 206 22.05 -17.30 -8.32
CA ALA F 206 23.44 -17.35 -7.87
C ALA F 206 24.20 -18.53 -8.48
N GLY F 207 23.47 -19.49 -9.02
CA GLY F 207 24.07 -20.64 -9.67
C GLY F 207 24.34 -21.77 -8.70
N LYS F 208 23.45 -21.92 -7.72
CA LYS F 208 23.58 -22.97 -6.71
C LYS F 208 22.32 -23.85 -6.70
N PRO F 209 22.47 -25.12 -6.27
CA PRO F 209 21.29 -25.97 -6.08
C PRO F 209 20.59 -25.61 -4.78
N ALA F 210 19.26 -25.64 -4.76
CA ALA F 210 18.50 -25.38 -3.54
C ALA F 210 17.30 -26.32 -3.51
N ALA F 211 16.59 -26.33 -2.40
CA ALA F 211 15.40 -27.17 -2.27
C ALA F 211 14.38 -26.70 -3.28
N ASP F 212 13.64 -27.64 -3.86
CA ASP F 212 12.60 -27.27 -4.80
C ASP F 212 11.52 -26.45 -4.09
N THR F 213 10.97 -25.46 -4.79
CA THR F 213 9.97 -24.56 -4.21
C THR F 213 8.63 -25.26 -3.91
N LYS F 214 8.32 -26.31 -4.65
CA LYS F 214 7.07 -27.06 -4.48
C LYS F 214 7.24 -28.35 -3.68
N HIS F 215 8.30 -29.10 -3.97
CA HIS F 215 8.46 -30.43 -3.37
C HIS F 215 9.66 -30.59 -2.45
N GLY F 216 10.34 -29.48 -2.16
CA GLY F 216 11.48 -29.50 -1.27
C GLY F 216 12.57 -30.47 -1.71
N ASN F 217 13.04 -31.29 -0.77
CA ASN F 217 14.09 -32.26 -1.06
C ASN F 217 13.55 -33.67 -1.17
N ALA F 218 12.25 -33.79 -1.40
CA ALA F 218 11.61 -35.09 -1.55
C ALA F 218 12.09 -35.85 -2.80
N GLY F 219 12.44 -37.11 -2.60
CA GLY F 219 12.77 -37.99 -3.70
C GLY F 219 11.88 -39.20 -3.58
N ASP F 220 11.12 -39.49 -4.63
CA ASP F 220 10.31 -40.69 -4.66
C ASP F 220 10.05 -41.18 -6.09
N TYR F 221 8.83 -40.95 -6.59
CA TYR F 221 8.40 -41.58 -7.83
C TYR F 221 9.15 -41.12 -9.09
N ASP F 222 9.62 -39.88 -9.11
CA ASP F 222 10.48 -39.42 -10.19
C ASP F 222 11.93 -39.81 -9.95
N ALA F 223 12.41 -39.54 -8.74
CA ALA F 223 13.81 -39.76 -8.37
C ALA F 223 14.30 -41.21 -8.54
N ILE F 224 13.39 -42.16 -8.41
CA ILE F 224 13.77 -43.57 -8.44
C ILE F 224 14.42 -43.88 -9.78
N ARG F 225 14.01 -43.16 -10.82
CA ARG F 225 14.51 -43.43 -12.16
C ARG F 225 15.95 -42.99 -12.37
N VAL F 226 16.47 -42.15 -11.48
CA VAL F 226 17.88 -41.77 -11.51
C VAL F 226 18.77 -43.00 -11.26
N TYR F 227 18.44 -43.79 -10.23
CA TYR F 227 19.17 -45.00 -9.93
C TYR F 227 19.07 -46.00 -11.08
N LEU F 228 17.90 -46.02 -11.72
CA LEU F 228 17.68 -46.87 -12.88
C LEU F 228 18.64 -46.47 -14.01
N TRP F 229 18.68 -45.17 -14.33
CA TRP F 229 19.56 -44.70 -15.41
C TRP F 229 21.02 -44.98 -15.07
N VAL F 230 21.43 -44.70 -13.83
CA VAL F 230 22.81 -44.92 -13.39
C VAL F 230 23.19 -46.40 -13.49
N GLY F 231 22.30 -47.26 -13.01
CA GLY F 231 22.56 -48.69 -12.98
C GLY F 231 22.72 -49.29 -14.36
N LEU F 233 24.08 -47.58 -16.95
CA LEU F 233 25.28 -47.08 -17.62
C LEU F 233 26.19 -48.24 -18.01
N ALA F 234 26.74 -48.18 -19.21
CA ALA F 234 27.72 -49.18 -19.65
C ALA F 234 29.01 -49.02 -18.85
N GLU F 235 29.75 -50.11 -18.71
CA GLU F 235 30.98 -50.11 -17.93
C GLU F 235 31.93 -49.00 -18.36
N GLY F 236 32.06 -48.80 -19.67
CA GLY F 236 32.95 -47.79 -20.20
C GLY F 236 32.39 -46.37 -20.24
N ALA F 237 31.14 -46.20 -19.85
CA ALA F 237 30.53 -44.87 -19.87
C ALA F 237 31.28 -43.93 -18.93
N ALA F 238 31.30 -42.64 -19.26
CA ALA F 238 32.10 -41.70 -18.50
C ALA F 238 31.51 -41.48 -17.11
N GLN F 239 32.38 -41.50 -16.09
CA GLN F 239 31.96 -41.32 -14.69
C GLN F 239 31.11 -42.48 -14.16
N ARG F 240 31.06 -43.58 -14.91
CA ARG F 240 30.19 -44.70 -14.53
C ARG F 240 30.53 -45.26 -13.15
N ARG F 241 31.81 -45.48 -12.89
CA ARG F 241 32.25 -45.99 -11.60
C ARG F 241 31.93 -44.96 -10.50
N GLU F 242 32.24 -43.69 -10.76
CA GLU F 242 32.00 -42.63 -9.77
C GLU F 242 30.52 -42.50 -9.42
N LEU F 243 29.67 -42.54 -10.43
CA LEU F 243 28.21 -42.39 -10.24
C LEU F 243 27.58 -43.60 -9.55
N VAL F 244 28.00 -44.80 -9.95
CA VAL F 244 27.56 -46.02 -9.28
C VAL F 244 27.95 -45.97 -7.78
N ALA F 245 29.17 -45.53 -7.51
CA ALA F 245 29.62 -45.38 -6.11
C ALA F 245 28.83 -44.29 -5.40
N HIS F 246 28.58 -43.18 -6.07
CA HIS F 246 27.89 -42.06 -5.43
C HIS F 246 26.48 -42.45 -4.99
N TYR F 247 25.79 -43.21 -5.81
CA TYR F 247 24.41 -43.61 -5.50
C TYR F 247 24.33 -44.93 -4.73
N ALA F 248 25.48 -45.41 -4.27
CA ALA F 248 25.52 -46.63 -3.45
C ALA F 248 24.63 -46.67 -2.20
N PRO F 249 24.41 -45.52 -1.51
CA PRO F 249 23.56 -45.65 -0.31
C PRO F 249 22.13 -46.10 -0.59
N ALA F 251 21.35 -48.36 -3.03
CA ALA F 251 21.55 -49.81 -3.15
C ALA F 251 21.76 -50.47 -1.79
N ALA F 252 22.55 -49.83 -0.93
CA ALA F 252 22.91 -50.41 0.37
C ALA F 252 21.75 -50.35 1.35
N LEU F 253 20.96 -49.29 1.28
CA LEU F 253 19.76 -49.18 2.12
C LEU F 253 18.77 -50.27 1.74
N THR F 254 18.48 -50.38 0.45
CA THR F 254 17.56 -51.39 -0.06
C THR F 254 18.00 -52.80 0.36
N GLN F 255 19.29 -53.09 0.19
CA GLN F 255 19.84 -54.39 0.56
C GLN F 255 19.71 -54.65 2.05
N ARG F 256 19.88 -53.62 2.87
CA ARG F 256 19.81 -53.79 4.32
C ARG F 256 18.36 -53.89 4.82
N GLN F 257 17.49 -53.08 4.24
CA GLN F 257 16.09 -52.99 4.65
C GLN F 257 15.27 -54.15 4.09
N GLY F 258 15.77 -54.74 3.00
CA GLY F 258 15.07 -55.80 2.32
C GLY F 258 14.15 -55.30 1.22
N LEU F 259 13.73 -54.04 1.33
CA LEU F 259 12.85 -53.42 0.34
C LEU F 259 13.35 -52.00 0.05
N PRO F 260 13.01 -51.47 -1.14
CA PRO F 260 13.34 -50.08 -1.43
C PRO F 260 12.46 -49.19 -0.56
N PRO F 261 12.96 -48.03 -0.14
CA PRO F 261 12.14 -47.08 0.62
C PRO F 261 11.21 -46.34 -0.33
N GLU F 262 10.12 -45.80 0.17
CA GLU F 262 9.22 -45.06 -0.69
C GLU F 262 9.64 -43.60 -0.83
N HIS F 263 9.86 -42.94 0.30
CA HIS F 263 10.16 -41.52 0.31
C HIS F 263 11.55 -41.25 0.87
N LEU F 264 12.31 -40.43 0.16
CA LEU F 264 13.61 -40.04 0.64
C LEU F 264 13.75 -38.53 0.73
N ASP F 265 14.50 -38.07 1.72
CA ASP F 265 14.88 -36.67 1.82
C ASP F 265 16.33 -36.56 1.34
N ALA F 266 16.55 -35.81 0.26
CA ALA F 266 17.86 -35.80 -0.39
C ALA F 266 18.91 -35.01 0.40
N ARG F 267 18.44 -34.14 1.28
CA ARG F 267 19.33 -33.29 2.09
C ARG F 267 19.73 -33.94 3.41
N SER F 268 18.80 -34.71 4.00
CA SER F 268 19.05 -35.31 5.31
C SER F 268 19.39 -36.79 5.18
N GLY F 269 18.90 -37.40 4.11
CA GLY F 269 19.11 -38.82 3.89
C GLY F 269 18.10 -39.65 4.62
N GLU F 270 17.11 -39.00 5.21
CA GLU F 270 16.01 -39.69 5.88
C GLU F 270 15.10 -40.40 4.88
N ALA F 271 14.75 -41.64 5.19
CA ALA F 271 13.86 -42.41 4.34
C ALA F 271 12.69 -42.96 5.14
N ARG F 272 11.58 -43.25 4.45
CA ARG F 272 10.43 -43.88 5.10
C ARG F 272 9.63 -44.71 4.10
N GLY F 273 8.79 -45.58 4.63
CA GLY F 273 7.90 -46.38 3.81
C GLY F 273 8.59 -47.41 2.93
N HIS F 274 7.79 -48.20 2.23
CA HIS F 274 8.30 -49.20 1.32
C HIS F 274 7.81 -48.86 -0.08
N GLY F 275 8.73 -48.81 -1.03
CA GLY F 275 8.38 -48.50 -2.40
C GLY F 275 7.63 -49.66 -3.03
N PRO F 276 6.82 -49.37 -4.07
CA PRO F 276 6.06 -50.45 -4.71
C PRO F 276 6.94 -51.35 -5.56
N ALA F 277 6.34 -52.40 -6.12
CA ALA F 277 7.01 -53.34 -7.01
C ALA F 277 7.91 -52.66 -8.03
N GLY F 278 7.43 -51.57 -8.63
CA GLY F 278 8.20 -50.80 -9.59
C GLY F 278 9.56 -50.33 -9.10
N PHE F 279 9.63 -49.88 -7.85
CA PHE F 279 10.91 -49.43 -7.27
C PHE F 279 11.91 -50.58 -7.24
N SER F 280 11.43 -51.78 -6.93
CA SER F 280 12.31 -52.95 -6.86
C SER F 280 12.93 -53.21 -8.22
N ALA F 281 12.07 -53.21 -9.24
CA ALA F 281 12.53 -53.46 -10.60
C ALA F 281 13.49 -52.37 -11.05
N ALA F 282 13.17 -51.11 -10.72
CA ALA F 282 14.02 -49.99 -11.10
C ALA F 282 15.42 -50.07 -10.51
N LEU F 283 15.55 -50.80 -9.39
CA LEU F 283 16.84 -50.92 -8.68
C LEU F 283 17.69 -52.14 -9.06
N LEU F 284 17.14 -53.04 -9.88
CA LEU F 284 17.88 -54.22 -10.32
C LEU F 284 19.18 -53.88 -11.05
N PRO F 285 19.15 -52.91 -11.98
CA PRO F 285 20.44 -52.64 -12.63
C PRO F 285 21.51 -52.12 -11.65
N LEU F 286 21.13 -51.24 -10.73
CA LEU F 286 22.08 -50.65 -9.78
C LEU F 286 22.58 -51.68 -8.77
N LEU F 287 21.68 -52.54 -8.30
CA LEU F 287 22.04 -53.63 -7.40
C LEU F 287 23.00 -54.65 -8.05
N ALA F 288 22.90 -54.80 -9.36
CA ALA F 288 23.78 -55.72 -10.10
C ALA F 288 25.13 -55.09 -10.45
N ALA F 289 25.24 -53.77 -10.32
CA ALA F 289 26.44 -53.04 -10.74
C ALA F 289 27.67 -53.29 -9.86
N SER F 290 27.45 -53.76 -8.64
CA SER F 290 28.56 -54.01 -7.73
C SER F 290 28.43 -55.36 -7.03
N PRO F 291 29.57 -56.07 -6.88
CA PRO F 291 29.64 -57.34 -6.14
C PRO F 291 29.04 -57.26 -4.74
N GLU F 292 29.32 -56.18 -4.01
CA GLU F 292 28.85 -56.06 -2.63
C GLU F 292 27.34 -55.95 -2.46
N HIS F 293 26.62 -55.67 -3.55
CA HIS F 293 25.16 -55.58 -3.49
C HIS F 293 24.44 -56.80 -4.05
N VAL F 294 25.11 -57.94 -4.08
CA VAL F 294 24.53 -59.13 -4.69
C VAL F 294 23.36 -59.71 -3.88
N ALA F 295 23.43 -59.59 -2.56
CA ALA F 295 22.35 -60.07 -1.71
C ALA F 295 21.09 -59.26 -1.95
N GLY F 296 21.26 -57.95 -2.07
CA GLY F 296 20.16 -57.07 -2.41
C GLY F 296 19.53 -57.46 -3.73
N LEU F 297 20.36 -57.66 -4.75
CA LEU F 297 19.89 -58.06 -6.08
C LEU F 297 19.05 -59.32 -6.00
N ALA F 298 19.52 -60.31 -5.22
CA ALA F 298 18.79 -61.56 -5.07
C ALA F 298 17.44 -61.32 -4.39
N ALA F 299 17.45 -60.46 -3.37
CA ALA F 299 16.24 -60.18 -2.60
C ALA F 299 15.14 -59.52 -3.42
N GLN F 300 15.52 -58.58 -4.28
CA GLN F 300 14.53 -57.87 -5.06
C GLN F 300 13.98 -58.75 -6.17
N ARG F 301 14.84 -59.57 -6.76
CA ARG F 301 14.41 -60.56 -7.73
C ARG F 301 13.33 -61.46 -7.13
N GLN F 302 13.58 -61.94 -5.91
CA GLN F 302 12.61 -62.81 -5.23
C GLN F 302 11.31 -62.07 -4.94
N ARG F 303 11.40 -60.76 -4.68
CA ARG F 303 10.22 -59.97 -4.39
C ARG F 303 9.33 -59.81 -5.62
N LEU F 304 9.97 -59.62 -6.77
CA LEU F 304 9.22 -59.47 -8.01
C LEU F 304 8.66 -60.80 -8.46
N ARG F 305 9.43 -61.86 -8.17
CA ARG F 305 9.02 -63.22 -8.49
C ARG F 305 7.82 -63.62 -7.63
N GLU F 306 7.81 -63.19 -6.38
CA GLU F 306 6.78 -63.59 -5.42
C GLU F 306 5.51 -62.76 -5.52
N GLN F 307 5.68 -61.46 -5.74
CA GLN F 307 4.53 -60.57 -5.86
C GLN F 307 4.70 -59.73 -7.11
N PRO F 308 4.35 -60.30 -8.28
CA PRO F 308 4.55 -59.67 -9.58
C PRO F 308 3.76 -58.37 -9.74
N VAL F 309 4.24 -57.47 -10.61
CA VAL F 309 3.55 -56.21 -10.87
C VAL F 309 2.10 -56.48 -11.31
N GLU F 310 1.18 -55.70 -10.78
CA GLU F 310 -0.24 -55.95 -11.02
C GLU F 310 -0.68 -55.63 -12.44
N ALA F 311 -1.78 -56.27 -12.86
CA ALA F 311 -2.36 -56.02 -14.17
C ALA F 311 -2.86 -54.59 -14.26
N LYS F 312 -2.66 -53.96 -15.41
CA LYS F 312 -3.08 -52.59 -15.64
C LYS F 312 -2.52 -51.57 -14.61
N ALA F 313 -1.33 -51.87 -14.08
CA ALA F 313 -0.65 -50.94 -13.19
C ALA F 313 0.47 -50.26 -13.97
N TYR F 314 0.12 -49.16 -14.64
CA TYR F 314 1.00 -48.50 -15.61
C TYR F 314 2.41 -48.29 -15.07
N TYR F 315 2.49 -47.63 -13.92
CA TYR F 315 3.77 -47.14 -13.43
C TYR F 315 4.73 -48.29 -13.09
N SER F 316 4.24 -49.28 -12.34
CA SER F 316 5.08 -50.42 -12.01
C SER F 316 5.44 -51.25 -13.24
N GLN F 317 4.50 -51.36 -14.19
CA GLN F 317 4.79 -52.07 -15.43
C GLN F 317 5.92 -51.44 -16.27
N VAL F 318 5.89 -50.13 -16.45
CA VAL F 318 6.97 -49.50 -17.21
C VAL F 318 8.32 -49.61 -16.48
N LEU F 319 8.32 -49.39 -15.16
CA LEU F 319 9.57 -49.54 -14.41
C LEU F 319 10.13 -50.95 -14.51
N ALA F 320 9.24 -51.95 -14.46
CA ALA F 320 9.67 -53.35 -14.58
C ALA F 320 10.16 -53.69 -15.98
N LEU F 321 9.48 -53.19 -17.01
CA LEU F 321 9.96 -53.38 -18.38
C LEU F 321 11.39 -52.84 -18.55
N PHE F 322 11.64 -51.63 -18.02
CA PHE F 322 12.99 -51.08 -17.99
C PHE F 322 13.92 -51.97 -17.17
N GLY F 323 13.58 -52.12 -15.89
CA GLY F 323 14.45 -52.75 -14.92
C GLY F 323 14.60 -54.26 -15.04
N GLN F 324 13.51 -54.97 -15.28
CA GLN F 324 13.58 -56.41 -15.48
C GLN F 324 14.06 -56.78 -16.88
N GLY F 325 13.67 -55.97 -17.86
CA GLY F 325 14.17 -56.16 -19.22
C GLY F 325 15.69 -56.15 -19.24
N PHE F 326 16.27 -55.21 -18.50
CA PHE F 326 17.73 -55.08 -18.37
C PHE F 326 18.31 -56.25 -17.59
N ASP F 327 17.68 -56.59 -16.47
CA ASP F 327 18.13 -57.69 -15.63
C ASP F 327 18.12 -59.01 -16.40
N GLU F 328 17.14 -59.18 -17.28
CA GLU F 328 17.04 -60.40 -18.08
C GLU F 328 17.91 -60.28 -19.33
N ALA F 329 18.70 -59.20 -19.38
CA ALA F 329 19.67 -58.98 -20.45
C ALA F 329 19.02 -58.82 -21.83
N ARG F 330 17.83 -58.21 -21.88
CA ARG F 330 17.14 -58.06 -23.14
C ARG F 330 17.69 -56.86 -23.91
N TYR F 331 18.51 -56.07 -23.25
CA TYR F 331 19.19 -54.95 -23.88
C TYR F 331 20.30 -54.40 -23.00
N ARG F 332 21.24 -53.69 -23.61
CA ARG F 332 22.29 -52.97 -22.91
C ARG F 332 22.50 -51.63 -23.59
N PHE F 333 23.39 -50.80 -23.04
CA PHE F 333 23.83 -49.58 -23.70
C PHE F 333 25.33 -49.64 -23.91
N ASP F 334 25.86 -49.00 -24.95
CA ASP F 334 27.31 -48.96 -25.12
C ASP F 334 27.85 -47.75 -24.36
N PRO F 335 29.18 -47.57 -24.29
CA PRO F 335 29.64 -46.43 -23.49
C PRO F 335 29.14 -45.06 -23.95
N HIS F 336 28.72 -44.93 -25.20
CA HIS F 336 28.25 -43.65 -25.69
C HIS F 336 26.73 -43.60 -25.86
N GLY F 337 26.04 -44.48 -25.15
CA GLY F 337 24.60 -44.43 -25.04
C GLY F 337 23.83 -45.23 -26.07
N ARG F 338 24.53 -45.84 -27.01
CA ARG F 338 23.84 -46.56 -28.09
C ARG F 338 23.14 -47.79 -27.54
N LEU F 339 21.89 -48.01 -27.97
CA LEU F 339 21.14 -49.18 -27.56
C LEU F 339 21.76 -50.42 -28.18
N LEU F 340 21.99 -51.45 -27.35
CA LEU F 340 22.43 -52.76 -27.83
C LEU F 340 21.38 -53.81 -27.48
N PRO F 341 20.37 -54.00 -28.34
CA PRO F 341 19.31 -54.96 -28.09
C PRO F 341 19.77 -56.40 -28.32
N ALA F 342 19.24 -57.35 -27.54
CA ALA F 342 19.67 -58.75 -27.64
C ALA F 342 19.41 -59.35 -29.02
N TRP F 343 18.41 -58.83 -29.72
CA TRP F 343 18.07 -59.35 -31.05
C TRP F 343 19.05 -58.84 -32.12
N SER F 344 19.93 -57.92 -31.73
CA SER F 344 20.88 -57.32 -32.65
C SER F 344 22.32 -57.74 -32.36
#